data_2RU1
#
_entry.id   2RU1
#
_entity_poly.entity_id   1
_entity_poly.type   'polypeptide(L)'
_entity_poly.pdbx_seq_one_letter_code
;GPEKMEVKEIGRSSKIILPACMHETCSGGFSLKNDCWCCLRLKTKQARCWKEKEFPNAKELCFANCPPLE
;
_entity_poly.pdbx_strand_id   A
#
# COMPACT_ATOMS: atom_id res chain seq x y z
N GLY A 1 -24.58 26.56 7.55
CA GLY A 1 -24.42 25.13 7.34
C GLY A 1 -23.33 24.54 8.22
N PRO A 2 -23.04 23.25 8.01
CA PRO A 2 -22.01 22.53 8.78
C PRO A 2 -20.61 23.01 8.45
N GLU A 3 -19.60 22.27 8.93
CA GLU A 3 -18.22 22.63 8.67
C GLU A 3 -17.67 21.86 7.46
N LYS A 4 -18.57 21.43 6.59
CA LYS A 4 -18.19 20.70 5.39
C LYS A 4 -17.43 19.42 5.76
N MET A 5 -18.17 18.34 5.96
CA MET A 5 -17.57 17.07 6.32
C MET A 5 -17.63 16.10 5.14
N GLU A 6 -17.51 16.63 3.93
CA GLU A 6 -17.55 15.81 2.73
C GLU A 6 -16.50 16.26 1.72
N VAL A 7 -15.23 16.09 2.08
CA VAL A 7 -14.13 16.48 1.22
C VAL A 7 -14.22 15.77 -0.13
N LYS A 8 -13.32 16.14 -1.04
CA LYS A 8 -13.29 15.55 -2.37
C LYS A 8 -11.86 15.36 -2.85
N GLU A 9 -11.06 16.41 -2.75
CA GLU A 9 -9.66 16.35 -3.18
C GLU A 9 -9.56 16.02 -4.66
N ILE A 10 -8.34 15.74 -5.11
CA ILE A 10 -8.11 15.40 -6.51
C ILE A 10 -8.03 13.89 -6.70
N GLY A 11 -9.13 13.21 -6.40
CA GLY A 11 -9.17 11.77 -6.56
C GLY A 11 -9.66 11.33 -7.92
N ARG A 12 -8.74 11.22 -8.87
CA ARG A 12 -9.09 10.82 -10.23
C ARG A 12 -8.30 9.60 -10.66
N SER A 13 -8.47 8.50 -9.94
CA SER A 13 -7.77 7.26 -10.24
C SER A 13 -8.44 6.07 -9.56
N SER A 14 -7.89 4.88 -9.78
CA SER A 14 -8.43 3.66 -9.19
C SER A 14 -7.59 3.21 -8.00
N LYS A 15 -7.07 4.19 -7.25
CA LYS A 15 -6.25 3.89 -6.09
C LYS A 15 -7.08 3.25 -4.98
N ILE A 16 -6.47 2.33 -4.24
CA ILE A 16 -7.15 1.65 -3.15
C ILE A 16 -6.17 0.84 -2.31
N ILE A 17 -6.65 0.37 -1.16
CA ILE A 17 -5.81 -0.42 -0.26
C ILE A 17 -6.33 -1.85 -0.12
N LEU A 18 -5.50 -2.73 0.40
CA LEU A 18 -5.88 -4.13 0.58
C LEU A 18 -5.61 -4.59 2.01
N PRO A 19 -6.69 -4.76 2.79
CA PRO A 19 -6.60 -5.20 4.18
C PRO A 19 -6.16 -6.65 4.31
N ALA A 20 -5.44 -6.96 5.39
CA ALA A 20 -4.95 -8.30 5.63
C ALA A 20 -4.17 -8.38 6.94
N CYS A 21 -2.94 -7.88 6.92
CA CYS A 21 -2.09 -7.90 8.11
C CYS A 21 -1.42 -6.54 8.31
N MET A 22 -1.00 -5.92 7.21
CA MET A 22 -0.35 -4.61 7.27
C MET A 22 -1.12 -3.59 6.44
N HIS A 23 -0.49 -2.44 6.22
CA HIS A 23 -1.11 -1.37 5.44
C HIS A 23 -0.48 -1.27 4.06
N GLU A 24 -1.24 -1.67 3.03
CA GLU A 24 -0.75 -1.62 1.66
C GLU A 24 -1.67 -0.78 0.78
N THR A 25 -1.17 -0.41 -0.39
CA THR A 25 -1.95 0.40 -1.33
C THR A 25 -1.48 0.20 -2.76
N CYS A 26 -2.32 0.56 -3.72
CA CYS A 26 -1.98 0.42 -5.13
C CYS A 26 -2.79 1.40 -5.99
N SER A 27 -2.17 1.89 -7.05
CA SER A 27 -2.84 2.84 -7.95
C SER A 27 -2.08 2.93 -9.28
N GLY A 28 -2.75 2.52 -10.36
CA GLY A 28 -2.14 2.58 -11.67
C GLY A 28 -3.06 3.16 -12.72
N GLY A 29 -2.64 4.26 -13.33
CA GLY A 29 -3.44 4.90 -14.35
C GLY A 29 -3.17 6.39 -14.46
N PHE A 30 -2.84 7.02 -13.34
CA PHE A 30 -2.55 8.44 -13.31
C PHE A 30 -1.75 8.82 -12.06
N SER A 31 -2.12 8.22 -10.94
CA SER A 31 -1.45 8.49 -9.67
C SER A 31 -0.13 7.73 -9.58
N LEU A 32 -0.15 6.48 -10.03
CA LEU A 32 1.04 5.63 -10.00
C LEU A 32 1.67 5.62 -8.61
N LYS A 33 1.14 4.76 -7.74
CA LYS A 33 1.65 4.66 -6.37
C LYS A 33 1.16 3.36 -5.72
N ASN A 34 1.82 2.98 -4.62
CA ASN A 34 1.46 1.77 -3.90
C ASN A 34 2.17 1.70 -2.56
N ASP A 35 1.47 1.22 -1.54
CA ASP A 35 2.03 1.10 -0.20
C ASP A 35 2.49 -0.33 0.07
N CYS A 36 3.71 -0.47 0.58
CA CYS A 36 4.25 -1.79 0.89
C CYS A 36 3.25 -2.63 1.67
N TRP A 37 3.49 -3.94 1.71
CA TRP A 37 2.61 -4.86 2.42
C TRP A 37 3.31 -5.46 3.63
N CYS A 38 2.70 -6.49 4.21
CA CYS A 38 3.26 -7.16 5.37
C CYS A 38 4.76 -7.43 5.17
N CYS A 39 5.55 -7.11 6.19
CA CYS A 39 6.99 -7.32 6.12
C CYS A 39 7.33 -8.80 6.21
N LEU A 40 8.62 -9.10 6.41
CA LEU A 40 9.07 -10.48 6.51
C LEU A 40 8.22 -11.27 7.51
N ARG A 41 8.38 -10.95 8.79
CA ARG A 41 7.63 -11.62 9.84
C ARG A 41 7.75 -10.88 11.16
N LEU A 42 6.78 -11.07 12.04
CA LEU A 42 6.78 -10.42 13.35
C LEU A 42 5.93 -11.20 14.35
N LYS A 43 6.03 -10.82 15.62
CA LYS A 43 5.26 -11.48 16.67
C LYS A 43 4.21 -10.54 17.25
N THR A 44 4.64 -9.32 17.60
CA THR A 44 3.73 -8.33 18.15
C THR A 44 3.44 -7.22 17.15
N LYS A 45 4.43 -6.90 16.33
CA LYS A 45 4.29 -5.86 15.33
C LYS A 45 5.60 -5.63 14.58
N GLN A 46 6.72 -5.84 15.28
CA GLN A 46 8.03 -5.66 14.68
C GLN A 46 8.98 -6.78 15.11
N ALA A 47 9.88 -7.16 14.22
CA ALA A 47 10.85 -8.21 14.50
C ALA A 47 11.77 -8.45 13.30
N ARG A 48 11.23 -9.06 12.25
CA ARG A 48 12.00 -9.34 11.05
C ARG A 48 11.38 -8.68 9.83
N CYS A 49 12.16 -7.82 9.17
CA CYS A 49 11.67 -7.12 7.99
C CYS A 49 12.51 -7.49 6.76
N TRP A 50 12.15 -6.92 5.62
CA TRP A 50 12.87 -7.19 4.38
C TRP A 50 13.71 -5.99 3.96
N LYS A 51 15.00 -6.21 3.83
CA LYS A 51 15.92 -5.15 3.43
C LYS A 51 15.97 -5.01 1.91
N GLU A 52 15.19 -4.07 1.39
CA GLU A 52 15.14 -3.83 -0.05
C GLU A 52 16.50 -3.37 -0.57
N LYS A 53 17.36 -2.95 0.35
CA LYS A 53 18.70 -2.49 -0.02
C LYS A 53 19.61 -3.65 -0.40
N GLU A 54 19.38 -4.80 0.23
CA GLU A 54 20.18 -5.99 -0.05
C GLU A 54 19.40 -6.96 -0.92
N PHE A 55 18.11 -7.13 -0.62
CA PHE A 55 17.26 -8.03 -1.38
C PHE A 55 16.25 -7.26 -2.23
N PRO A 56 16.44 -7.33 -3.56
CA PRO A 56 15.56 -6.63 -4.51
C PRO A 56 14.17 -7.25 -4.56
N ASN A 57 14.05 -8.49 -4.09
CA ASN A 57 12.77 -9.19 -4.10
C ASN A 57 11.70 -8.37 -3.37
N ALA A 58 12.07 -7.83 -2.21
CA ALA A 58 11.15 -7.02 -1.42
C ALA A 58 10.66 -5.81 -2.21
N LYS A 59 11.57 -5.19 -2.95
CA LYS A 59 11.24 -4.02 -3.76
C LYS A 59 10.20 -4.38 -4.83
N GLU A 60 10.49 -5.41 -5.60
CA GLU A 60 9.59 -5.84 -6.66
C GLU A 60 8.21 -6.18 -6.10
N LEU A 61 8.19 -6.87 -4.96
CA LEU A 61 6.94 -7.24 -4.32
C LEU A 61 6.18 -6.01 -3.81
N CYS A 62 6.94 -5.02 -3.34
CA CYS A 62 6.35 -3.78 -2.84
C CYS A 62 5.62 -3.03 -3.95
N PHE A 63 6.29 -2.89 -5.09
CA PHE A 63 5.71 -2.19 -6.24
C PHE A 63 4.63 -3.05 -6.91
N ALA A 64 4.77 -4.36 -6.79
CA ALA A 64 3.81 -5.29 -7.39
C ALA A 64 2.58 -5.44 -6.50
N ASN A 65 2.74 -5.16 -5.21
CA ASN A 65 1.64 -5.27 -4.27
C ASN A 65 0.40 -4.53 -4.78
N CYS A 66 -0.70 -5.26 -4.89
CA CYS A 66 -1.95 -4.68 -5.37
C CYS A 66 -3.15 -5.40 -4.76
N PRO A 67 -4.32 -4.74 -4.81
CA PRO A 67 -5.56 -5.29 -4.27
C PRO A 67 -6.07 -6.47 -5.08
N PRO A 68 -7.07 -7.19 -4.52
CA PRO A 68 -7.67 -8.35 -5.19
C PRO A 68 -8.50 -7.96 -6.41
N LEU A 69 -8.74 -8.93 -7.29
CA LEU A 69 -9.51 -8.69 -8.49
C LEU A 69 -10.69 -9.66 -8.59
N GLU A 70 -11.31 -9.93 -7.45
CA GLU A 70 -12.46 -10.83 -7.40
C GLU A 70 -13.69 -10.13 -6.84
N GLY A 1 -27.82 32.72 5.53
CA GLY A 1 -26.77 31.75 5.30
C GLY A 1 -26.91 30.51 6.17
N PRO A 2 -27.91 29.68 5.86
CA PRO A 2 -28.19 28.45 6.61
C PRO A 2 -27.11 27.39 6.39
N GLU A 3 -27.31 26.22 6.98
CA GLU A 3 -26.36 25.12 6.84
C GLU A 3 -26.42 24.51 5.45
N LYS A 4 -25.40 24.81 4.64
CA LYS A 4 -25.34 24.29 3.28
C LYS A 4 -24.18 23.30 3.12
N MET A 5 -23.99 22.81 1.91
CA MET A 5 -22.92 21.86 1.63
C MET A 5 -22.65 21.76 0.13
N GLU A 6 -21.42 22.06 -0.27
CA GLU A 6 -21.04 22.01 -1.67
C GLU A 6 -19.52 22.12 -1.83
N VAL A 7 -18.96 21.27 -2.67
CA VAL A 7 -17.53 21.28 -2.92
C VAL A 7 -17.14 20.27 -4.00
N LYS A 8 -16.30 20.69 -4.93
CA LYS A 8 -15.86 19.84 -6.03
C LYS A 8 -14.35 19.67 -6.00
N GLU A 9 -13.90 18.48 -5.62
CA GLU A 9 -12.46 18.19 -5.57
C GLU A 9 -12.05 17.29 -6.72
N ILE A 10 -10.81 16.78 -6.66
CA ILE A 10 -10.29 15.91 -7.69
C ILE A 10 -10.01 14.51 -7.15
N GLY A 11 -11.04 13.90 -6.55
CA GLY A 11 -10.87 12.56 -6.00
C GLY A 11 -11.11 11.48 -7.04
N ARG A 12 -10.11 11.26 -7.88
CA ARG A 12 -10.21 10.25 -8.92
C ARG A 12 -8.99 9.32 -8.91
N SER A 13 -8.82 8.60 -7.80
CA SER A 13 -7.69 7.69 -7.65
C SER A 13 -8.17 6.31 -7.22
N SER A 14 -7.48 5.27 -7.70
CA SER A 14 -7.83 3.90 -7.36
C SER A 14 -6.94 3.37 -6.24
N LYS A 15 -6.50 4.27 -5.36
CA LYS A 15 -5.64 3.90 -4.25
C LYS A 15 -6.39 3.03 -3.24
N ILE A 16 -5.69 2.08 -2.64
CA ILE A 16 -6.29 1.20 -1.66
C ILE A 16 -5.23 0.37 -0.94
N ILE A 17 -5.63 -0.29 0.15
CA ILE A 17 -4.72 -1.10 0.93
C ILE A 17 -5.11 -2.58 0.88
N LEU A 18 -4.22 -3.45 1.32
CA LEU A 18 -4.47 -4.88 1.32
C LEU A 18 -4.30 -5.46 2.72
N PRO A 19 -5.42 -5.79 3.38
CA PRO A 19 -5.41 -6.36 4.72
C PRO A 19 -4.85 -7.78 4.76
N ALA A 20 -4.15 -8.11 5.83
CA ALA A 20 -3.56 -9.44 5.98
C ALA A 20 -2.81 -9.57 7.30
N CYS A 21 -1.62 -8.98 7.36
CA CYS A 21 -0.81 -9.03 8.57
C CYS A 21 -0.08 -7.71 8.79
N MET A 22 0.46 -7.16 7.71
CA MET A 22 1.18 -5.90 7.78
C MET A 22 0.38 -4.77 7.15
N HIS A 23 1.02 -3.62 6.96
CA HIS A 23 0.36 -2.46 6.37
C HIS A 23 0.91 -2.18 4.98
N GLU A 24 0.10 -2.44 3.95
CA GLU A 24 0.50 -2.21 2.58
C GLU A 24 -0.50 -1.31 1.85
N THR A 25 -0.08 -0.77 0.71
CA THR A 25 -0.94 0.11 -0.08
C THR A 25 -0.49 0.14 -1.54
N CYS A 26 -1.38 0.61 -2.41
CA CYS A 26 -1.10 0.70 -3.83
C CYS A 26 -1.96 1.76 -4.49
N SER A 27 -1.38 2.45 -5.48
CA SER A 27 -2.09 3.49 -6.20
C SER A 27 -1.33 3.91 -7.46
N GLY A 28 -2.03 3.93 -8.59
CA GLY A 28 -1.41 4.30 -9.85
C GLY A 28 -2.36 5.02 -10.77
N GLY A 29 -2.07 6.29 -11.04
CA GLY A 29 -2.93 7.08 -11.92
C GLY A 29 -3.45 8.33 -11.25
N PHE A 30 -2.64 8.91 -10.37
CA PHE A 30 -3.04 10.12 -9.66
C PHE A 30 -1.91 10.61 -8.75
N SER A 31 -1.54 9.78 -7.78
CA SER A 31 -0.47 10.11 -6.84
C SER A 31 0.70 9.17 -6.99
N LEU A 32 0.44 7.97 -7.49
CA LEU A 32 1.48 6.97 -7.69
C LEU A 32 2.20 6.68 -6.38
N LYS A 33 1.72 5.68 -5.65
CA LYS A 33 2.32 5.29 -4.37
C LYS A 33 1.95 3.87 -4.00
N ASN A 34 2.68 3.30 -3.05
CA ASN A 34 2.41 1.93 -2.59
C ASN A 34 3.21 1.61 -1.33
N ASP A 35 2.57 0.93 -0.39
CA ASP A 35 3.23 0.56 0.86
C ASP A 35 3.60 -0.91 0.87
N CYS A 36 4.83 -1.21 1.24
CA CYS A 36 5.32 -2.58 1.29
C CYS A 36 4.35 -3.47 2.06
N TRP A 37 4.55 -4.78 1.96
CA TRP A 37 3.69 -5.74 2.64
C TRP A 37 4.47 -6.48 3.74
N CYS A 38 3.86 -7.53 4.27
CA CYS A 38 4.49 -8.32 5.33
C CYS A 38 5.93 -8.64 4.96
N CYS A 39 6.82 -8.54 5.95
CA CYS A 39 8.24 -8.82 5.75
C CYS A 39 8.49 -10.33 5.71
N LEU A 40 9.76 -10.71 5.76
CA LEU A 40 10.15 -12.11 5.74
C LEU A 40 9.36 -12.90 6.79
N ARG A 41 9.62 -12.60 8.05
CA ARG A 41 8.93 -13.29 9.14
C ARG A 41 9.17 -12.57 10.47
N LEU A 42 8.28 -12.80 11.43
CA LEU A 42 8.40 -12.18 12.74
C LEU A 42 7.61 -12.96 13.79
N LYS A 43 8.05 -12.86 15.04
CA LYS A 43 7.39 -13.56 16.14
C LYS A 43 6.21 -12.75 16.66
N THR A 44 6.49 -11.57 17.19
CA THR A 44 5.45 -10.70 17.72
C THR A 44 5.17 -9.53 16.79
N LYS A 45 6.21 -9.06 16.11
CA LYS A 45 6.07 -7.94 15.18
C LYS A 45 7.40 -7.65 14.48
N GLN A 46 8.50 -7.90 15.18
CA GLN A 46 9.83 -7.67 14.64
C GLN A 46 10.73 -8.87 14.87
N ALA A 47 11.56 -9.18 13.88
CA ALA A 47 12.48 -10.30 13.98
C ALA A 47 13.33 -10.44 12.71
N ARG A 48 12.70 -10.90 11.64
CA ARG A 48 13.39 -11.08 10.37
C ARG A 48 12.73 -10.27 9.26
N CYS A 49 13.53 -9.76 8.33
CA CYS A 49 13.02 -8.97 7.23
C CYS A 49 13.72 -9.32 5.92
N TRP A 50 13.34 -8.65 4.84
CA TRP A 50 13.93 -8.91 3.54
C TRP A 50 14.85 -7.75 3.13
N LYS A 51 16.11 -8.07 2.89
CA LYS A 51 17.09 -7.07 2.48
C LYS A 51 17.02 -6.81 0.98
N GLU A 52 16.26 -5.79 0.59
CA GLU A 52 16.12 -5.43 -0.81
C GLU A 52 17.46 -5.01 -1.42
N LYS A 53 18.42 -4.73 -0.55
CA LYS A 53 19.76 -4.32 -0.99
C LYS A 53 20.53 -5.51 -1.54
N GLU A 54 20.28 -6.69 -0.97
CA GLU A 54 20.96 -7.91 -1.40
C GLU A 54 20.05 -8.76 -2.28
N PHE A 55 18.78 -8.85 -1.89
CA PHE A 55 17.81 -9.64 -2.64
C PHE A 55 16.81 -8.73 -3.34
N PRO A 56 16.87 -8.71 -4.69
CA PRO A 56 15.98 -7.89 -5.51
C PRO A 56 14.55 -8.39 -5.49
N ASN A 57 14.38 -9.66 -5.10
CA ASN A 57 13.05 -10.27 -5.05
C ASN A 57 12.11 -9.45 -4.17
N ALA A 58 12.61 -9.01 -3.02
CA ALA A 58 11.82 -8.21 -2.10
C ALA A 58 11.34 -6.92 -2.75
N LYS A 59 12.22 -6.28 -3.51
CA LYS A 59 11.89 -5.04 -4.20
C LYS A 59 10.79 -5.27 -5.23
N GLU A 60 10.92 -6.34 -6.01
CA GLU A 60 9.94 -6.67 -7.03
C GLU A 60 8.57 -6.93 -6.40
N LEU A 61 8.57 -7.64 -5.29
CA LEU A 61 7.33 -7.96 -4.58
C LEU A 61 6.72 -6.71 -3.94
N CYS A 62 7.59 -5.83 -3.46
CA CYS A 62 7.15 -4.59 -2.82
C CYS A 62 6.45 -3.68 -3.82
N PHE A 63 7.05 -3.56 -5.01
CA PHE A 63 6.49 -2.70 -6.06
C PHE A 63 5.25 -3.35 -6.68
N ALA A 64 5.30 -4.68 -6.85
CA ALA A 64 4.19 -5.41 -7.42
C ALA A 64 3.04 -5.53 -6.42
N ASN A 65 3.37 -5.44 -5.13
CA ASN A 65 2.37 -5.55 -4.08
C ASN A 65 1.19 -4.61 -4.34
N CYS A 66 -0.02 -5.15 -4.27
CA CYS A 66 -1.22 -4.36 -4.49
C CYS A 66 -2.46 -5.08 -3.94
N PRO A 67 -3.48 -4.29 -3.59
CA PRO A 67 -4.74 -4.82 -3.05
C PRO A 67 -5.54 -5.60 -4.08
N PRO A 68 -6.59 -6.29 -3.62
CA PRO A 68 -7.46 -7.09 -4.50
C PRO A 68 -8.31 -6.21 -5.43
N LEU A 69 -9.18 -6.85 -6.20
CA LEU A 69 -10.04 -6.14 -7.13
C LEU A 69 -11.47 -6.69 -7.07
N GLU A 70 -11.84 -7.24 -5.92
CA GLU A 70 -13.17 -7.81 -5.74
C GLU A 70 -14.21 -6.70 -5.62
N GLY A 1 -25.73 24.82 7.94
CA GLY A 1 -24.66 25.54 7.30
C GLY A 1 -23.72 24.64 6.53
N PRO A 2 -22.72 25.24 5.87
CA PRO A 2 -21.73 24.49 5.08
C PRO A 2 -20.79 23.67 5.96
N GLU A 3 -19.79 23.07 5.33
CA GLU A 3 -18.81 22.26 6.05
C GLU A 3 -19.50 21.07 6.72
N LYS A 4 -20.61 20.63 6.15
CA LYS A 4 -21.36 19.50 6.69
C LYS A 4 -21.57 18.44 5.64
N MET A 5 -20.53 18.17 4.85
CA MET A 5 -20.60 17.16 3.80
C MET A 5 -19.21 16.62 3.48
N GLU A 6 -19.09 15.29 3.47
CA GLU A 6 -17.81 14.64 3.17
C GLU A 6 -17.45 14.81 1.70
N VAL A 7 -16.47 15.67 1.43
CA VAL A 7 -16.03 15.90 0.07
C VAL A 7 -14.54 16.24 0.03
N LYS A 8 -13.84 15.69 -0.95
CA LYS A 8 -12.41 15.93 -1.11
C LYS A 8 -12.07 16.30 -2.55
N GLU A 9 -10.78 16.35 -2.87
CA GLU A 9 -10.33 16.68 -4.21
C GLU A 9 -9.28 15.70 -4.70
N ILE A 10 -8.80 15.92 -5.92
CA ILE A 10 -7.78 15.03 -6.51
C ILE A 10 -8.29 13.60 -6.59
N GLY A 11 -9.37 13.40 -7.33
CA GLY A 11 -9.93 12.06 -7.47
C GLY A 11 -9.78 11.53 -8.88
N ARG A 12 -8.66 11.84 -9.52
CA ARG A 12 -8.40 11.39 -10.88
C ARG A 12 -7.41 10.22 -10.88
N SER A 13 -7.67 9.23 -10.04
CA SER A 13 -6.79 8.06 -9.94
C SER A 13 -7.54 6.87 -9.35
N SER A 14 -7.06 5.67 -9.65
CA SER A 14 -7.69 4.45 -9.14
C SER A 14 -6.91 3.91 -7.94
N LYS A 15 -6.40 4.81 -7.12
CA LYS A 15 -5.63 4.42 -5.93
C LYS A 15 -6.55 3.77 -4.89
N ILE A 16 -6.01 2.77 -4.20
CA ILE A 16 -6.78 2.07 -3.18
C ILE A 16 -5.88 1.16 -2.34
N ILE A 17 -6.43 0.63 -1.26
CA ILE A 17 -5.68 -0.26 -0.38
C ILE A 17 -6.24 -1.67 -0.41
N LEU A 18 -5.46 -2.62 0.09
CA LEU A 18 -5.88 -4.02 0.11
C LEU A 18 -5.56 -4.66 1.47
N PRO A 19 -6.59 -4.91 2.28
CA PRO A 19 -6.43 -5.52 3.60
C PRO A 19 -6.03 -6.99 3.51
N ALA A 20 -5.27 -7.44 4.51
CA ALA A 20 -4.82 -8.84 4.55
C ALA A 20 -4.02 -9.11 5.81
N CYS A 21 -2.76 -8.67 5.81
CA CYS A 21 -1.87 -8.88 6.96
C CYS A 21 -1.37 -7.54 7.49
N MET A 22 -1.31 -6.54 6.62
CA MET A 22 -0.84 -5.22 7.00
C MET A 22 -1.52 -4.13 6.17
N HIS A 23 -1.02 -2.91 6.28
CA HIS A 23 -1.58 -1.79 5.54
C HIS A 23 -0.80 -1.54 4.24
N GLU A 24 -1.43 -1.86 3.11
CA GLU A 24 -0.79 -1.68 1.82
C GLU A 24 -1.64 -0.79 0.91
N THR A 25 -1.05 -0.30 -0.16
CA THR A 25 -1.74 0.57 -1.11
C THR A 25 -1.20 0.40 -2.51
N CYS A 26 -1.97 0.85 -3.50
CA CYS A 26 -1.56 0.76 -4.90
C CYS A 26 -2.25 1.83 -5.75
N SER A 27 -1.54 2.32 -6.75
CA SER A 27 -2.09 3.35 -7.63
C SER A 27 -1.23 3.51 -8.88
N GLY A 28 -1.83 3.29 -10.04
CA GLY A 28 -1.11 3.40 -11.28
C GLY A 28 -1.93 4.06 -12.38
N GLY A 29 -1.88 5.39 -12.44
CA GLY A 29 -2.64 6.11 -13.45
C GLY A 29 -2.39 7.60 -13.40
N PHE A 30 -2.17 8.13 -12.19
CA PHE A 30 -1.93 9.54 -12.02
C PHE A 30 -1.14 9.80 -10.73
N SER A 31 -1.51 9.09 -9.66
CA SER A 31 -0.84 9.24 -8.38
C SER A 31 0.48 8.49 -8.36
N LEU A 32 0.50 7.32 -8.98
CA LEU A 32 1.70 6.49 -9.03
C LEU A 32 2.28 6.29 -7.64
N LYS A 33 1.82 5.25 -6.96
CA LYS A 33 2.31 4.93 -5.62
C LYS A 33 1.77 3.59 -5.14
N ASN A 34 2.37 3.06 -4.08
CA ASN A 34 1.95 1.77 -3.53
C ASN A 34 2.63 1.51 -2.19
N ASP A 35 1.84 1.06 -1.21
CA ASP A 35 2.37 0.77 0.12
C ASP A 35 2.62 -0.72 0.29
N CYS A 36 3.87 -1.08 0.57
CA CYS A 36 4.25 -2.48 0.75
C CYS A 36 3.37 -3.14 1.81
N TRP A 37 3.59 -4.44 2.02
CA TRP A 37 2.82 -5.19 3.01
C TRP A 37 3.72 -5.65 4.15
N CYS A 38 3.12 -6.37 5.10
CA CYS A 38 3.87 -6.88 6.24
C CYS A 38 5.12 -7.62 5.80
N CYS A 39 6.28 -6.96 5.93
CA CYS A 39 7.55 -7.56 5.54
C CYS A 39 8.12 -8.42 6.66
N LEU A 40 8.62 -9.60 6.28
CA LEU A 40 9.19 -10.53 7.26
C LEU A 40 8.19 -10.82 8.38
N ARG A 41 8.64 -11.58 9.37
CA ARG A 41 7.79 -11.93 10.50
C ARG A 41 8.09 -11.04 11.70
N LEU A 42 7.05 -10.75 12.48
CA LEU A 42 7.19 -9.90 13.66
C LEU A 42 6.46 -10.50 14.86
N LYS A 43 6.47 -9.78 15.97
CA LYS A 43 5.79 -10.23 17.18
C LYS A 43 5.13 -9.07 17.91
N THR A 44 5.85 -7.95 18.02
CA THR A 44 5.34 -6.77 18.69
C THR A 44 5.03 -5.66 17.69
N LYS A 45 4.42 -6.02 16.57
CA LYS A 45 4.08 -5.06 15.53
C LYS A 45 5.33 -4.63 14.77
N GLN A 46 6.48 -5.16 15.16
CA GLN A 46 7.74 -4.83 14.51
C GLN A 46 8.86 -5.74 14.99
N ALA A 47 9.83 -5.99 14.12
CA ALA A 47 10.96 -6.85 14.47
C ALA A 47 11.93 -6.97 13.29
N ARG A 48 11.56 -7.78 12.30
CA ARG A 48 12.40 -7.98 11.13
C ARG A 48 11.65 -7.60 9.86
N CYS A 49 12.39 -7.07 8.89
CA CYS A 49 11.81 -6.66 7.62
C CYS A 49 12.54 -7.29 6.44
N TRP A 50 12.10 -6.97 5.23
CA TRP A 50 12.73 -7.50 4.02
C TRP A 50 13.72 -6.51 3.43
N LYS A 51 14.97 -6.92 3.31
CA LYS A 51 16.02 -6.08 2.76
C LYS A 51 15.96 -6.07 1.24
N GLU A 52 15.26 -5.09 0.67
CA GLU A 52 15.13 -4.98 -0.77
C GLU A 52 16.49 -4.72 -1.41
N LYS A 53 17.47 -4.33 -0.59
CA LYS A 53 18.81 -4.04 -1.07
C LYS A 53 19.55 -5.33 -1.40
N GLU A 54 19.25 -6.39 -0.64
CA GLU A 54 19.90 -7.68 -0.86
C GLU A 54 18.96 -8.64 -1.60
N PHE A 55 17.69 -8.62 -1.21
CA PHE A 55 16.70 -9.50 -1.83
C PHE A 55 15.73 -8.68 -2.70
N PRO A 56 15.82 -8.89 -4.03
CA PRO A 56 14.96 -8.19 -4.99
C PRO A 56 13.51 -8.64 -4.91
N ASN A 57 13.29 -9.80 -4.31
CA ASN A 57 11.95 -10.36 -4.16
C ASN A 57 11.02 -9.35 -3.48
N ALA A 58 11.51 -8.72 -2.42
CA ALA A 58 10.73 -7.74 -1.69
C ALA A 58 10.28 -6.60 -2.60
N LYS A 59 11.19 -6.13 -3.44
CA LYS A 59 10.89 -5.04 -4.37
C LYS A 59 9.81 -5.45 -5.36
N GLU A 60 9.95 -6.66 -5.90
CA GLU A 60 8.97 -7.17 -6.87
C GLU A 60 7.58 -7.25 -6.25
N LEU A 61 7.52 -7.73 -5.00
CA LEU A 61 6.25 -7.86 -4.30
C LEU A 61 5.67 -6.48 -3.97
N CYS A 62 6.53 -5.53 -3.66
CA CYS A 62 6.11 -4.18 -3.33
C CYS A 62 5.50 -3.49 -4.54
N PHE A 63 6.10 -3.70 -5.70
CA PHE A 63 5.62 -3.10 -6.94
C PHE A 63 4.34 -3.79 -7.42
N ALA A 64 4.31 -5.11 -7.29
CA ALA A 64 3.16 -5.90 -7.70
C ALA A 64 2.02 -5.76 -6.70
N ASN A 65 2.35 -5.38 -5.47
CA ASN A 65 1.35 -5.22 -4.42
C ASN A 65 0.20 -4.34 -4.90
N CYS A 66 -0.93 -4.97 -5.21
CA CYS A 66 -2.10 -4.25 -5.67
C CYS A 66 -3.38 -4.91 -5.19
N PRO A 67 -4.49 -4.16 -5.21
CA PRO A 67 -5.79 -4.66 -4.77
C PRO A 67 -6.37 -5.70 -5.73
N PRO A 68 -7.43 -6.39 -5.29
CA PRO A 68 -8.09 -7.42 -6.10
C PRO A 68 -8.85 -6.83 -7.29
N LEU A 69 -9.52 -7.69 -8.04
CA LEU A 69 -10.29 -7.26 -9.20
C LEU A 69 -11.71 -7.81 -9.17
N GLU A 70 -12.20 -8.05 -7.96
CA GLU A 70 -13.56 -8.59 -7.79
C GLU A 70 -14.58 -7.46 -7.67
N GLY A 1 -23.76 31.10 -0.28
CA GLY A 1 -24.08 29.95 0.56
C GLY A 1 -24.08 30.30 2.04
N PRO A 2 -25.12 31.02 2.48
CA PRO A 2 -25.27 31.44 3.87
C PRO A 2 -25.57 30.26 4.80
N GLU A 3 -26.42 29.35 4.33
CA GLU A 3 -26.79 28.18 5.11
C GLU A 3 -26.31 26.90 4.44
N LYS A 4 -25.17 26.98 3.75
CA LYS A 4 -24.61 25.84 3.07
C LYS A 4 -23.35 25.35 3.77
N MET A 5 -22.91 24.13 3.43
CA MET A 5 -21.72 23.55 4.04
C MET A 5 -21.41 22.20 3.42
N GLU A 6 -20.36 22.15 2.60
CA GLU A 6 -19.95 20.91 1.94
C GLU A 6 -18.53 21.04 1.38
N VAL A 7 -17.83 19.91 1.33
CA VAL A 7 -16.47 19.89 0.82
C VAL A 7 -16.27 18.73 -0.15
N LYS A 8 -15.36 18.92 -1.12
CA LYS A 8 -15.08 17.90 -2.11
C LYS A 8 -13.64 18.01 -2.60
N GLU A 9 -13.02 16.87 -2.89
CA GLU A 9 -11.65 16.83 -3.37
C GLU A 9 -11.56 16.12 -4.72
N ILE A 10 -10.33 15.86 -5.16
CA ILE A 10 -10.10 15.18 -6.43
C ILE A 10 -10.05 13.67 -6.24
N GLY A 11 -11.15 13.09 -5.78
CA GLY A 11 -11.21 11.66 -5.56
C GLY A 11 -11.63 10.90 -6.80
N ARG A 12 -10.68 10.63 -7.69
CA ARG A 12 -10.96 9.91 -8.93
C ARG A 12 -9.83 8.93 -9.25
N SER A 13 -9.43 8.14 -8.26
CA SER A 13 -8.36 7.17 -8.45
C SER A 13 -8.82 5.78 -8.03
N SER A 14 -7.97 4.78 -8.29
CA SER A 14 -8.29 3.39 -7.95
C SER A 14 -7.41 2.91 -6.80
N LYS A 15 -7.05 3.83 -5.91
CA LYS A 15 -6.21 3.50 -4.76
C LYS A 15 -6.96 2.60 -3.78
N ILE A 16 -6.23 1.69 -3.15
CA ILE A 16 -6.83 0.77 -2.20
C ILE A 16 -5.76 0.00 -1.42
N ILE A 17 -6.18 -0.76 -0.42
CA ILE A 17 -5.26 -1.54 0.39
C ILE A 17 -5.52 -3.03 0.22
N LEU A 18 -4.56 -3.85 0.65
CA LEU A 18 -4.68 -5.30 0.56
C LEU A 18 -4.46 -5.96 1.91
N PRO A 19 -5.55 -6.43 2.52
CA PRO A 19 -5.51 -7.10 3.83
C PRO A 19 -4.83 -8.46 3.76
N ALA A 20 -3.79 -8.65 4.58
CA ALA A 20 -3.05 -9.90 4.61
C ALA A 20 -2.38 -10.10 5.96
N CYS A 21 -1.25 -9.42 6.16
CA CYS A 21 -0.51 -9.52 7.41
C CYS A 21 -0.24 -8.15 7.99
N MET A 22 0.14 -7.20 7.14
CA MET A 22 0.43 -5.84 7.58
C MET A 22 -0.44 -4.83 6.81
N HIS A 23 -0.12 -3.55 6.97
CA HIS A 23 -0.86 -2.49 6.30
C HIS A 23 -0.18 -2.10 4.99
N GLU A 24 -0.80 -2.46 3.87
CA GLU A 24 -0.26 -2.14 2.55
C GLU A 24 -1.25 -1.31 1.74
N THR A 25 -0.76 -0.70 0.67
CA THR A 25 -1.59 0.13 -0.19
C THR A 25 -1.04 0.20 -1.61
N CYS A 26 -1.87 0.62 -2.55
CA CYS A 26 -1.46 0.74 -3.94
C CYS A 26 -2.32 1.75 -4.69
N SER A 27 -1.70 2.48 -5.61
CA SER A 27 -2.41 3.49 -6.39
C SER A 27 -1.57 3.95 -7.58
N GLY A 28 -2.07 3.68 -8.79
CA GLY A 28 -1.36 4.06 -9.99
C GLY A 28 -2.25 4.74 -11.00
N GLY A 29 -2.86 5.86 -10.59
CA GLY A 29 -3.74 6.58 -11.49
C GLY A 29 -3.55 8.08 -11.40
N PHE A 30 -3.38 8.59 -10.18
CA PHE A 30 -3.18 10.01 -9.97
C PHE A 30 -2.41 10.27 -8.68
N SER A 31 -2.76 9.53 -7.63
CA SER A 31 -2.11 9.67 -6.33
C SER A 31 -0.68 9.13 -6.38
N LEU A 32 -0.49 8.06 -7.14
CA LEU A 32 0.82 7.44 -7.27
C LEU A 32 1.42 7.15 -5.89
N LYS A 33 1.13 5.97 -5.35
CA LYS A 33 1.64 5.57 -4.05
C LYS A 33 1.30 4.12 -3.75
N ASN A 34 2.01 3.53 -2.80
CA ASN A 34 1.78 2.15 -2.42
C ASN A 34 2.56 1.79 -1.15
N ASP A 35 1.90 1.10 -0.23
CA ASP A 35 2.54 0.69 1.02
C ASP A 35 2.95 -0.78 0.98
N CYS A 36 4.21 -1.04 1.28
CA CYS A 36 4.73 -2.40 1.27
C CYS A 36 3.93 -3.29 2.22
N TRP A 37 4.39 -4.53 2.39
CA TRP A 37 3.73 -5.48 3.28
C TRP A 37 4.61 -5.83 4.47
N CYS A 38 4.14 -6.75 5.30
CA CYS A 38 4.88 -7.18 6.48
C CYS A 38 6.31 -7.57 6.11
N CYS A 39 7.12 -7.84 7.12
CA CYS A 39 8.51 -8.22 6.91
C CYS A 39 8.63 -9.73 6.72
N LEU A 40 9.87 -10.21 6.60
CA LEU A 40 10.12 -11.63 6.41
C LEU A 40 9.36 -12.46 7.44
N ARG A 41 9.81 -12.40 8.69
CA ARG A 41 9.17 -13.14 9.77
C ARG A 41 9.27 -12.38 11.09
N LEU A 42 8.31 -12.63 11.97
CA LEU A 42 8.27 -11.96 13.28
C LEU A 42 7.46 -12.77 14.28
N LYS A 43 7.86 -12.69 15.55
CA LYS A 43 7.16 -13.40 16.61
C LYS A 43 6.14 -12.50 17.29
N THR A 44 6.51 -11.24 17.51
CA THR A 44 5.63 -10.28 18.15
C THR A 44 5.26 -9.15 17.19
N LYS A 45 6.20 -8.77 16.34
CA LYS A 45 5.97 -7.71 15.37
C LYS A 45 7.22 -7.43 14.55
N GLN A 46 8.38 -7.61 15.18
CA GLN A 46 9.65 -7.38 14.51
C GLN A 46 10.64 -8.50 14.80
N ALA A 47 11.48 -8.82 13.83
CA ALA A 47 12.47 -9.88 13.98
C ALA A 47 13.38 -9.95 12.76
N ARG A 48 12.86 -10.51 11.67
CA ARG A 48 13.63 -10.64 10.45
C ARG A 48 12.95 -9.93 9.29
N CYS A 49 13.68 -9.01 8.65
CA CYS A 49 13.14 -8.25 7.53
C CYS A 49 13.80 -8.67 6.22
N TRP A 50 13.28 -8.17 5.11
CA TRP A 50 13.82 -8.49 3.80
C TRP A 50 14.86 -7.46 3.37
N LYS A 51 16.08 -7.93 3.11
CA LYS A 51 17.16 -7.05 2.68
C LYS A 51 17.07 -6.76 1.19
N GLU A 52 16.39 -5.67 0.84
CA GLU A 52 16.24 -5.28 -0.55
C GLU A 52 17.58 -4.96 -1.18
N LYS A 53 18.60 -4.76 -0.34
CA LYS A 53 19.94 -4.45 -0.81
C LYS A 53 20.62 -5.69 -1.40
N GLU A 54 20.28 -6.85 -0.84
CA GLU A 54 20.86 -8.11 -1.30
C GLU A 54 19.86 -8.88 -2.15
N PHE A 55 18.60 -8.89 -1.74
CA PHE A 55 17.56 -9.58 -2.46
C PHE A 55 16.62 -8.59 -3.15
N PRO A 56 16.67 -8.57 -4.49
CA PRO A 56 15.83 -7.68 -5.30
C PRO A 56 14.36 -8.07 -5.27
N ASN A 57 14.09 -9.30 -4.83
CA ASN A 57 12.72 -9.80 -4.76
C ASN A 57 11.86 -8.87 -3.93
N ALA A 58 12.38 -8.42 -2.79
CA ALA A 58 11.65 -7.51 -1.91
C ALA A 58 11.23 -6.25 -2.65
N LYS A 59 12.13 -5.73 -3.49
CA LYS A 59 11.85 -4.52 -4.25
C LYS A 59 10.72 -4.75 -5.25
N GLU A 60 10.85 -5.81 -6.05
CA GLU A 60 9.84 -6.15 -7.04
C GLU A 60 8.47 -6.32 -6.40
N LEU A 61 8.44 -6.99 -5.24
CA LEU A 61 7.21 -7.22 -4.52
C LEU A 61 6.64 -5.91 -3.98
N CYS A 62 7.53 -5.04 -3.51
CA CYS A 62 7.11 -3.75 -2.97
C CYS A 62 6.39 -2.91 -4.02
N PHE A 63 6.98 -2.82 -5.21
CA PHE A 63 6.38 -2.06 -6.30
C PHE A 63 5.20 -2.80 -6.90
N ALA A 64 5.35 -4.10 -7.09
CA ALA A 64 4.30 -4.93 -7.65
C ALA A 64 3.12 -5.05 -6.69
N ASN A 65 3.36 -4.74 -5.42
CA ASN A 65 2.32 -4.81 -4.39
C ASN A 65 1.05 -4.11 -4.86
N CYS A 66 -0.09 -4.75 -4.62
CA CYS A 66 -1.37 -4.19 -5.01
C CYS A 66 -2.52 -5.10 -4.62
N PRO A 67 -3.67 -4.51 -4.28
CA PRO A 67 -4.87 -5.26 -3.87
C PRO A 67 -5.49 -6.03 -5.04
N PRO A 68 -6.43 -6.93 -4.71
CA PRO A 68 -7.11 -7.76 -5.72
C PRO A 68 -8.06 -6.93 -6.58
N LEU A 69 -8.50 -7.51 -7.69
CA LEU A 69 -9.41 -6.83 -8.60
C LEU A 69 -10.73 -7.60 -8.74
N GLU A 70 -11.11 -8.30 -7.67
CA GLU A 70 -12.34 -9.07 -7.66
C GLU A 70 -12.32 -10.12 -8.77
N GLY A 1 -25.04 28.91 -1.52
CA GLY A 1 -25.87 28.80 -0.34
C GLY A 1 -25.22 29.41 0.89
N PRO A 2 -26.00 29.54 1.96
CA PRO A 2 -25.52 30.11 3.23
C PRO A 2 -24.53 29.19 3.93
N GLU A 3 -24.82 27.90 3.92
CA GLU A 3 -23.95 26.92 4.56
C GLU A 3 -23.91 25.61 3.77
N LYS A 4 -23.79 25.73 2.44
CA LYS A 4 -23.75 24.57 1.57
C LYS A 4 -22.34 24.36 1.02
N MET A 5 -21.60 25.44 0.89
CA MET A 5 -20.24 25.37 0.37
C MET A 5 -19.39 24.40 1.19
N GLU A 6 -18.30 23.93 0.61
CA GLU A 6 -17.42 22.99 1.28
C GLU A 6 -16.14 22.75 0.47
N VAL A 7 -15.20 22.02 1.04
CA VAL A 7 -13.94 21.72 0.37
C VAL A 7 -14.09 20.50 -0.54
N LYS A 8 -13.50 20.58 -1.72
CA LYS A 8 -13.56 19.49 -2.69
C LYS A 8 -12.60 19.73 -3.85
N GLU A 9 -11.69 18.78 -4.08
CA GLU A 9 -10.72 18.90 -5.15
C GLU A 9 -10.93 17.79 -6.19
N ILE A 10 -9.98 17.67 -7.11
CA ILE A 10 -10.06 16.66 -8.15
C ILE A 10 -9.39 15.36 -7.72
N GLY A 11 -9.93 14.75 -6.67
CA GLY A 11 -9.37 13.51 -6.16
C GLY A 11 -10.29 12.33 -6.42
N ARG A 12 -10.01 11.58 -7.48
CA ARG A 12 -10.81 10.42 -7.84
C ARG A 12 -9.93 9.26 -8.29
N SER A 13 -9.13 8.73 -7.38
CA SER A 13 -8.24 7.63 -7.70
C SER A 13 -8.85 6.29 -7.29
N SER A 14 -8.10 5.21 -7.49
CA SER A 14 -8.58 3.88 -7.14
C SER A 14 -7.70 3.25 -6.07
N LYS A 15 -7.20 4.08 -5.16
CA LYS A 15 -6.35 3.62 -4.07
C LYS A 15 -7.14 2.76 -3.09
N ILE A 16 -6.48 1.73 -2.55
CA ILE A 16 -7.13 0.83 -1.60
C ILE A 16 -6.10 -0.08 -0.93
N ILE A 17 -6.55 -0.80 0.10
CA ILE A 17 -5.67 -1.71 0.82
C ILE A 17 -6.07 -3.16 0.59
N LEU A 18 -5.18 -4.09 0.94
CA LEU A 18 -5.44 -5.51 0.76
C LEU A 18 -5.01 -6.29 2.00
N PRO A 19 -6.00 -6.78 2.78
CA PRO A 19 -5.74 -7.54 3.99
C PRO A 19 -5.16 -8.93 3.69
N ALA A 20 -4.29 -9.40 4.58
CA ALA A 20 -3.67 -10.72 4.41
C ALA A 20 -2.74 -11.04 5.58
N CYS A 21 -1.58 -10.38 5.60
CA CYS A 21 -0.60 -10.60 6.65
C CYS A 21 -0.34 -9.31 7.42
N MET A 22 -0.19 -8.21 6.69
CA MET A 22 0.06 -6.91 7.30
C MET A 22 -0.76 -5.81 6.63
N HIS A 23 -0.45 -4.57 6.95
CA HIS A 23 -1.16 -3.43 6.37
C HIS A 23 -0.47 -2.96 5.09
N GLU A 24 -1.12 -3.21 3.96
CA GLU A 24 -0.57 -2.82 2.66
C GLU A 24 -1.54 -1.92 1.91
N THR A 25 -1.05 -1.26 0.87
CA THR A 25 -1.87 -0.36 0.07
C THR A 25 -1.39 -0.32 -1.37
N CYS A 26 -2.24 0.18 -2.26
CA CYS A 26 -1.90 0.29 -3.68
C CYS A 26 -2.74 1.37 -4.36
N SER A 27 -2.12 2.05 -5.32
CA SER A 27 -2.81 3.12 -6.05
C SER A 27 -2.02 3.50 -7.30
N GLY A 28 -2.67 3.40 -8.46
CA GLY A 28 -2.02 3.74 -9.71
C GLY A 28 -2.96 4.44 -10.67
N GLY A 29 -3.02 5.76 -10.59
CA GLY A 29 -3.88 6.53 -11.47
C GLY A 29 -3.81 8.01 -11.20
N PHE A 30 -3.60 8.39 -9.95
CA PHE A 30 -3.50 9.79 -9.56
C PHE A 30 -2.69 9.95 -8.28
N SER A 31 -2.93 9.06 -7.32
CA SER A 31 -2.22 9.11 -6.05
C SER A 31 -0.82 8.52 -6.17
N LEU A 32 -0.71 7.45 -6.95
CA LEU A 32 0.58 6.79 -7.17
C LEU A 32 1.25 6.47 -5.83
N LYS A 33 0.95 5.30 -5.28
CA LYS A 33 1.53 4.87 -4.03
C LYS A 33 1.14 3.43 -3.71
N ASN A 34 1.84 2.83 -2.75
CA ASN A 34 1.56 1.45 -2.35
C ASN A 34 2.33 1.09 -1.09
N ASP A 35 1.64 0.47 -0.13
CA ASP A 35 2.26 0.07 1.12
C ASP A 35 2.65 -1.41 1.09
N CYS A 36 3.94 -1.68 1.30
CA CYS A 36 4.44 -3.04 1.30
C CYS A 36 3.70 -3.91 2.33
N TRP A 37 4.14 -5.14 2.47
CA TRP A 37 3.53 -6.07 3.43
C TRP A 37 4.51 -6.45 4.53
N CYS A 38 4.08 -7.32 5.43
CA CYS A 38 4.92 -7.77 6.53
C CYS A 38 6.31 -8.17 6.02
N CYS A 39 7.27 -8.26 6.94
CA CYS A 39 8.63 -8.62 6.59
C CYS A 39 8.73 -10.11 6.31
N LEU A 40 9.96 -10.60 6.15
CA LEU A 40 10.20 -12.01 5.87
C LEU A 40 9.43 -12.90 6.86
N ARG A 41 9.57 -12.61 8.14
CA ARG A 41 8.89 -13.37 9.18
C ARG A 41 9.14 -12.77 10.55
N LEU A 42 8.08 -12.27 11.18
CA LEU A 42 8.20 -11.67 12.51
C LEU A 42 6.90 -11.83 13.29
N LYS A 43 6.88 -11.30 14.51
CA LYS A 43 5.69 -11.36 15.35
C LYS A 43 5.17 -9.96 15.68
N THR A 44 5.94 -8.95 15.29
CA THR A 44 5.55 -7.57 15.55
C THR A 44 6.48 -6.59 14.83
N LYS A 45 7.73 -6.56 15.26
CA LYS A 45 8.73 -5.67 14.65
C LYS A 45 10.13 -6.23 14.84
N GLN A 46 10.22 -7.51 15.20
CA GLN A 46 11.50 -8.16 15.42
C GLN A 46 11.71 -9.30 14.43
N ALA A 47 12.59 -10.23 14.77
CA ALA A 47 12.87 -11.38 13.93
C ALA A 47 13.62 -10.95 12.66
N ARG A 48 13.66 -11.84 11.68
CA ARG A 48 14.35 -11.55 10.42
C ARG A 48 13.45 -10.78 9.47
N CYS A 49 14.04 -9.89 8.68
CA CYS A 49 13.30 -9.08 7.73
C CYS A 49 13.95 -9.13 6.35
N TRP A 50 13.23 -8.63 5.35
CA TRP A 50 13.73 -8.63 3.98
C TRP A 50 14.46 -7.32 3.67
N LYS A 51 15.72 -7.42 3.30
CA LYS A 51 16.52 -6.24 2.97
C LYS A 51 16.47 -5.94 1.47
N GLU A 52 15.71 -4.91 1.11
CA GLU A 52 15.58 -4.52 -0.29
C GLU A 52 16.92 -4.07 -0.86
N LYS A 53 17.87 -3.81 0.03
CA LYS A 53 19.19 -3.36 -0.38
C LYS A 53 20.00 -4.53 -0.95
N GLU A 54 19.86 -5.69 -0.32
CA GLU A 54 20.59 -6.89 -0.77
C GLU A 54 19.71 -7.74 -1.68
N PHE A 55 18.44 -7.89 -1.31
CA PHE A 55 17.51 -8.68 -2.10
C PHE A 55 16.46 -7.79 -2.76
N PRO A 56 16.54 -7.69 -4.10
CA PRO A 56 15.62 -6.87 -4.89
C PRO A 56 14.20 -7.45 -4.92
N ASN A 57 14.09 -8.73 -4.58
CA ASN A 57 12.80 -9.41 -4.58
C ASN A 57 11.81 -8.67 -3.67
N ALA A 58 12.28 -8.28 -2.50
CA ALA A 58 11.44 -7.55 -1.54
C ALA A 58 10.90 -6.27 -2.15
N LYS A 59 11.75 -5.54 -2.86
CA LYS A 59 11.35 -4.29 -3.49
C LYS A 59 10.28 -4.53 -4.55
N GLU A 60 10.50 -5.54 -5.39
CA GLU A 60 9.55 -5.88 -6.45
C GLU A 60 8.18 -6.24 -5.86
N LEU A 61 8.20 -7.00 -4.78
CA LEU A 61 6.96 -7.42 -4.11
C LEU A 61 6.25 -6.22 -3.49
N CYS A 62 7.04 -5.28 -2.96
CA CYS A 62 6.49 -4.08 -2.34
C CYS A 62 5.78 -3.21 -3.36
N PHE A 63 6.42 -3.00 -4.50
CA PHE A 63 5.86 -2.17 -5.56
C PHE A 63 4.75 -2.93 -6.29
N ALA A 64 4.90 -4.24 -6.38
CA ALA A 64 3.91 -5.08 -7.06
C ALA A 64 2.70 -5.32 -6.16
N ASN A 65 2.89 -5.19 -4.85
CA ASN A 65 1.82 -5.39 -3.89
C ASN A 65 0.58 -4.59 -4.29
N CYS A 66 -0.51 -5.29 -4.58
CA CYS A 66 -1.76 -4.66 -4.97
C CYS A 66 -2.96 -5.51 -4.58
N PRO A 67 -4.14 -4.88 -4.51
CA PRO A 67 -5.39 -5.57 -4.15
C PRO A 67 -5.86 -6.53 -5.23
N PRO A 68 -6.83 -7.37 -4.89
CA PRO A 68 -7.39 -8.37 -5.83
C PRO A 68 -8.21 -7.71 -6.94
N LEU A 69 -8.20 -8.32 -8.11
CA LEU A 69 -8.95 -7.80 -9.25
C LEU A 69 -9.92 -8.85 -9.79
N GLU A 70 -10.34 -9.76 -8.92
CA GLU A 70 -11.28 -10.81 -9.30
C GLU A 70 -12.61 -10.66 -8.56
N GLY A 1 -2.07 13.53 9.86
CA GLY A 1 -2.64 14.81 10.23
C GLY A 1 -3.72 14.68 11.29
N PRO A 2 -4.40 15.80 11.59
CA PRO A 2 -5.47 15.83 12.59
C PRO A 2 -6.71 15.06 12.15
N GLU A 3 -7.17 15.35 10.93
CA GLU A 3 -8.35 14.70 10.39
C GLU A 3 -8.44 14.91 8.88
N LYS A 4 -9.60 14.61 8.32
CA LYS A 4 -9.83 14.76 6.89
C LYS A 4 -11.32 14.73 6.55
N MET A 5 -11.64 14.91 5.29
CA MET A 5 -13.03 14.90 4.84
C MET A 5 -13.23 13.95 3.66
N GLU A 6 -14.45 13.87 3.16
CA GLU A 6 -14.76 13.00 2.04
C GLU A 6 -15.61 13.74 1.00
N VAL A 7 -15.10 14.86 0.52
CA VAL A 7 -15.81 15.66 -0.48
C VAL A 7 -14.90 15.96 -1.67
N LYS A 8 -15.38 15.63 -2.87
CA LYS A 8 -14.63 15.87 -4.09
C LYS A 8 -15.52 15.66 -5.32
N GLU A 9 -15.25 16.44 -6.36
CA GLU A 9 -16.02 16.35 -7.60
C GLU A 9 -15.14 15.86 -8.75
N ILE A 10 -13.85 15.70 -8.47
CA ILE A 10 -12.91 15.24 -9.48
C ILE A 10 -12.36 13.85 -9.15
N GLY A 11 -13.26 12.86 -9.10
CA GLY A 11 -12.84 11.51 -8.79
C GLY A 11 -12.73 10.64 -10.03
N ARG A 12 -11.64 10.81 -10.77
CA ARG A 12 -11.41 10.03 -11.98
C ARG A 12 -10.20 9.11 -11.83
N SER A 13 -10.16 8.39 -10.70
CA SER A 13 -9.05 7.47 -10.44
C SER A 13 -9.58 6.12 -9.98
N SER A 14 -8.78 5.07 -10.22
CA SER A 14 -9.16 3.72 -9.84
C SER A 14 -8.41 3.27 -8.59
N LYS A 15 -8.09 4.23 -7.72
CA LYS A 15 -7.37 3.94 -6.49
C LYS A 15 -8.23 3.11 -5.54
N ILE A 16 -7.58 2.22 -4.80
CA ILE A 16 -8.29 1.35 -3.86
C ILE A 16 -7.32 0.61 -2.96
N ILE A 17 -7.84 -0.05 -1.94
CA ILE A 17 -7.02 -0.82 -1.01
C ILE A 17 -7.28 -2.31 -1.13
N LEU A 18 -6.38 -3.11 -0.57
CA LEU A 18 -6.52 -4.56 -0.62
C LEU A 18 -6.06 -5.20 0.69
N PRO A 19 -7.03 -5.71 1.46
CA PRO A 19 -6.75 -6.35 2.75
C PRO A 19 -6.04 -7.69 2.58
N ALA A 20 -5.17 -8.02 3.54
CA ALA A 20 -4.42 -9.27 3.50
C ALA A 20 -3.52 -9.40 4.72
N CYS A 21 -2.44 -8.64 4.73
CA CYS A 21 -1.49 -8.68 5.83
C CYS A 21 -1.49 -7.36 6.60
N MET A 22 -1.89 -6.29 5.92
CA MET A 22 -1.93 -4.96 6.54
C MET A 22 -2.71 -3.99 5.66
N HIS A 23 -2.62 -2.70 5.99
CA HIS A 23 -3.31 -1.66 5.23
C HIS A 23 -2.47 -1.21 4.04
N GLU A 24 -2.88 -1.61 2.83
CA GLU A 24 -2.17 -1.24 1.62
C GLU A 24 -3.09 -0.54 0.64
N THR A 25 -2.50 0.11 -0.36
CA THR A 25 -3.27 0.82 -1.37
C THR A 25 -2.58 0.77 -2.73
N CYS A 26 -3.33 1.09 -3.78
CA CYS A 26 -2.80 1.08 -5.14
C CYS A 26 -3.59 2.01 -6.05
N SER A 27 -2.90 2.65 -6.98
CA SER A 27 -3.54 3.56 -7.92
C SER A 27 -2.62 3.88 -9.09
N GLY A 28 -3.09 3.61 -10.30
CA GLY A 28 -2.29 3.88 -11.48
C GLY A 28 -3.12 4.44 -12.62
N GLY A 29 -3.80 5.55 -12.36
CA GLY A 29 -4.62 6.17 -13.38
C GLY A 29 -4.51 7.69 -13.36
N PHE A 30 -4.93 8.30 -12.26
CA PHE A 30 -4.88 9.75 -12.12
C PHE A 30 -4.08 10.16 -10.88
N SER A 31 -4.23 9.37 -9.81
CA SER A 31 -3.53 9.65 -8.56
C SER A 31 -2.10 9.13 -8.62
N LEU A 32 -1.92 7.95 -9.19
CA LEU A 32 -0.60 7.35 -9.31
C LEU A 32 0.08 7.24 -7.95
N LYS A 33 -0.43 6.32 -7.12
CA LYS A 33 0.12 6.12 -5.79
C LYS A 33 -0.07 4.66 -5.34
N ASN A 34 0.44 4.34 -4.15
CA ASN A 34 0.32 3.00 -3.61
C ASN A 34 0.83 2.94 -2.18
N ASP A 35 0.21 2.08 -1.37
CA ASP A 35 0.60 1.94 0.03
C ASP A 35 1.17 0.55 0.29
N CYS A 36 2.40 0.50 0.80
CA CYS A 36 3.06 -0.76 1.09
C CYS A 36 2.17 -1.65 1.96
N TRP A 37 2.62 -2.88 2.19
CA TRP A 37 1.88 -3.83 3.00
C TRP A 37 2.67 -4.23 4.24
N CYS A 38 2.14 -5.20 4.99
CA CYS A 38 2.80 -5.67 6.20
C CYS A 38 4.27 -5.99 5.93
N CYS A 39 5.09 -5.87 6.97
CA CYS A 39 6.52 -6.15 6.84
C CYS A 39 6.78 -7.65 6.89
N LEU A 40 8.05 -8.01 7.05
CA LEU A 40 8.45 -9.41 7.11
C LEU A 40 7.55 -10.19 8.06
N ARG A 41 7.73 -9.97 9.36
CA ARG A 41 6.94 -10.65 10.37
C ARG A 41 6.87 -9.83 11.66
N LEU A 42 5.93 -10.18 12.53
CA LEU A 42 5.76 -9.46 13.79
C LEU A 42 4.85 -10.25 14.74
N LYS A 43 5.10 -10.10 16.04
CA LYS A 43 4.30 -10.80 17.05
C LYS A 43 3.12 -9.94 17.49
N THR A 44 3.37 -8.66 17.68
CA THR A 44 2.32 -7.73 18.10
C THR A 44 2.09 -6.63 17.06
N LYS A 45 3.17 -6.20 16.42
CA LYS A 45 3.09 -5.17 15.40
C LYS A 45 4.46 -4.90 14.79
N GLN A 46 5.51 -5.05 15.59
CA GLN A 46 6.87 -4.83 15.12
C GLN A 46 7.80 -5.92 15.63
N ALA A 47 8.74 -6.33 14.78
CA ALA A 47 9.70 -7.36 15.14
C ALA A 47 10.76 -7.54 14.05
N ARG A 48 10.35 -8.15 12.93
CA ARG A 48 11.26 -8.38 11.82
C ARG A 48 10.74 -7.72 10.55
N CYS A 49 11.54 -6.82 9.98
CA CYS A 49 11.15 -6.12 8.77
C CYS A 49 12.01 -6.58 7.59
N TRP A 50 11.58 -6.22 6.37
CA TRP A 50 12.31 -6.59 5.17
C TRP A 50 13.28 -5.49 4.76
N LYS A 51 14.56 -5.84 4.68
CA LYS A 51 15.59 -4.88 4.31
C LYS A 51 15.68 -4.74 2.79
N GLU A 52 14.97 -3.75 2.26
CA GLU A 52 14.95 -3.50 0.82
C GLU A 52 16.35 -3.13 0.32
N LYS A 53 17.23 -2.78 1.25
CA LYS A 53 18.59 -2.41 0.91
C LYS A 53 19.42 -3.63 0.54
N GLU A 54 19.10 -4.76 1.16
CA GLU A 54 19.82 -6.01 0.89
C GLU A 54 18.99 -6.93 0.00
N PHE A 55 17.69 -7.00 0.28
CA PHE A 55 16.79 -7.85 -0.49
C PHE A 55 15.85 -7.00 -1.34
N PRO A 56 16.04 -7.06 -2.67
CA PRO A 56 15.24 -6.31 -3.63
C PRO A 56 13.80 -6.84 -3.72
N ASN A 57 13.60 -8.06 -3.23
CA ASN A 57 12.28 -8.68 -3.25
C ASN A 57 11.24 -7.79 -2.56
N ALA A 58 11.62 -7.24 -1.41
CA ALA A 58 10.73 -6.36 -0.65
C ALA A 58 10.28 -5.18 -1.50
N LYS A 59 11.21 -4.58 -2.22
CA LYS A 59 10.91 -3.43 -3.07
C LYS A 59 9.96 -3.83 -4.20
N GLU A 60 10.24 -4.97 -4.84
CA GLU A 60 9.42 -5.45 -5.93
C GLU A 60 7.97 -5.64 -5.48
N LEU A 61 7.80 -6.22 -4.29
CA LEU A 61 6.47 -6.47 -3.74
C LEU A 61 5.77 -5.15 -3.41
N CYS A 62 6.54 -4.22 -2.83
CA CYS A 62 5.99 -2.92 -2.46
C CYS A 62 5.40 -2.21 -3.68
N PHE A 63 6.17 -2.18 -4.76
CA PHE A 63 5.72 -1.52 -5.99
C PHE A 63 4.66 -2.37 -6.70
N ALA A 64 4.89 -3.67 -6.75
CA ALA A 64 3.96 -4.59 -7.40
C ALA A 64 2.65 -4.67 -6.62
N ASN A 65 2.67 -4.21 -5.38
CA ASN A 65 1.48 -4.23 -4.54
C ASN A 65 0.28 -3.66 -5.28
N CYS A 66 -0.85 -4.36 -5.19
CA CYS A 66 -2.07 -3.93 -5.85
C CYS A 66 -3.23 -4.87 -5.53
N PRO A 67 -4.46 -4.37 -5.64
CA PRO A 67 -5.67 -5.14 -5.37
C PRO A 67 -5.91 -6.22 -6.43
N PRO A 68 -6.85 -7.14 -6.14
CA PRO A 68 -7.20 -8.23 -7.04
C PRO A 68 -7.94 -7.75 -8.28
N LEU A 69 -7.66 -8.37 -9.41
CA LEU A 69 -8.29 -8.00 -10.67
C LEU A 69 -9.31 -9.06 -11.11
N GLU A 70 -9.85 -9.77 -10.14
CA GLU A 70 -10.83 -10.82 -10.41
C GLU A 70 -12.04 -10.70 -9.50
N GLY A 1 -21.50 29.18 -1.32
CA GLY A 1 -20.24 29.02 -2.02
C GLY A 1 -20.09 29.99 -3.18
N PRO A 2 -19.94 31.28 -2.85
CA PRO A 2 -19.79 32.34 -3.86
C PRO A 2 -18.45 32.26 -4.59
N GLU A 3 -17.38 32.05 -3.82
CA GLU A 3 -16.05 31.96 -4.38
C GLU A 3 -15.40 30.61 -4.05
N LYS A 4 -15.83 29.58 -4.76
CA LYS A 4 -15.30 28.23 -4.54
C LYS A 4 -15.49 27.36 -5.79
N MET A 5 -14.38 26.98 -6.41
CA MET A 5 -14.42 26.14 -7.60
C MET A 5 -13.44 24.97 -7.48
N GLU A 6 -13.17 24.55 -6.25
CA GLU A 6 -12.26 23.45 -6.00
C GLU A 6 -12.92 22.37 -5.16
N VAL A 7 -13.06 21.18 -5.73
CA VAL A 7 -13.68 20.06 -5.01
C VAL A 7 -12.66 19.31 -4.18
N LYS A 8 -13.10 18.81 -3.02
CA LYS A 8 -12.22 18.08 -2.12
C LYS A 8 -13.01 17.51 -0.94
N GLU A 9 -13.70 16.39 -1.17
CA GLU A 9 -14.49 15.76 -0.12
C GLU A 9 -15.16 14.49 -0.65
N ILE A 10 -15.54 14.51 -1.92
CA ILE A 10 -16.19 13.38 -2.54
C ILE A 10 -15.39 12.85 -3.73
N GLY A 11 -14.22 12.28 -3.44
CA GLY A 11 -13.38 11.76 -4.49
C GLY A 11 -13.57 10.27 -4.70
N ARG A 12 -13.66 9.53 -3.61
CA ARG A 12 -13.85 8.08 -3.68
C ARG A 12 -12.71 7.42 -4.44
N SER A 13 -11.62 7.13 -3.73
CA SER A 13 -10.45 6.50 -4.34
C SER A 13 -10.67 5.01 -4.50
N SER A 14 -9.60 4.29 -4.87
CA SER A 14 -9.68 2.85 -5.06
C SER A 14 -8.75 2.13 -4.08
N LYS A 15 -8.59 2.70 -2.90
CA LYS A 15 -7.74 2.10 -1.87
C LYS A 15 -8.35 0.81 -1.35
N ILE A 16 -7.48 -0.14 -1.02
CA ILE A 16 -7.93 -1.43 -0.51
C ILE A 16 -6.75 -2.26 0.02
N ILE A 17 -7.07 -3.34 0.72
CA ILE A 17 -6.04 -4.21 1.27
C ILE A 17 -6.12 -5.61 0.67
N LEU A 18 -5.06 -6.39 0.86
CA LEU A 18 -5.00 -7.75 0.35
C LEU A 18 -4.72 -8.75 1.45
N PRO A 19 -5.76 -9.53 1.82
CA PRO A 19 -5.65 -10.54 2.88
C PRO A 19 -4.79 -11.73 2.46
N ALA A 20 -4.07 -12.30 3.42
CA ALA A 20 -3.21 -13.44 3.15
C ALA A 20 -2.52 -13.93 4.43
N CYS A 21 -1.50 -13.20 4.86
CA CYS A 21 -0.76 -13.55 6.07
C CYS A 21 -0.44 -12.31 6.89
N MET A 22 -0.06 -11.24 6.21
CA MET A 22 0.27 -9.98 6.89
C MET A 22 -0.74 -8.90 6.54
N HIS A 23 -0.41 -7.66 6.91
CA HIS A 23 -1.29 -6.52 6.62
C HIS A 23 -0.72 -5.66 5.50
N GLU A 24 -1.37 -5.69 4.35
CA GLU A 24 -0.93 -4.90 3.20
C GLU A 24 -2.03 -3.97 2.72
N THR A 25 -1.66 -2.99 1.90
CA THR A 25 -2.61 -2.03 1.37
C THR A 25 -2.10 -1.39 0.08
N CYS A 26 -2.99 -0.77 -0.68
CA CYS A 26 -2.62 -0.12 -1.93
C CYS A 26 -3.64 0.96 -2.30
N SER A 27 -3.14 2.05 -2.88
CA SER A 27 -4.00 3.16 -3.27
C SER A 27 -3.25 4.13 -4.17
N GLY A 28 -3.85 4.44 -5.33
CA GLY A 28 -3.22 5.36 -6.26
C GLY A 28 -4.23 6.22 -6.99
N GLY A 29 -4.23 7.51 -6.69
CA GLY A 29 -5.16 8.43 -7.33
C GLY A 29 -5.99 9.21 -6.33
N PHE A 30 -5.40 9.50 -5.18
CA PHE A 30 -6.09 10.26 -4.13
C PHE A 30 -5.18 10.51 -2.94
N SER A 31 -4.78 9.43 -2.27
CA SER A 31 -3.91 9.54 -1.11
C SER A 31 -2.51 8.98 -1.42
N LEU A 32 -2.45 8.09 -2.40
CA LEU A 32 -1.18 7.48 -2.80
C LEU A 32 -0.49 6.84 -1.60
N LYS A 33 -0.74 5.54 -1.40
CA LYS A 33 -0.14 4.81 -0.31
C LYS A 33 -0.30 3.30 -0.50
N ASN A 34 0.48 2.53 0.24
CA ASN A 34 0.42 1.07 0.15
C ASN A 34 1.22 0.42 1.27
N ASP A 35 0.68 -0.65 1.84
CA ASP A 35 1.35 -1.36 2.92
C ASP A 35 1.98 -2.64 2.41
N CYS A 36 3.28 -2.82 2.70
CA CYS A 36 4.00 -4.00 2.26
C CYS A 36 3.26 -5.28 2.67
N TRP A 37 3.74 -6.41 2.16
CA TRP A 37 3.11 -7.69 2.48
C TRP A 37 4.04 -8.55 3.32
N CYS A 38 3.70 -9.83 3.47
CA CYS A 38 4.51 -10.75 4.26
C CYS A 38 5.99 -10.60 3.93
N CYS A 39 6.84 -10.85 4.92
CA CYS A 39 8.28 -10.75 4.74
C CYS A 39 8.94 -12.11 4.82
N LEU A 40 10.26 -12.13 4.96
CA LEU A 40 11.01 -13.37 5.05
C LEU A 40 10.37 -14.33 6.05
N ARG A 41 10.05 -13.81 7.23
CA ARG A 41 9.43 -14.61 8.28
C ARG A 41 9.14 -13.77 9.51
N LEU A 42 7.87 -13.76 9.93
CA LEU A 42 7.45 -12.99 11.10
C LEU A 42 6.36 -13.72 11.86
N LYS A 43 6.38 -13.58 13.18
CA LYS A 43 5.39 -14.22 14.04
C LYS A 43 4.30 -13.23 14.46
N THR A 44 4.68 -11.96 14.61
CA THR A 44 3.74 -10.92 15.00
C THR A 44 3.51 -9.94 13.85
N LYS A 45 4.59 -9.55 13.18
CA LYS A 45 4.50 -8.62 12.06
C LYS A 45 5.89 -8.31 11.50
N GLN A 46 6.88 -8.31 12.38
CA GLN A 46 8.25 -8.02 11.98
C GLN A 46 9.22 -9.03 12.57
N ALA A 47 10.34 -9.27 11.89
CA ALA A 47 11.34 -10.21 12.36
C ALA A 47 12.52 -10.28 11.39
N ARG A 48 12.31 -10.99 10.28
CA ARG A 48 13.35 -11.14 9.26
C ARG A 48 12.89 -10.59 7.92
N CYS A 49 13.63 -9.62 7.41
CA CYS A 49 13.30 -9.00 6.13
C CYS A 49 14.55 -8.42 5.47
N TRP A 50 14.36 -7.81 4.30
CA TRP A 50 15.47 -7.21 3.56
C TRP A 50 15.27 -5.71 3.42
N LYS A 51 16.34 -4.95 3.67
CA LYS A 51 16.29 -3.49 3.56
C LYS A 51 16.18 -3.05 2.10
N GLU A 52 15.29 -2.10 1.84
CA GLU A 52 15.10 -1.58 0.49
C GLU A 52 16.36 -0.88 -0.01
N LYS A 53 17.19 -0.43 0.93
CA LYS A 53 18.42 0.26 0.58
C LYS A 53 19.49 -0.72 0.09
N GLU A 54 19.54 -1.89 0.74
CA GLU A 54 20.50 -2.91 0.36
C GLU A 54 19.89 -3.91 -0.61
N PHE A 55 18.58 -3.82 -0.80
CA PHE A 55 17.87 -4.72 -1.70
C PHE A 55 16.80 -3.96 -2.48
N PRO A 56 16.99 -3.87 -3.81
CA PRO A 56 16.05 -3.18 -4.69
C PRO A 56 14.72 -3.93 -4.84
N ASN A 57 14.78 -5.24 -4.66
CA ASN A 57 13.59 -6.08 -4.78
C ASN A 57 12.54 -5.65 -3.76
N ALA A 58 12.98 -5.21 -2.60
CA ALA A 58 12.09 -4.77 -1.54
C ALA A 58 11.16 -3.66 -2.03
N LYS A 59 11.74 -2.65 -2.66
CA LYS A 59 10.97 -1.53 -3.18
C LYS A 59 10.07 -1.96 -4.34
N GLU A 60 10.60 -2.84 -5.20
CA GLU A 60 9.85 -3.33 -6.33
C GLU A 60 8.64 -4.13 -5.88
N LEU A 61 8.84 -5.02 -4.92
CA LEU A 61 7.77 -5.85 -4.40
C LEU A 61 6.73 -5.01 -3.66
N CYS A 62 7.22 -4.06 -2.85
CA CYS A 62 6.34 -3.18 -2.10
C CYS A 62 5.49 -2.33 -3.03
N PHE A 63 6.10 -1.84 -4.11
CA PHE A 63 5.40 -1.02 -5.08
C PHE A 63 4.36 -1.83 -5.83
N ALA A 64 4.71 -3.04 -6.22
CA ALA A 64 3.81 -3.92 -6.95
C ALA A 64 2.72 -4.46 -6.03
N ASN A 65 3.05 -4.58 -4.75
CA ASN A 65 2.10 -5.10 -3.76
C ASN A 65 0.77 -4.35 -3.85
N CYS A 66 -0.29 -5.08 -4.21
CA CYS A 66 -1.62 -4.50 -4.33
C CYS A 66 -2.70 -5.57 -4.28
N PRO A 67 -3.90 -5.18 -3.83
CA PRO A 67 -5.04 -6.09 -3.72
C PRO A 67 -5.57 -6.51 -5.08
N PRO A 68 -6.48 -7.50 -5.08
CA PRO A 68 -7.09 -8.02 -6.32
C PRO A 68 -8.04 -7.01 -6.96
N LEU A 69 -8.36 -7.23 -8.23
CA LEU A 69 -9.26 -6.35 -8.95
C LEU A 69 -10.68 -6.91 -8.98
N GLU A 70 -11.04 -7.63 -7.92
CA GLU A 70 -12.37 -8.23 -7.84
C GLU A 70 -13.21 -7.53 -6.77
N GLY A 1 -12.03 10.29 12.01
CA GLY A 1 -13.13 11.08 12.53
C GLY A 1 -14.08 11.54 11.44
N PRO A 2 -15.03 12.42 11.81
CA PRO A 2 -16.01 12.96 10.87
C PRO A 2 -15.39 13.90 9.84
N GLU A 3 -14.42 14.68 10.28
CA GLU A 3 -13.74 15.63 9.40
C GLU A 3 -12.26 15.28 9.27
N LYS A 4 -11.97 14.17 8.63
CA LYS A 4 -10.59 13.73 8.43
C LYS A 4 -10.31 13.44 6.96
N MET A 5 -11.15 12.61 6.36
CA MET A 5 -11.00 12.24 4.95
C MET A 5 -12.18 12.74 4.13
N GLU A 6 -11.89 13.56 3.12
CA GLU A 6 -12.94 14.12 2.26
C GLU A 6 -12.33 14.68 0.98
N VAL A 7 -11.20 15.36 1.11
CA VAL A 7 -10.52 15.96 -0.04
C VAL A 7 -9.73 14.92 -0.81
N LYS A 8 -9.76 15.02 -2.13
CA LYS A 8 -9.06 14.08 -2.99
C LYS A 8 -9.12 14.53 -4.45
N GLU A 9 -8.69 15.76 -4.70
CA GLU A 9 -8.69 16.31 -6.06
C GLU A 9 -7.85 15.45 -6.99
N ILE A 10 -8.19 15.48 -8.27
CA ILE A 10 -7.47 14.70 -9.28
C ILE A 10 -7.36 13.23 -8.86
N GLY A 11 -8.46 12.68 -8.39
CA GLY A 11 -8.47 11.28 -7.97
C GLY A 11 -9.06 10.37 -9.01
N ARG A 12 -8.43 10.32 -10.18
CA ARG A 12 -8.90 9.47 -11.26
C ARG A 12 -7.89 8.38 -11.59
N SER A 13 -7.52 7.60 -10.57
CA SER A 13 -6.56 6.52 -10.73
C SER A 13 -7.08 5.23 -10.13
N SER A 14 -8.32 5.25 -9.66
CA SER A 14 -8.94 4.08 -9.05
C SER A 14 -8.13 3.60 -7.85
N LYS A 15 -7.64 4.55 -7.06
CA LYS A 15 -6.85 4.23 -5.88
C LYS A 15 -7.71 3.57 -4.81
N ILE A 16 -7.13 2.61 -4.09
CA ILE A 16 -7.85 1.90 -3.03
C ILE A 16 -6.89 1.07 -2.18
N ILE A 17 -7.41 0.50 -1.11
CA ILE A 17 -6.61 -0.34 -0.22
C ILE A 17 -7.07 -1.79 -0.25
N LEU A 18 -6.23 -2.68 0.26
CA LEU A 18 -6.55 -4.10 0.29
C LEU A 18 -6.32 -4.68 1.68
N PRO A 19 -7.43 -4.98 2.38
CA PRO A 19 -7.39 -5.55 3.73
C PRO A 19 -6.88 -6.98 3.75
N ALA A 20 -6.20 -7.35 4.84
CA ALA A 20 -5.65 -8.69 4.98
C ALA A 20 -4.94 -8.85 6.30
N CYS A 21 -3.73 -8.30 6.40
CA CYS A 21 -2.94 -8.38 7.62
C CYS A 21 -2.33 -7.03 7.96
N MET A 22 -1.86 -6.31 6.95
CA MET A 22 -1.26 -5.00 7.13
C MET A 22 -2.00 -3.93 6.34
N HIS A 23 -1.40 -2.75 6.24
CA HIS A 23 -2.00 -1.64 5.52
C HIS A 23 -1.33 -1.45 4.17
N GLU A 24 -2.03 -1.79 3.09
CA GLU A 24 -1.50 -1.65 1.74
C GLU A 24 -2.40 -0.77 0.88
N THR A 25 -1.87 -0.32 -0.25
CA THR A 25 -2.63 0.54 -1.16
C THR A 25 -2.15 0.36 -2.60
N CYS A 26 -2.99 0.77 -3.55
CA CYS A 26 -2.66 0.66 -4.96
C CYS A 26 -3.44 1.67 -5.79
N SER A 27 -2.81 2.18 -6.84
CA SER A 27 -3.46 3.15 -7.71
C SER A 27 -2.70 3.29 -9.03
N GLY A 28 -3.35 2.86 -10.12
CA GLY A 28 -2.73 2.94 -11.43
C GLY A 28 -3.60 3.63 -12.44
N GLY A 29 -3.08 4.71 -13.04
CA GLY A 29 -3.85 5.45 -14.02
C GLY A 29 -3.28 6.84 -14.26
N PHE A 30 -2.88 7.52 -13.18
CA PHE A 30 -2.32 8.86 -13.28
C PHE A 30 -1.49 9.19 -12.05
N SER A 31 -1.98 8.79 -10.89
CA SER A 31 -1.27 9.05 -9.62
C SER A 31 -0.11 8.08 -9.45
N LEU A 32 -0.33 6.82 -9.84
CA LEU A 32 0.70 5.79 -9.72
C LEU A 32 1.26 5.76 -8.30
N LYS A 33 0.60 4.99 -7.43
CA LYS A 33 1.04 4.86 -6.05
C LYS A 33 0.54 3.56 -5.44
N ASN A 34 1.19 3.12 -4.37
CA ASN A 34 0.80 1.88 -3.70
C ASN A 34 1.54 1.74 -2.36
N ASP A 35 0.82 1.27 -1.35
CA ASP A 35 1.40 1.08 -0.03
C ASP A 35 1.80 -0.38 0.19
N CYS A 36 3.02 -0.57 0.69
CA CYS A 36 3.53 -1.91 0.95
C CYS A 36 2.50 -2.75 1.71
N TRP A 37 2.70 -4.06 1.71
CA TRP A 37 1.80 -4.98 2.40
C TRP A 37 2.49 -5.67 3.57
N CYS A 38 1.88 -6.72 4.08
CA CYS A 38 2.43 -7.47 5.20
C CYS A 38 3.93 -7.72 5.00
N CYS A 39 4.64 -7.94 6.09
CA CYS A 39 6.08 -8.19 6.04
C CYS A 39 6.42 -9.57 6.59
N LEU A 40 7.68 -9.79 6.89
CA LEU A 40 8.14 -11.07 7.43
C LEU A 40 7.24 -11.53 8.57
N ARG A 41 6.96 -10.61 9.50
CA ARG A 41 6.11 -10.93 10.64
C ARG A 41 5.91 -9.70 11.52
N LEU A 42 4.66 -9.41 11.86
CA LEU A 42 4.33 -8.26 12.70
C LEU A 42 3.08 -8.53 13.53
N LYS A 43 3.08 -8.05 14.77
CA LYS A 43 1.95 -8.23 15.67
C LYS A 43 1.05 -7.00 15.67
N THR A 44 1.65 -5.83 15.44
CA THR A 44 0.89 -4.59 15.41
C THR A 44 0.91 -3.96 14.03
N LYS A 45 2.08 -3.99 13.39
CA LYS A 45 2.24 -3.42 12.05
C LYS A 45 3.69 -3.53 11.57
N GLN A 46 4.61 -3.42 12.52
CA GLN A 46 6.04 -3.51 12.20
C GLN A 46 6.76 -4.44 13.17
N ALA A 47 7.85 -5.04 12.71
CA ALA A 47 8.63 -5.95 13.54
C ALA A 47 9.82 -6.50 12.77
N ARG A 48 9.56 -7.46 11.89
CA ARG A 48 10.61 -8.09 11.09
C ARG A 48 10.34 -7.91 9.60
N CYS A 49 11.27 -7.26 8.91
CA CYS A 49 11.14 -7.02 7.48
C CYS A 49 12.50 -6.84 6.82
N TRP A 50 12.50 -6.60 5.52
CA TRP A 50 13.74 -6.42 4.78
C TRP A 50 13.83 -5.01 4.20
N LYS A 51 15.00 -4.40 4.33
CA LYS A 51 15.22 -3.05 3.82
C LYS A 51 15.27 -3.03 2.29
N GLU A 52 14.42 -2.21 1.69
CA GLU A 52 14.37 -2.11 0.23
C GLU A 52 15.69 -1.59 -0.32
N LYS A 53 16.52 -1.03 0.57
CA LYS A 53 17.82 -0.50 0.16
C LYS A 53 18.82 -1.62 -0.09
N GLU A 54 18.75 -2.65 0.73
CA GLU A 54 19.65 -3.79 0.60
C GLU A 54 18.93 -4.98 -0.03
N PHE A 55 17.62 -4.88 -0.15
CA PHE A 55 16.81 -5.94 -0.75
C PHE A 55 15.91 -5.40 -1.84
N PRO A 56 16.16 -5.82 -3.09
CA PRO A 56 15.39 -5.39 -4.25
C PRO A 56 13.97 -5.95 -4.24
N ASN A 57 13.80 -7.09 -3.58
CA ASN A 57 12.50 -7.74 -3.51
C ASN A 57 11.47 -6.82 -2.84
N ALA A 58 11.91 -6.09 -1.83
CA ALA A 58 11.04 -5.17 -1.11
C ALA A 58 10.38 -4.17 -2.07
N LYS A 59 11.19 -3.60 -2.96
CA LYS A 59 10.69 -2.64 -3.93
C LYS A 59 9.74 -3.29 -4.92
N GLU A 60 10.17 -4.41 -5.49
CA GLU A 60 9.35 -5.14 -6.45
C GLU A 60 8.01 -5.54 -5.85
N LEU A 61 8.05 -6.07 -4.63
CA LEU A 61 6.84 -6.49 -3.94
C LEU A 61 5.96 -5.28 -3.61
N CYS A 62 6.59 -4.21 -3.15
CA CYS A 62 5.88 -2.99 -2.79
C CYS A 62 5.04 -2.48 -3.97
N PHE A 63 5.66 -2.44 -5.15
CA PHE A 63 4.97 -1.98 -6.35
C PHE A 63 3.99 -3.03 -6.85
N ALA A 64 4.35 -4.29 -6.69
CA ALA A 64 3.50 -5.39 -7.12
C ALA A 64 2.23 -5.47 -6.28
N ASN A 65 2.34 -5.07 -5.02
CA ASN A 65 1.20 -5.08 -4.11
C ASN A 65 -0.01 -4.39 -4.74
N CYS A 66 -1.16 -5.05 -4.68
CA CYS A 66 -2.39 -4.50 -5.24
C CYS A 66 -3.61 -5.29 -4.77
N PRO A 67 -4.80 -4.68 -4.88
CA PRO A 67 -6.05 -5.30 -4.47
C PRO A 67 -6.45 -6.45 -5.38
N PRO A 68 -7.45 -7.23 -4.95
CA PRO A 68 -7.95 -8.38 -5.71
C PRO A 68 -8.70 -7.95 -6.97
N LEU A 69 -9.31 -8.92 -7.65
CA LEU A 69 -10.05 -8.65 -8.87
C LEU A 69 -11.55 -8.85 -8.66
N GLU A 70 -12.00 -8.65 -7.41
CA GLU A 70 -13.41 -8.81 -7.08
C GLU A 70 -14.28 -7.88 -7.93
N GLY A 1 -19.81 27.27 8.68
CA GLY A 1 -18.72 26.66 9.42
C GLY A 1 -17.48 27.54 9.46
N PRO A 2 -16.36 26.96 9.92
CA PRO A 2 -15.09 27.68 10.02
C PRO A 2 -14.49 27.99 8.65
N GLU A 3 -14.55 27.01 7.75
CA GLU A 3 -14.00 27.18 6.41
C GLU A 3 -14.70 26.25 5.42
N LYS A 4 -16.02 26.38 5.33
CA LYS A 4 -16.82 25.55 4.44
C LYS A 4 -16.72 24.07 4.81
N MET A 5 -17.75 23.56 5.47
CA MET A 5 -17.78 22.17 5.89
C MET A 5 -18.25 21.27 4.75
N GLU A 6 -17.97 19.97 4.88
CA GLU A 6 -18.36 19.01 3.85
C GLU A 6 -17.82 19.41 2.49
N VAL A 7 -16.53 19.17 2.27
CA VAL A 7 -15.89 19.51 1.01
C VAL A 7 -15.60 18.26 0.18
N LYS A 8 -15.61 18.42 -1.14
CA LYS A 8 -15.34 17.30 -2.03
C LYS A 8 -14.27 17.66 -3.05
N GLU A 9 -13.96 16.73 -3.95
CA GLU A 9 -12.95 16.95 -4.97
C GLU A 9 -13.17 16.02 -6.16
N ILE A 10 -12.20 16.00 -7.08
CA ILE A 10 -12.27 15.15 -8.26
C ILE A 10 -11.66 13.78 -7.99
N GLY A 11 -12.24 13.05 -7.04
CA GLY A 11 -11.73 11.73 -6.71
C GLY A 11 -12.12 10.69 -7.74
N ARG A 12 -11.20 10.39 -8.65
CA ARG A 12 -11.45 9.40 -9.70
C ARG A 12 -10.25 8.49 -9.88
N SER A 13 -9.99 7.63 -8.89
CA SER A 13 -8.87 6.71 -8.95
C SER A 13 -9.34 5.27 -8.79
N SER A 14 -8.40 4.33 -8.84
CA SER A 14 -8.72 2.91 -8.71
C SER A 14 -7.96 2.30 -7.54
N LYS A 15 -7.73 3.09 -6.51
CA LYS A 15 -7.02 2.63 -5.32
C LYS A 15 -7.84 1.58 -4.56
N ILE A 16 -7.16 0.59 -4.00
CA ILE A 16 -7.83 -0.45 -3.25
C ILE A 16 -6.82 -1.32 -2.50
N ILE A 17 -7.33 -2.20 -1.64
CA ILE A 17 -6.47 -3.10 -0.87
C ILE A 17 -6.67 -4.55 -1.29
N LEU A 18 -5.73 -5.41 -0.88
CA LEU A 18 -5.80 -6.82 -1.22
C LEU A 18 -5.40 -7.68 -0.02
N PRO A 19 -6.39 -8.36 0.57
CA PRO A 19 -6.16 -9.23 1.73
C PRO A 19 -5.38 -10.50 1.37
N ALA A 20 -4.58 -10.97 2.30
CA ALA A 20 -3.77 -12.18 2.07
C ALA A 20 -2.96 -12.53 3.30
N CYS A 21 -1.88 -11.77 3.53
CA CYS A 21 -1.01 -12.01 4.68
C CYS A 21 -1.05 -10.83 5.64
N MET A 22 -1.24 -9.63 5.10
CA MET A 22 -1.31 -8.42 5.91
C MET A 22 -2.13 -7.34 5.21
N HIS A 23 -2.04 -6.11 5.73
CA HIS A 23 -2.79 -4.99 5.15
C HIS A 23 -1.96 -4.30 4.09
N GLU A 24 -2.36 -4.47 2.83
CA GLU A 24 -1.64 -3.86 1.71
C GLU A 24 -2.60 -2.99 0.88
N THR A 25 -2.01 -2.14 0.03
CA THR A 25 -2.81 -1.27 -0.82
C THR A 25 -2.10 -1.00 -2.14
N CYS A 26 -2.85 -0.51 -3.12
CA CYS A 26 -2.30 -0.22 -4.44
C CYS A 26 -3.13 0.85 -5.15
N SER A 27 -2.45 1.70 -5.92
CA SER A 27 -3.12 2.77 -6.65
C SER A 27 -2.19 3.39 -7.68
N GLY A 28 -2.64 3.43 -8.93
CA GLY A 28 -1.84 4.00 -10.00
C GLY A 28 -2.67 4.78 -11.00
N GLY A 29 -3.47 5.72 -10.50
CA GLY A 29 -4.31 6.52 -11.37
C GLY A 29 -4.32 7.98 -10.98
N PHE A 30 -4.75 8.26 -9.75
CA PHE A 30 -4.81 9.63 -9.26
C PHE A 30 -4.01 9.77 -7.96
N SER A 31 -4.07 8.74 -7.13
CA SER A 31 -3.36 8.76 -5.85
C SER A 31 -1.91 8.35 -6.03
N LEU A 32 -1.69 7.33 -6.85
CA LEU A 32 -0.34 6.83 -7.11
C LEU A 32 0.36 6.45 -5.81
N LYS A 33 -0.10 5.37 -5.19
CA LYS A 33 0.48 4.89 -3.94
C LYS A 33 0.31 3.38 -3.81
N ASN A 34 0.85 2.83 -2.73
CA ASN A 34 0.75 1.40 -2.48
C ASN A 34 1.26 1.05 -1.08
N ASP A 35 0.64 0.07 -0.45
CA ASP A 35 1.03 -0.36 0.89
C ASP A 35 1.63 -1.76 0.86
N CYS A 36 2.88 -1.87 1.29
CA CYS A 36 3.57 -3.15 1.31
C CYS A 36 2.79 -4.18 2.12
N TRP A 37 3.35 -5.38 2.24
CA TRP A 37 2.70 -6.45 2.99
C TRP A 37 3.53 -6.84 4.21
N CYS A 38 3.09 -7.88 4.91
CA CYS A 38 3.79 -8.36 6.10
C CYS A 38 5.26 -8.63 5.78
N CYS A 39 6.02 -9.00 6.82
CA CYS A 39 7.44 -9.30 6.66
C CYS A 39 7.74 -10.75 7.00
N LEU A 40 9.02 -11.07 7.15
CA LEU A 40 9.44 -12.43 7.48
C LEU A 40 8.62 -12.98 8.65
N ARG A 41 8.47 -12.17 9.69
CA ARG A 41 7.72 -12.58 10.87
C ARG A 41 7.68 -11.45 11.90
N LEU A 42 6.47 -11.12 12.35
CA LEU A 42 6.29 -10.05 13.34
C LEU A 42 5.11 -10.37 14.26
N LYS A 43 5.27 -10.04 15.53
CA LYS A 43 4.22 -10.28 16.51
C LYS A 43 3.40 -9.03 16.75
N THR A 44 4.03 -7.87 16.62
CA THR A 44 3.36 -6.59 16.81
C THR A 44 3.28 -5.81 15.51
N LYS A 45 4.37 -5.80 14.76
CA LYS A 45 4.43 -5.09 13.48
C LYS A 45 5.81 -5.21 12.86
N GLN A 46 6.84 -5.27 13.70
CA GLN A 46 8.21 -5.38 13.23
C GLN A 46 8.97 -6.44 14.01
N ALA A 47 9.98 -7.03 13.37
CA ALA A 47 10.78 -8.07 14.00
C ALA A 47 11.86 -8.58 13.05
N ARG A 48 11.48 -9.42 12.11
CA ARG A 48 12.42 -9.98 11.14
C ARG A 48 12.00 -9.62 9.72
N CYS A 49 12.89 -8.93 9.01
CA CYS A 49 12.62 -8.53 7.63
C CYS A 49 13.92 -8.32 6.86
N TRP A 50 13.79 -7.94 5.60
CA TRP A 50 14.96 -7.71 4.75
C TRP A 50 15.00 -6.27 4.27
N LYS A 51 16.17 -5.64 4.41
CA LYS A 51 16.35 -4.25 3.99
C LYS A 51 16.37 -4.14 2.47
N GLU A 52 15.51 -3.28 1.93
CA GLU A 52 15.42 -3.08 0.49
C GLU A 52 16.73 -2.50 -0.05
N LYS A 53 17.57 -2.00 0.85
CA LYS A 53 18.85 -1.42 0.47
C LYS A 53 19.82 -2.50 0.03
N GLU A 54 19.79 -3.64 0.72
CA GLU A 54 20.67 -4.75 0.39
C GLU A 54 19.92 -5.86 -0.34
N PHE A 55 18.61 -5.91 -0.12
CA PHE A 55 17.77 -6.92 -0.76
C PHE A 55 16.88 -6.29 -1.84
N PRO A 56 17.14 -6.65 -3.10
CA PRO A 56 16.38 -6.14 -4.24
C PRO A 56 14.95 -6.68 -4.28
N ASN A 57 14.77 -7.88 -3.74
CA ASN A 57 13.46 -8.51 -3.71
C ASN A 57 12.45 -7.65 -2.96
N ALA A 58 12.93 -6.97 -1.91
CA ALA A 58 12.08 -6.11 -1.11
C ALA A 58 11.38 -5.06 -1.97
N LYS A 59 12.15 -4.38 -2.82
CA LYS A 59 11.62 -3.36 -3.70
C LYS A 59 10.70 -3.98 -4.76
N GLU A 60 11.14 -5.10 -5.32
CA GLU A 60 10.36 -5.79 -6.35
C GLU A 60 8.98 -6.18 -5.81
N LEU A 61 8.95 -6.70 -4.59
CA LEU A 61 7.70 -7.12 -3.97
C LEU A 61 6.82 -5.91 -3.65
N CYS A 62 7.43 -4.89 -3.06
CA CYS A 62 6.72 -3.68 -2.70
C CYS A 62 6.12 -3.01 -3.94
N PHE A 63 6.92 -2.97 -5.01
CA PHE A 63 6.47 -2.36 -6.26
C PHE A 63 5.46 -3.24 -6.98
N ALA A 64 5.73 -4.54 -6.97
CA ALA A 64 4.83 -5.50 -7.63
C ALA A 64 3.53 -5.65 -6.85
N ASN A 65 3.55 -5.27 -5.58
CA ASN A 65 2.38 -5.36 -4.73
C ASN A 65 1.17 -4.73 -5.41
N CYS A 66 0.05 -5.46 -5.42
CA CYS A 66 -1.17 -4.96 -6.04
C CYS A 66 -2.28 -6.02 -5.96
N PRO A 67 -3.54 -5.55 -6.00
CA PRO A 67 -4.71 -6.42 -5.94
C PRO A 67 -4.87 -7.27 -7.20
N PRO A 68 -5.76 -8.27 -7.14
CA PRO A 68 -6.04 -9.16 -8.26
C PRO A 68 -6.77 -8.45 -9.40
N LEU A 69 -6.61 -8.97 -10.61
CA LEU A 69 -7.25 -8.39 -11.78
C LEU A 69 -8.44 -9.23 -12.22
N GLU A 70 -9.15 -9.80 -11.26
CA GLU A 70 -10.32 -10.62 -11.54
C GLU A 70 -11.51 -9.76 -11.95
N GLY A 1 -16.27 17.66 16.34
CA GLY A 1 -15.07 18.46 16.37
C GLY A 1 -15.03 19.50 15.27
N PRO A 2 -14.12 20.48 15.39
CA PRO A 2 -13.97 21.55 14.40
C PRO A 2 -13.40 21.04 13.08
N GLU A 3 -13.12 21.97 12.18
CA GLU A 3 -12.57 21.61 10.87
C GLU A 3 -11.23 20.89 11.03
N LYS A 4 -11.25 19.58 10.81
CA LYS A 4 -10.04 18.76 10.91
C LYS A 4 -9.99 17.72 9.81
N MET A 5 -10.42 18.10 8.61
CA MET A 5 -10.43 17.20 7.47
C MET A 5 -10.05 17.94 6.19
N GLU A 6 -9.61 17.18 5.19
CA GLU A 6 -9.23 17.77 3.91
C GLU A 6 -10.23 17.39 2.81
N VAL A 7 -10.03 17.96 1.63
CA VAL A 7 -10.91 17.68 0.50
C VAL A 7 -10.10 17.47 -0.78
N LYS A 8 -10.53 16.51 -1.59
CA LYS A 8 -9.85 16.20 -2.84
C LYS A 8 -10.77 15.42 -3.78
N GLU A 9 -10.39 15.36 -5.07
CA GLU A 9 -11.18 14.65 -6.05
C GLU A 9 -10.37 14.43 -7.33
N ILE A 10 -11.06 14.03 -8.40
CA ILE A 10 -10.41 13.80 -9.68
C ILE A 10 -9.35 12.69 -9.57
N GLY A 11 -9.81 11.45 -9.51
CA GLY A 11 -8.89 10.32 -9.40
C GLY A 11 -8.89 9.46 -10.65
N ARG A 12 -9.89 8.60 -10.76
CA ARG A 12 -10.00 7.70 -11.91
C ARG A 12 -8.70 6.93 -12.12
N SER A 13 -8.32 6.12 -11.13
CA SER A 13 -7.11 5.33 -11.20
C SER A 13 -7.37 3.88 -10.84
N SER A 14 -8.64 3.55 -10.61
CA SER A 14 -9.04 2.20 -10.24
C SER A 14 -8.30 1.74 -8.99
N LYS A 15 -8.06 2.67 -8.07
CA LYS A 15 -7.36 2.36 -6.84
C LYS A 15 -8.20 1.46 -5.94
N ILE A 16 -7.54 0.55 -5.23
CA ILE A 16 -8.23 -0.38 -4.34
C ILE A 16 -7.24 -1.12 -3.44
N ILE A 17 -7.78 -1.82 -2.45
CA ILE A 17 -6.94 -2.58 -1.52
C ILE A 17 -7.16 -4.08 -1.69
N LEU A 18 -6.24 -4.86 -1.14
CA LEU A 18 -6.33 -6.32 -1.22
C LEU A 18 -6.09 -6.96 0.14
N PRO A 19 -7.16 -7.49 0.75
CA PRO A 19 -7.08 -8.13 2.07
C PRO A 19 -6.33 -9.47 2.01
N ALA A 20 -5.66 -9.80 3.10
CA ALA A 20 -4.90 -11.05 3.18
C ALA A 20 -4.24 -11.21 4.55
N CYS A 21 -3.16 -10.47 4.76
CA CYS A 21 -2.42 -10.53 6.03
C CYS A 21 -2.28 -9.14 6.64
N MET A 22 -2.09 -8.14 5.78
CA MET A 22 -1.94 -6.77 6.24
C MET A 22 -2.76 -5.81 5.36
N HIS A 23 -2.52 -4.51 5.54
CA HIS A 23 -3.24 -3.50 4.77
C HIS A 23 -2.41 -3.03 3.57
N GLU A 24 -2.84 -3.41 2.37
CA GLU A 24 -2.14 -3.03 1.15
C GLU A 24 -3.06 -2.28 0.20
N THR A 25 -2.47 -1.62 -0.79
CA THR A 25 -3.24 -0.86 -1.77
C THR A 25 -2.52 -0.81 -3.11
N CYS A 26 -3.26 -0.48 -4.17
CA CYS A 26 -2.70 -0.39 -5.50
C CYS A 26 -3.53 0.53 -6.39
N SER A 27 -2.85 1.25 -7.29
CA SER A 27 -3.53 2.17 -8.19
C SER A 27 -2.61 2.58 -9.33
N GLY A 28 -3.09 2.40 -10.56
CA GLY A 28 -2.30 2.74 -11.72
C GLY A 28 -3.16 3.23 -12.88
N GLY A 29 -2.98 4.51 -13.24
CA GLY A 29 -3.76 5.07 -14.34
C GLY A 29 -3.73 6.58 -14.34
N PHE A 30 -3.58 7.17 -13.15
CA PHE A 30 -3.55 8.63 -13.02
C PHE A 30 -2.99 9.03 -11.66
N SER A 31 -3.35 8.29 -10.62
CA SER A 31 -2.88 8.58 -9.27
C SER A 31 -1.52 7.93 -9.02
N LEU A 32 -1.40 6.66 -9.41
CA LEU A 32 -0.15 5.93 -9.23
C LEU A 32 0.22 5.85 -7.75
N LYS A 33 -0.06 4.71 -7.13
CA LYS A 33 0.26 4.52 -5.72
C LYS A 33 -0.07 3.08 -5.29
N ASN A 34 0.49 2.67 -4.16
CA ASN A 34 0.27 1.33 -3.63
C ASN A 34 0.80 1.20 -2.21
N ASP A 35 0.05 0.49 -1.37
CA ASP A 35 0.45 0.29 0.02
C ASP A 35 1.05 -1.09 0.23
N CYS A 36 2.26 -1.13 0.76
CA CYS A 36 2.96 -2.39 1.00
C CYS A 36 2.04 -3.39 1.72
N TRP A 37 2.45 -4.64 1.74
CA TRP A 37 1.67 -5.69 2.40
C TRP A 37 2.39 -6.23 3.62
N CYS A 38 1.90 -7.34 4.17
CA CYS A 38 2.51 -7.95 5.34
C CYS A 38 4.02 -8.07 5.17
N CYS A 39 4.73 -8.14 6.30
CA CYS A 39 6.19 -8.25 6.28
C CYS A 39 6.64 -9.57 6.88
N LEU A 40 7.93 -9.67 7.19
CA LEU A 40 8.49 -10.89 7.76
C LEU A 40 7.63 -11.39 8.92
N ARG A 41 7.56 -10.60 9.99
CA ARG A 41 6.78 -10.96 11.16
C ARG A 41 6.55 -9.75 12.06
N LEU A 42 5.33 -9.60 12.55
CA LEU A 42 4.98 -8.48 13.42
C LEU A 42 3.91 -8.89 14.43
N LYS A 43 3.63 -8.01 15.38
CA LYS A 43 2.63 -8.28 16.40
C LYS A 43 1.51 -7.23 16.36
N THR A 44 1.89 -5.99 16.06
CA THR A 44 0.93 -4.90 15.98
C THR A 44 0.83 -4.36 14.56
N LYS A 45 1.95 -4.34 13.85
CA LYS A 45 1.98 -3.85 12.48
C LYS A 45 3.41 -3.86 11.94
N GLN A 46 4.38 -3.64 12.83
CA GLN A 46 5.78 -3.62 12.43
C GLN A 46 6.65 -4.34 13.46
N ALA A 47 7.76 -4.89 13.00
CA ALA A 47 8.67 -5.61 13.89
C ALA A 47 9.89 -6.12 13.13
N ARG A 48 9.68 -7.10 12.26
CA ARG A 48 10.75 -7.67 11.47
C ARG A 48 10.47 -7.53 9.97
N CYS A 49 11.36 -6.84 9.27
CA CYS A 49 11.21 -6.63 7.83
C CYS A 49 12.56 -6.39 7.17
N TRP A 50 12.54 -6.17 5.86
CA TRP A 50 13.76 -5.92 5.11
C TRP A 50 13.75 -4.51 4.53
N LYS A 51 14.87 -3.81 4.69
CA LYS A 51 15.02 -2.45 4.18
C LYS A 51 15.13 -2.45 2.66
N GLU A 52 14.27 -1.67 2.00
CA GLU A 52 14.27 -1.58 0.55
C GLU A 52 15.60 -1.01 0.04
N LYS A 53 16.36 -0.40 0.95
CA LYS A 53 17.65 0.18 0.60
C LYS A 53 18.70 -0.92 0.43
N GLU A 54 18.63 -1.94 1.27
CA GLU A 54 19.58 -3.05 1.21
C GLU A 54 18.95 -4.27 0.56
N PHE A 55 17.64 -4.21 0.34
CA PHE A 55 16.91 -5.32 -0.27
C PHE A 55 16.06 -4.82 -1.43
N PRO A 56 16.43 -5.23 -2.65
CA PRO A 56 15.70 -4.84 -3.87
C PRO A 56 14.32 -5.49 -3.96
N ASN A 57 14.20 -6.69 -3.40
CA ASN A 57 12.93 -7.41 -3.43
C ASN A 57 11.84 -6.61 -2.75
N ALA A 58 12.23 -5.77 -1.78
CA ALA A 58 11.27 -4.95 -1.05
C ALA A 58 10.51 -4.04 -2.01
N LYS A 59 11.24 -3.33 -2.86
CA LYS A 59 10.62 -2.42 -3.83
C LYS A 59 9.86 -3.20 -4.90
N GLU A 60 10.38 -4.36 -5.27
CA GLU A 60 9.76 -5.20 -6.28
C GLU A 60 8.41 -5.72 -5.79
N LEU A 61 8.40 -6.23 -4.56
CA LEU A 61 7.17 -6.77 -3.97
C LEU A 61 6.17 -5.66 -3.70
N CYS A 62 6.65 -4.55 -3.16
CA CYS A 62 5.79 -3.41 -2.86
C CYS A 62 5.13 -2.87 -4.12
N PHE A 63 5.92 -2.79 -5.20
CA PHE A 63 5.43 -2.29 -6.47
C PHE A 63 4.49 -3.29 -7.13
N ALA A 64 4.81 -4.58 -6.98
CA ALA A 64 4.00 -5.64 -7.56
C ALA A 64 2.70 -5.84 -6.78
N ASN A 65 2.74 -5.46 -5.50
CA ASN A 65 1.56 -5.60 -4.64
C ASN A 65 0.33 -4.97 -5.30
N CYS A 66 -0.60 -5.82 -5.73
CA CYS A 66 -1.83 -5.35 -6.37
C CYS A 66 -2.98 -6.30 -6.11
N PRO A 67 -4.21 -5.80 -6.29
CA PRO A 67 -5.43 -6.60 -6.07
C PRO A 67 -5.60 -7.69 -7.13
N PRO A 68 -6.54 -8.62 -6.87
CA PRO A 68 -6.82 -9.73 -7.79
C PRO A 68 -7.50 -9.26 -9.07
N LEU A 69 -7.21 -9.95 -10.17
CA LEU A 69 -7.78 -9.60 -11.46
C LEU A 69 -8.70 -10.71 -11.97
N GLU A 70 -9.30 -11.44 -11.03
CA GLU A 70 -10.20 -12.53 -11.38
C GLU A 70 -11.49 -12.01 -12.01
N GLY A 1 -24.48 24.78 6.34
CA GLY A 1 -25.30 24.33 5.23
C GLY A 1 -25.36 25.34 4.10
N PRO A 2 -26.05 26.47 4.34
CA PRO A 2 -26.19 27.53 3.34
C PRO A 2 -24.88 28.28 3.11
N GLU A 3 -24.96 29.35 2.31
CA GLU A 3 -23.77 30.15 2.01
C GLU A 3 -22.65 29.26 1.47
N LYS A 4 -23.02 28.19 0.78
CA LYS A 4 -22.04 27.26 0.22
C LYS A 4 -22.36 26.97 -1.24
N MET A 5 -21.39 26.39 -1.95
CA MET A 5 -21.57 26.05 -3.36
C MET A 5 -21.17 24.60 -3.61
N GLU A 6 -19.94 24.26 -3.25
CA GLU A 6 -19.43 22.91 -3.45
C GLU A 6 -18.23 22.63 -2.54
N VAL A 7 -17.26 23.55 -2.56
CA VAL A 7 -16.06 23.41 -1.75
C VAL A 7 -15.63 21.95 -1.65
N LYS A 8 -15.57 21.28 -2.79
CA LYS A 8 -15.17 19.87 -2.83
C LYS A 8 -13.86 19.70 -3.59
N GLU A 9 -13.50 18.45 -3.87
CA GLU A 9 -12.28 18.15 -4.60
C GLU A 9 -12.50 17.01 -5.60
N ILE A 10 -11.41 16.52 -6.17
CA ILE A 10 -11.48 15.43 -7.14
C ILE A 10 -11.37 14.08 -6.45
N GLY A 11 -12.32 13.78 -5.58
CA GLY A 11 -12.32 12.52 -4.86
C GLY A 11 -12.77 11.37 -5.73
N ARG A 12 -11.82 10.70 -6.37
CA ARG A 12 -12.13 9.57 -7.24
C ARG A 12 -10.86 8.78 -7.57
N SER A 13 -10.51 7.84 -6.70
CA SER A 13 -9.32 7.01 -6.90
C SER A 13 -9.65 5.54 -6.71
N SER A 14 -8.63 4.70 -6.78
CA SER A 14 -8.80 3.26 -6.62
C SER A 14 -7.90 2.70 -5.53
N LYS A 15 -7.61 3.54 -4.54
CA LYS A 15 -6.76 3.14 -3.42
C LYS A 15 -7.44 2.07 -2.56
N ILE A 16 -6.65 1.15 -2.04
CA ILE A 16 -7.18 0.07 -1.21
C ILE A 16 -6.06 -0.68 -0.52
N ILE A 17 -6.42 -1.52 0.45
CA ILE A 17 -5.44 -2.31 1.18
C ILE A 17 -5.66 -3.81 0.95
N LEU A 18 -4.66 -4.61 1.32
CA LEU A 18 -4.74 -6.05 1.16
C LEU A 18 -4.52 -6.77 2.49
N PRO A 19 -5.60 -7.31 3.06
CA PRO A 19 -5.54 -8.03 4.34
C PRO A 19 -4.82 -9.37 4.22
N ALA A 20 -4.10 -9.74 5.27
CA ALA A 20 -3.36 -10.99 5.28
C ALA A 20 -2.64 -11.19 6.62
N CYS A 21 -1.51 -10.49 6.79
CA CYS A 21 -0.73 -10.59 8.01
C CYS A 21 -0.17 -9.23 8.41
N MET A 22 0.33 -8.48 7.43
CA MET A 22 0.89 -7.17 7.67
C MET A 22 -0.04 -6.08 7.14
N HIS A 23 0.47 -4.85 7.11
CA HIS A 23 -0.31 -3.71 6.63
C HIS A 23 0.23 -3.21 5.30
N GLU A 24 -0.52 -3.45 4.23
CA GLU A 24 -0.12 -3.02 2.89
C GLU A 24 -1.19 -2.15 2.26
N THR A 25 -0.82 -1.45 1.18
CA THR A 25 -1.74 -0.58 0.47
C THR A 25 -1.29 -0.33 -0.95
N CYS A 26 -2.20 0.15 -1.79
CA CYS A 26 -1.88 0.43 -3.18
C CYS A 26 -2.84 1.49 -3.75
N SER A 27 -2.32 2.33 -4.64
CA SER A 27 -3.12 3.38 -5.25
C SER A 27 -2.38 4.01 -6.43
N GLY A 28 -3.06 4.10 -7.56
CA GLY A 28 -2.46 4.68 -8.75
C GLY A 28 -3.45 5.46 -9.59
N GLY A 29 -4.29 6.25 -8.93
CA GLY A 29 -5.29 7.04 -9.64
C GLY A 29 -5.26 8.50 -9.24
N PHE A 30 -5.41 8.76 -7.94
CA PHE A 30 -5.41 10.13 -7.43
C PHE A 30 -4.38 10.29 -6.32
N SER A 31 -4.23 9.26 -5.50
CA SER A 31 -3.28 9.29 -4.40
C SER A 31 -1.88 8.91 -4.87
N LEU A 32 -1.80 7.88 -5.71
CA LEU A 32 -0.53 7.41 -6.24
C LEU A 32 0.42 7.05 -5.11
N LYS A 33 0.11 5.98 -4.39
CA LYS A 33 0.94 5.53 -3.28
C LYS A 33 0.79 4.02 -3.06
N ASN A 34 1.50 3.50 -2.07
CA ASN A 34 1.44 2.07 -1.76
C ASN A 34 2.16 1.77 -0.45
N ASP A 35 1.69 0.75 0.25
CA ASP A 35 2.29 0.36 1.52
C ASP A 35 2.84 -1.06 1.44
N CYS A 36 4.10 -1.23 1.83
CA CYS A 36 4.75 -2.53 1.82
C CYS A 36 3.87 -3.59 2.47
N TRP A 37 4.19 -4.85 2.23
CA TRP A 37 3.43 -5.96 2.80
C TRP A 37 4.28 -6.77 3.77
N CYS A 38 3.79 -7.93 4.16
CA CYS A 38 4.50 -8.80 5.08
C CYS A 38 5.97 -8.90 4.71
N CYS A 39 6.85 -8.77 5.71
CA CYS A 39 8.28 -8.84 5.49
C CYS A 39 8.72 -10.29 5.26
N LEU A 40 10.03 -10.52 5.29
CA LEU A 40 10.58 -11.85 5.09
C LEU A 40 9.89 -12.87 6.00
N ARG A 41 10.23 -12.85 7.28
CA ARG A 41 9.65 -13.76 8.25
C ARG A 41 9.61 -13.13 9.64
N LEU A 42 8.41 -12.92 10.16
CA LEU A 42 8.24 -12.33 11.48
C LEU A 42 6.89 -12.72 12.08
N LYS A 43 6.57 -12.13 13.23
CA LYS A 43 5.31 -12.41 13.91
C LYS A 43 4.52 -11.13 14.14
N THR A 44 5.12 -9.99 13.78
CA THR A 44 4.48 -8.69 13.95
C THR A 44 5.39 -7.56 13.50
N LYS A 45 6.68 -7.72 13.75
CA LYS A 45 7.66 -6.71 13.36
C LYS A 45 9.08 -7.20 13.63
N GLN A 46 9.24 -7.98 14.69
CA GLN A 46 10.54 -8.52 15.06
C GLN A 46 11.02 -9.55 14.04
N ALA A 47 11.99 -10.36 14.44
CA ALA A 47 12.53 -11.39 13.57
C ALA A 47 13.36 -10.79 12.45
N ARG A 48 13.68 -11.61 11.45
CA ARG A 48 14.47 -11.15 10.31
C ARG A 48 13.57 -10.60 9.21
N CYS A 49 14.05 -9.58 8.50
CA CYS A 49 13.29 -8.96 7.42
C CYS A 49 14.04 -9.08 6.10
N TRP A 50 13.42 -8.57 5.03
CA TRP A 50 14.04 -8.61 3.71
C TRP A 50 14.82 -7.34 3.43
N LYS A 51 16.11 -7.49 3.16
CA LYS A 51 16.98 -6.35 2.87
C LYS A 51 16.89 -5.95 1.40
N GLU A 52 16.06 -4.94 1.11
CA GLU A 52 15.89 -4.47 -0.25
C GLU A 52 17.20 -3.90 -0.80
N LYS A 53 18.14 -3.64 0.09
CA LYS A 53 19.44 -3.10 -0.30
C LYS A 53 20.30 -4.17 -0.96
N GLU A 54 20.23 -5.39 -0.42
CA GLU A 54 21.01 -6.50 -0.95
C GLU A 54 20.17 -7.33 -1.92
N PHE A 55 18.92 -7.55 -1.56
CA PHE A 55 18.01 -8.34 -2.39
C PHE A 55 16.96 -7.45 -3.03
N PRO A 56 17.04 -7.29 -4.37
CA PRO A 56 16.10 -6.46 -5.13
C PRO A 56 14.70 -7.08 -5.19
N ASN A 57 14.62 -8.38 -4.93
CA ASN A 57 13.35 -9.10 -4.95
C ASN A 57 12.34 -8.43 -4.02
N ALA A 58 12.79 -8.07 -2.83
CA ALA A 58 11.93 -7.42 -1.84
C ALA A 58 11.37 -6.11 -2.39
N LYS A 59 12.22 -5.35 -3.05
CA LYS A 59 11.80 -4.07 -3.62
C LYS A 59 10.74 -4.26 -4.70
N GLU A 60 10.95 -5.24 -5.56
CA GLU A 60 10.01 -5.54 -6.64
C GLU A 60 8.66 -5.96 -6.07
N LEU A 61 8.70 -6.80 -5.04
CA LEU A 61 7.48 -7.28 -4.40
C LEU A 61 6.73 -6.15 -3.71
N CYS A 62 7.49 -5.26 -3.07
CA CYS A 62 6.91 -4.12 -2.37
C CYS A 62 6.23 -3.16 -3.35
N PHE A 63 6.87 -2.94 -4.49
CA PHE A 63 6.34 -2.05 -5.51
C PHE A 63 5.17 -2.69 -6.23
N ALA A 64 5.28 -3.99 -6.49
CA ALA A 64 4.22 -4.72 -7.18
C ALA A 64 3.07 -5.03 -6.23
N ASN A 65 3.34 -4.98 -4.93
CA ASN A 65 2.32 -5.26 -3.92
C ASN A 65 1.05 -4.46 -4.20
N CYS A 66 -0.09 -5.14 -4.15
CA CYS A 66 -1.37 -4.50 -4.40
C CYS A 66 -2.53 -5.41 -3.99
N PRO A 67 -3.67 -4.81 -3.62
CA PRO A 67 -4.86 -5.54 -3.21
C PRO A 67 -5.51 -6.29 -4.37
N PRO A 68 -6.49 -7.15 -4.04
CA PRO A 68 -7.22 -7.94 -5.05
C PRO A 68 -8.13 -7.07 -5.91
N LEU A 69 -8.88 -7.71 -6.79
CA LEU A 69 -9.80 -7.01 -7.67
C LEU A 69 -11.18 -7.68 -7.68
N GLU A 70 -11.56 -8.25 -6.54
CA GLU A 70 -12.85 -8.92 -6.42
C GLU A 70 -13.69 -8.27 -5.33
N GLY A 1 -29.05 29.25 -5.39
CA GLY A 1 -28.78 28.69 -4.08
C GLY A 1 -28.05 27.37 -4.16
N PRO A 2 -26.75 27.42 -4.47
CA PRO A 2 -25.91 26.22 -4.58
C PRO A 2 -25.66 25.56 -3.23
N GLU A 3 -24.89 24.47 -3.25
CA GLU A 3 -24.58 23.75 -2.02
C GLU A 3 -23.65 24.56 -1.12
N LYS A 4 -24.23 25.37 -0.26
CA LYS A 4 -23.45 26.20 0.66
C LYS A 4 -22.80 25.35 1.74
N MET A 5 -21.63 24.80 1.43
CA MET A 5 -20.90 23.97 2.38
C MET A 5 -19.39 24.15 2.21
N GLU A 6 -18.63 23.59 3.15
CA GLU A 6 -17.18 23.70 3.10
C GLU A 6 -16.53 22.31 3.24
N VAL A 7 -17.16 21.31 2.65
CA VAL A 7 -16.66 19.95 2.70
C VAL A 7 -16.56 19.35 1.30
N LYS A 8 -15.33 19.13 0.85
CA LYS A 8 -15.10 18.55 -0.47
C LYS A 8 -13.61 18.29 -0.69
N GLU A 9 -13.29 17.16 -1.33
CA GLU A 9 -11.92 16.79 -1.59
C GLU A 9 -11.73 16.39 -3.06
N ILE A 10 -10.57 15.82 -3.37
CA ILE A 10 -10.27 15.40 -4.74
C ILE A 10 -10.11 13.89 -4.81
N GLY A 11 -11.11 13.16 -4.35
CA GLY A 11 -11.05 11.70 -4.36
C GLY A 11 -11.46 11.14 -5.71
N ARG A 12 -10.47 10.65 -6.46
CA ARG A 12 -10.73 10.07 -7.77
C ARG A 12 -9.64 9.08 -8.16
N SER A 13 -9.29 8.20 -7.22
CA SER A 13 -8.25 7.21 -7.46
C SER A 13 -8.80 5.79 -7.26
N SER A 14 -7.90 4.82 -7.24
CA SER A 14 -8.29 3.42 -7.06
C SER A 14 -7.44 2.76 -5.99
N LYS A 15 -7.00 3.55 -5.01
CA LYS A 15 -6.18 3.04 -3.92
C LYS A 15 -6.97 2.08 -3.04
N ILE A 16 -6.30 1.06 -2.53
CA ILE A 16 -6.95 0.08 -1.67
C ILE A 16 -5.92 -0.86 -1.03
N ILE A 17 -6.39 -1.74 -0.15
CA ILE A 17 -5.52 -2.68 0.53
C ILE A 17 -5.83 -4.12 0.11
N LEU A 18 -4.91 -5.03 0.41
CA LEU A 18 -5.09 -6.43 0.06
C LEU A 18 -4.93 -7.32 1.29
N PRO A 19 -6.07 -7.84 1.79
CA PRO A 19 -6.09 -8.72 2.97
C PRO A 19 -5.46 -10.07 2.69
N ALA A 20 -4.19 -10.23 3.08
CA ALA A 20 -3.48 -11.48 2.87
C ALA A 20 -2.89 -12.00 4.18
N CYS A 21 -1.77 -11.42 4.60
CA CYS A 21 -1.11 -11.82 5.83
C CYS A 21 -0.88 -10.62 6.73
N MET A 22 -0.47 -9.50 6.14
CA MET A 22 -0.21 -8.29 6.90
C MET A 22 -0.98 -7.10 6.30
N HIS A 23 -0.63 -5.90 6.74
CA HIS A 23 -1.29 -4.69 6.25
C HIS A 23 -0.56 -4.14 5.02
N GLU A 24 -1.19 -4.30 3.86
CA GLU A 24 -0.62 -3.81 2.61
C GLU A 24 -1.55 -2.82 1.92
N THR A 25 -1.01 -2.09 0.95
CA THR A 25 -1.78 -1.10 0.21
C THR A 25 -1.20 -0.86 -1.17
N CYS A 26 -2.00 -0.27 -2.06
CA CYS A 26 -1.55 0.03 -3.40
C CYS A 26 -2.36 1.17 -4.01
N SER A 27 -1.70 2.00 -4.81
CA SER A 27 -2.35 3.14 -5.44
C SER A 27 -1.46 3.74 -6.52
N GLY A 28 -1.96 3.74 -7.76
CA GLY A 28 -1.20 4.28 -8.87
C GLY A 28 -2.03 5.18 -9.75
N GLY A 29 -2.31 6.40 -9.28
CA GLY A 29 -3.11 7.33 -10.04
C GLY A 29 -3.16 8.70 -9.41
N PHE A 30 -3.44 8.75 -8.11
CA PHE A 30 -3.52 10.01 -7.38
C PHE A 30 -2.60 9.99 -6.16
N SER A 31 -2.51 8.84 -5.51
CA SER A 31 -1.67 8.69 -4.33
C SER A 31 -0.26 8.25 -4.72
N LEU A 32 -0.17 7.28 -5.60
CA LEU A 32 1.12 6.77 -6.06
C LEU A 32 1.92 6.20 -4.89
N LYS A 33 1.33 5.22 -4.20
CA LYS A 33 2.00 4.59 -3.07
C LYS A 33 1.52 3.15 -2.89
N ASN A 34 2.10 2.45 -1.93
CA ASN A 34 1.73 1.07 -1.66
C ASN A 34 2.44 0.54 -0.41
N ASP A 35 1.71 -0.22 0.40
CA ASP A 35 2.26 -0.78 1.63
C ASP A 35 2.70 -2.23 1.41
N CYS A 36 3.94 -2.53 1.77
CA CYS A 36 4.48 -3.87 1.62
C CYS A 36 3.62 -4.89 2.36
N TRP A 37 4.05 -6.14 2.35
CA TRP A 37 3.32 -7.22 3.01
C TRP A 37 4.11 -7.76 4.20
N CYS A 38 3.59 -8.83 4.80
CA CYS A 38 4.24 -9.45 5.95
C CYS A 38 5.73 -9.69 5.66
N CYS A 39 6.59 -8.95 6.36
CA CYS A 39 8.03 -9.09 6.18
C CYS A 39 8.48 -10.52 6.46
N LEU A 40 9.78 -10.74 6.43
CA LEU A 40 10.35 -12.06 6.67
C LEU A 40 9.71 -12.70 7.91
N ARG A 41 9.95 -12.09 9.06
CA ARG A 41 9.40 -12.61 10.31
C ARG A 41 9.52 -11.57 11.43
N LEU A 42 8.71 -11.73 12.47
CA LEU A 42 8.73 -10.80 13.59
C LEU A 42 8.13 -11.46 14.84
N LYS A 43 8.69 -11.12 16.00
CA LYS A 43 8.23 -11.67 17.27
C LYS A 43 7.39 -10.65 18.04
N THR A 44 6.98 -9.59 17.33
CA THR A 44 6.18 -8.53 17.95
C THR A 44 5.66 -7.56 16.90
N LYS A 45 6.48 -7.28 15.90
CA LYS A 45 6.09 -6.37 14.83
C LYS A 45 7.27 -6.12 13.88
N GLN A 46 8.47 -6.17 14.41
CA GLN A 46 9.67 -5.95 13.62
C GLN A 46 10.79 -6.91 14.03
N ALA A 47 11.56 -7.37 13.06
CA ALA A 47 12.67 -8.29 13.33
C ALA A 47 13.46 -8.57 12.07
N ARG A 48 12.88 -9.36 11.16
CA ARG A 48 13.54 -9.71 9.91
C ARG A 48 12.71 -9.26 8.71
N CYS A 49 13.30 -8.43 7.87
CA CYS A 49 12.61 -7.92 6.68
C CYS A 49 13.38 -8.29 5.41
N TRP A 50 12.84 -7.88 4.27
CA TRP A 50 13.47 -8.18 2.98
C TRP A 50 14.39 -7.04 2.56
N LYS A 51 15.65 -7.35 2.35
CA LYS A 51 16.63 -6.35 1.94
C LYS A 51 16.51 -6.06 0.45
N GLU A 52 15.72 -5.05 0.10
CA GLU A 52 15.52 -4.68 -1.29
C GLU A 52 16.83 -4.20 -1.92
N LYS A 53 17.80 -3.89 -1.06
CA LYS A 53 19.11 -3.42 -1.53
C LYS A 53 19.92 -4.56 -2.11
N GLU A 54 19.72 -5.76 -1.58
CA GLU A 54 20.44 -6.95 -2.05
C GLU A 54 19.54 -7.81 -2.93
N PHE A 55 18.29 -7.96 -2.53
CA PHE A 55 17.33 -8.76 -3.28
C PHE A 55 16.27 -7.88 -3.93
N PRO A 56 16.31 -7.79 -5.26
CA PRO A 56 15.35 -6.98 -6.03
C PRO A 56 13.95 -7.57 -6.01
N ASN A 57 13.85 -8.84 -5.66
CA ASN A 57 12.57 -9.53 -5.60
C ASN A 57 11.59 -8.77 -4.70
N ALA A 58 12.07 -8.33 -3.54
CA ALA A 58 11.24 -7.59 -2.60
C ALA A 58 10.74 -6.28 -3.22
N LYS A 59 11.61 -5.61 -3.95
CA LYS A 59 11.24 -4.36 -4.60
C LYS A 59 10.12 -4.56 -5.61
N GLU A 60 10.24 -5.61 -6.42
CA GLU A 60 9.23 -5.92 -7.43
C GLU A 60 7.92 -6.32 -6.77
N LEU A 61 8.01 -7.12 -5.71
CA LEU A 61 6.82 -7.57 -4.99
C LEU A 61 6.14 -6.42 -4.28
N CYS A 62 6.94 -5.53 -3.70
CA CYS A 62 6.41 -4.36 -2.99
C CYS A 62 5.73 -3.40 -3.96
N PHE A 63 6.34 -3.20 -5.12
CA PHE A 63 5.79 -2.30 -6.13
C PHE A 63 4.58 -2.93 -6.81
N ALA A 64 4.68 -4.21 -7.14
CA ALA A 64 3.60 -4.92 -7.79
C ALA A 64 2.49 -5.25 -6.80
N ASN A 65 2.81 -5.24 -5.52
CA ASN A 65 1.83 -5.54 -4.47
C ASN A 65 0.58 -4.69 -4.64
N CYS A 66 -0.48 -5.31 -5.16
CA CYS A 66 -1.74 -4.61 -5.38
C CYS A 66 -2.92 -5.53 -5.08
N PRO A 67 -4.04 -4.94 -4.62
CA PRO A 67 -5.25 -5.67 -4.29
C PRO A 67 -5.94 -6.23 -5.54
N PRO A 68 -6.93 -7.12 -5.33
CA PRO A 68 -7.69 -7.73 -6.42
C PRO A 68 -8.61 -6.74 -7.11
N LEU A 69 -9.35 -7.22 -8.10
CA LEU A 69 -10.28 -6.37 -8.85
C LEU A 69 -11.68 -6.97 -8.86
N GLU A 70 -12.03 -7.67 -7.79
CA GLU A 70 -13.34 -8.29 -7.67
C GLU A 70 -14.40 -7.25 -7.30
N GLY A 1 -17.60 35.76 -6.67
CA GLY A 1 -17.58 36.29 -5.32
C GLY A 1 -16.30 35.94 -4.58
N PRO A 2 -16.29 36.19 -3.27
CA PRO A 2 -15.13 35.90 -2.42
C PRO A 2 -14.90 34.40 -2.24
N GLU A 3 -13.96 34.05 -1.36
CA GLU A 3 -13.64 32.65 -1.10
C GLU A 3 -14.65 32.04 -0.12
N LYS A 4 -15.77 31.57 -0.66
CA LYS A 4 -16.82 30.97 0.16
C LYS A 4 -16.90 29.47 -0.09
N MET A 5 -16.25 28.69 0.78
CA MET A 5 -16.26 27.24 0.64
C MET A 5 -17.54 26.65 1.22
N GLU A 6 -17.83 25.40 0.84
CA GLU A 6 -19.03 24.73 1.32
C GLU A 6 -18.71 23.29 1.74
N VAL A 7 -18.37 22.46 0.76
CA VAL A 7 -18.04 21.06 1.03
C VAL A 7 -17.54 20.36 -0.23
N LYS A 8 -16.63 19.41 -0.06
CA LYS A 8 -16.09 18.66 -1.19
C LYS A 8 -15.96 17.18 -0.84
N GLU A 9 -15.74 16.36 -1.86
CA GLU A 9 -15.60 14.92 -1.67
C GLU A 9 -14.76 14.30 -2.78
N ILE A 10 -15.36 14.13 -3.95
CA ILE A 10 -14.66 13.55 -5.10
C ILE A 10 -14.01 12.24 -4.72
N GLY A 11 -14.83 11.25 -4.35
CA GLY A 11 -14.30 9.95 -3.98
C GLY A 11 -14.50 8.91 -5.06
N ARG A 12 -13.51 8.74 -5.92
CA ARG A 12 -13.58 7.77 -7.01
C ARG A 12 -12.21 7.19 -7.31
N SER A 13 -11.73 6.31 -6.43
CA SER A 13 -10.43 5.69 -6.59
C SER A 13 -10.57 4.18 -6.75
N SER A 14 -9.43 3.50 -6.90
CA SER A 14 -9.44 2.05 -7.06
C SER A 14 -8.59 1.38 -5.98
N LYS A 15 -8.54 2.01 -4.80
CA LYS A 15 -7.77 1.48 -3.69
C LYS A 15 -8.38 0.18 -3.17
N ILE A 16 -7.52 -0.74 -2.74
CA ILE A 16 -7.98 -2.03 -2.23
C ILE A 16 -6.83 -2.79 -1.58
N ILE A 17 -7.17 -3.88 -0.89
CA ILE A 17 -6.17 -4.70 -0.21
C ILE A 17 -6.09 -6.08 -0.85
N LEU A 18 -5.01 -6.81 -0.54
CA LEU A 18 -4.81 -8.15 -1.09
C LEU A 18 -4.33 -9.10 0.01
N PRO A 19 -5.22 -10.01 0.44
CA PRO A 19 -4.91 -11.00 1.47
C PRO A 19 -3.92 -12.05 0.99
N ALA A 20 -3.08 -12.53 1.90
CA ALA A 20 -2.09 -13.55 1.56
C ALA A 20 -1.33 -13.99 2.81
N CYS A 21 -0.37 -13.19 3.24
CA CYS A 21 0.43 -13.51 4.42
C CYS A 21 0.31 -12.40 5.47
N MET A 22 0.01 -11.19 5.02
CA MET A 22 -0.12 -10.06 5.92
C MET A 22 -1.15 -9.06 5.39
N HIS A 23 -1.19 -7.88 6.00
CA HIS A 23 -2.12 -6.84 5.58
C HIS A 23 -1.46 -5.85 4.64
N GLU A 24 -1.83 -5.89 3.37
CA GLU A 24 -1.27 -4.99 2.37
C GLU A 24 -2.36 -4.20 1.66
N THR A 25 -1.96 -3.15 0.96
CA THR A 25 -2.90 -2.30 0.24
C THR A 25 -2.26 -1.68 -0.99
N CYS A 26 -3.08 -1.16 -1.89
CA CYS A 26 -2.59 -0.53 -3.11
C CYS A 26 -3.61 0.48 -3.65
N SER A 27 -3.11 1.56 -4.23
CA SER A 27 -3.96 2.61 -4.79
C SER A 27 -3.17 3.56 -5.68
N GLY A 28 -3.57 3.65 -6.94
CA GLY A 28 -2.89 4.52 -7.87
C GLY A 28 -3.85 5.32 -8.73
N GLY A 29 -4.90 5.85 -8.11
CA GLY A 29 -5.87 6.62 -8.84
C GLY A 29 -6.15 7.96 -8.18
N PHE A 30 -6.76 7.93 -7.00
CA PHE A 30 -7.07 9.15 -6.27
C PHE A 30 -6.55 9.09 -4.84
N SER A 31 -6.72 7.93 -4.20
CA SER A 31 -6.27 7.74 -2.83
C SER A 31 -4.74 7.77 -2.75
N LEU A 32 -4.10 7.12 -3.72
CA LEU A 32 -2.64 7.08 -3.77
C LEU A 32 -2.08 6.50 -2.47
N LYS A 33 -1.85 5.19 -2.46
CA LYS A 33 -1.31 4.53 -1.28
C LYS A 33 -0.82 3.12 -1.63
N ASN A 34 -0.07 2.52 -0.72
CA ASN A 34 0.46 1.18 -0.92
C ASN A 34 1.03 0.61 0.36
N ASP A 35 0.43 -0.48 0.85
CA ASP A 35 0.89 -1.12 2.08
C ASP A 35 1.65 -2.41 1.77
N CYS A 36 2.93 -2.41 2.10
CA CYS A 36 3.78 -3.59 1.86
C CYS A 36 3.19 -4.83 2.52
N TRP A 37 3.89 -5.95 2.39
CA TRP A 37 3.44 -7.20 2.98
C TRP A 37 4.46 -7.72 3.99
N CYS A 38 4.20 -8.91 4.53
CA CYS A 38 5.09 -9.53 5.50
C CYS A 38 6.49 -9.70 4.92
N CYS A 39 7.38 -10.33 5.69
CA CYS A 39 8.74 -10.56 5.25
C CYS A 39 9.19 -11.99 5.58
N LEU A 40 10.50 -12.19 5.60
CA LEU A 40 11.06 -13.51 5.90
C LEU A 40 10.26 -14.20 7.00
N ARG A 41 10.28 -13.62 8.19
CA ARG A 41 9.55 -14.19 9.32
C ARG A 41 9.25 -13.11 10.37
N LEU A 42 8.25 -13.38 11.21
CA LEU A 42 7.86 -12.44 12.26
C LEU A 42 6.96 -13.11 13.29
N LYS A 43 7.07 -12.65 14.54
CA LYS A 43 6.26 -13.21 15.61
C LYS A 43 5.00 -12.38 15.83
N THR A 44 5.13 -11.06 15.73
CA THR A 44 4.00 -10.16 15.91
C THR A 44 3.73 -9.36 14.64
N LYS A 45 4.78 -9.07 13.89
CA LYS A 45 4.65 -8.31 12.66
C LYS A 45 6.02 -8.06 12.03
N GLN A 46 7.03 -7.91 12.87
CA GLN A 46 8.39 -7.67 12.40
C GLN A 46 9.39 -8.54 13.14
N ALA A 47 10.53 -8.81 12.50
CA ALA A 47 11.57 -9.64 13.10
C ALA A 47 12.79 -9.72 12.20
N ARG A 48 12.73 -10.62 11.23
CA ARG A 48 13.85 -10.80 10.29
C ARG A 48 13.38 -10.59 8.86
N CYS A 49 13.96 -9.60 8.19
CA CYS A 49 13.61 -9.29 6.81
C CYS A 49 14.84 -8.80 6.03
N TRP A 50 14.63 -8.48 4.76
CA TRP A 50 15.72 -8.00 3.92
C TRP A 50 15.61 -6.50 3.70
N LYS A 51 16.73 -5.80 3.92
CA LYS A 51 16.76 -4.35 3.74
C LYS A 51 16.71 -3.98 2.27
N GLU A 52 15.91 -2.96 1.94
CA GLU A 52 15.77 -2.50 0.56
C GLU A 52 17.10 -1.98 0.03
N LYS A 53 17.98 -1.58 0.94
CA LYS A 53 19.29 -1.06 0.55
C LYS A 53 20.22 -2.18 0.13
N GLU A 54 20.14 -3.31 0.84
CA GLU A 54 20.99 -4.46 0.53
C GLU A 54 20.24 -5.45 -0.37
N PHE A 55 18.95 -5.23 -0.56
CA PHE A 55 18.13 -6.09 -1.39
C PHE A 55 17.15 -5.27 -2.24
N PRO A 56 17.35 -5.29 -3.56
CA PRO A 56 16.49 -4.56 -4.50
C PRO A 56 15.09 -5.16 -4.60
N ASN A 57 14.99 -6.45 -4.32
CA ASN A 57 13.71 -7.15 -4.38
C ASN A 57 12.71 -6.53 -3.40
N ALA A 58 13.21 -6.07 -2.26
CA ALA A 58 12.36 -5.45 -1.25
C ALA A 58 11.56 -4.29 -1.83
N LYS A 59 12.26 -3.40 -2.54
CA LYS A 59 11.62 -2.24 -3.15
C LYS A 59 10.68 -2.67 -4.28
N GLU A 60 11.14 -3.60 -5.09
CA GLU A 60 10.35 -4.10 -6.22
C GLU A 60 9.04 -4.71 -5.72
N LEU A 61 9.13 -5.52 -4.67
CA LEU A 61 7.95 -6.17 -4.10
C LEU A 61 7.03 -5.14 -3.45
N CYS A 62 7.63 -4.17 -2.77
CA CYS A 62 6.86 -3.11 -2.10
C CYS A 62 6.12 -2.26 -3.12
N PHE A 63 6.80 -1.89 -4.20
CA PHE A 63 6.21 -1.07 -5.25
C PHE A 63 5.23 -1.88 -6.08
N ALA A 64 5.56 -3.15 -6.30
CA ALA A 64 4.71 -4.04 -7.09
C ALA A 64 3.53 -4.54 -6.27
N ASN A 65 3.65 -4.45 -4.95
CA ASN A 65 2.59 -4.88 -4.06
C ASN A 65 1.24 -4.31 -4.47
N CYS A 66 0.40 -5.14 -5.09
CA CYS A 66 -0.91 -4.72 -5.54
C CYS A 66 -1.87 -5.90 -5.63
N PRO A 67 -3.17 -5.61 -5.65
CA PRO A 67 -4.21 -6.64 -5.72
C PRO A 67 -4.26 -7.32 -7.09
N PRO A 68 -4.99 -8.44 -7.17
CA PRO A 68 -5.11 -9.21 -8.41
C PRO A 68 -5.94 -8.48 -9.46
N LEU A 69 -5.54 -8.60 -10.72
CA LEU A 69 -6.24 -7.95 -11.82
C LEU A 69 -7.04 -8.96 -12.63
N GLU A 70 -7.45 -10.04 -11.97
CA GLU A 70 -8.23 -11.08 -12.63
C GLU A 70 -9.70 -10.70 -12.70
N GLY A 1 -16.17 10.47 -19.58
CA GLY A 1 -15.20 10.44 -18.49
C GLY A 1 -15.42 9.27 -17.55
N PRO A 2 -14.47 9.08 -16.62
CA PRO A 2 -14.54 7.99 -15.64
C PRO A 2 -15.65 8.21 -14.61
N GLU A 3 -15.71 7.33 -13.61
CA GLU A 3 -16.71 7.42 -12.56
C GLU A 3 -16.33 8.49 -11.53
N LYS A 4 -17.06 9.60 -11.54
CA LYS A 4 -16.80 10.69 -10.61
C LYS A 4 -17.69 10.57 -9.38
N MET A 5 -17.10 10.11 -8.27
CA MET A 5 -17.82 9.95 -7.03
C MET A 5 -16.93 10.25 -5.82
N GLU A 6 -15.74 9.65 -5.82
CA GLU A 6 -14.79 9.85 -4.73
C GLU A 6 -13.49 10.44 -5.25
N VAL A 7 -13.59 11.28 -6.28
CA VAL A 7 -12.43 11.92 -6.87
C VAL A 7 -12.55 13.44 -6.80
N LYS A 8 -11.44 14.10 -6.47
CA LYS A 8 -11.41 15.56 -6.36
C LYS A 8 -10.01 16.05 -6.04
N GLU A 9 -9.87 17.36 -5.88
CA GLU A 9 -8.59 17.97 -5.57
C GLU A 9 -8.69 18.86 -4.33
N ILE A 10 -9.74 18.66 -3.55
CA ILE A 10 -9.96 19.45 -2.34
C ILE A 10 -9.44 18.72 -1.10
N GLY A 11 -8.16 18.37 -1.12
CA GLY A 11 -7.56 17.67 0.01
C GLY A 11 -8.36 16.46 0.43
N ARG A 12 -9.03 15.83 -0.54
CA ARG A 12 -9.84 14.65 -0.26
C ARG A 12 -9.45 13.50 -1.18
N SER A 13 -8.23 12.98 -0.99
CA SER A 13 -7.75 11.89 -1.81
C SER A 13 -8.49 10.59 -1.49
N SER A 14 -8.14 9.51 -2.19
CA SER A 14 -8.78 8.22 -1.98
C SER A 14 -7.89 7.31 -1.13
N LYS A 15 -7.21 7.91 -0.17
CA LYS A 15 -6.34 7.15 0.72
C LYS A 15 -7.14 6.23 1.63
N ILE A 16 -6.59 5.06 1.92
CA ILE A 16 -7.25 4.09 2.78
C ILE A 16 -6.31 2.96 3.17
N ILE A 17 -6.75 2.11 4.09
CA ILE A 17 -5.95 0.99 4.56
C ILE A 17 -6.55 -0.34 4.10
N LEU A 18 -5.77 -1.40 4.18
CA LEU A 18 -6.21 -2.73 3.79
C LEU A 18 -5.69 -3.79 4.74
N PRO A 19 -6.59 -4.36 5.55
CA PRO A 19 -6.24 -5.40 6.52
C PRO A 19 -5.88 -6.72 5.86
N ALA A 20 -4.94 -7.44 6.45
CA ALA A 20 -4.50 -8.72 5.92
C ALA A 20 -3.44 -9.36 6.80
N CYS A 21 -2.23 -8.80 6.77
CA CYS A 21 -1.13 -9.31 7.57
C CYS A 21 -0.71 -8.31 8.64
N MET A 22 -0.84 -7.03 8.31
CA MET A 22 -0.49 -5.97 9.24
C MET A 22 -1.18 -4.66 8.87
N HIS A 23 -0.74 -3.56 9.47
CA HIS A 23 -1.32 -2.25 9.20
C HIS A 23 -0.67 -1.60 7.98
N GLU A 24 -1.39 -1.56 6.87
CA GLU A 24 -0.87 -0.97 5.64
C GLU A 24 -1.80 0.14 5.14
N THR A 25 -1.30 0.94 4.21
CA THR A 25 -2.08 2.04 3.65
C THR A 25 -1.72 2.28 2.19
N CYS A 26 -2.59 3.00 1.48
CA CYS A 26 -2.35 3.30 0.07
C CYS A 26 -3.08 4.58 -0.33
N SER A 27 -2.47 5.35 -1.21
CA SER A 27 -3.06 6.60 -1.68
C SER A 27 -2.34 7.11 -2.93
N GLY A 28 -3.07 7.19 -4.04
CA GLY A 28 -2.48 7.66 -5.28
C GLY A 28 -3.35 8.69 -5.98
N GLY A 29 -3.47 9.86 -5.37
CA GLY A 29 -4.28 10.92 -5.95
C GLY A 29 -3.55 12.25 -5.99
N PHE A 30 -2.97 12.64 -4.86
CA PHE A 30 -2.23 13.90 -4.77
C PHE A 30 -1.17 13.83 -3.68
N SER A 31 -1.53 13.23 -2.54
CA SER A 31 -0.59 13.10 -1.43
C SER A 31 0.47 12.05 -1.72
N LEU A 32 0.07 10.99 -2.40
CA LEU A 32 1.00 9.92 -2.75
C LEU A 32 1.64 9.33 -1.51
N LYS A 33 1.07 8.25 -1.00
CA LYS A 33 1.58 7.58 0.18
C LYS A 33 0.99 6.18 0.33
N ASN A 34 1.70 5.31 1.04
CA ASN A 34 1.25 3.95 1.26
C ASN A 34 2.11 3.24 2.30
N ASP A 35 1.46 2.56 3.24
CA ASP A 35 2.17 1.84 4.29
C ASP A 35 2.39 0.39 3.89
N CYS A 36 3.65 -0.04 3.89
CA CYS A 36 3.99 -1.40 3.53
C CYS A 36 3.31 -2.40 4.45
N TRP A 37 3.66 -3.67 4.32
CA TRP A 37 3.07 -4.72 5.14
C TRP A 37 4.11 -5.34 6.07
N CYS A 38 3.72 -6.41 6.76
CA CYS A 38 4.62 -7.09 7.68
C CYS A 38 5.53 -8.06 6.93
N CYS A 39 6.78 -8.14 7.36
CA CYS A 39 7.76 -9.03 6.74
C CYS A 39 7.29 -10.48 6.80
N LEU A 40 8.14 -11.39 6.36
CA LEU A 40 7.82 -12.82 6.37
C LEU A 40 7.24 -13.23 7.71
N ARG A 41 8.05 -13.17 8.76
CA ARG A 41 7.61 -13.53 10.10
C ARG A 41 8.44 -12.82 11.16
N LEU A 42 7.81 -11.93 11.91
CA LEU A 42 8.49 -11.18 12.96
C LEU A 42 7.78 -11.33 14.30
N LYS A 43 8.51 -11.16 15.38
CA LYS A 43 7.94 -11.28 16.72
C LYS A 43 8.00 -9.94 17.45
N THR A 44 8.80 -9.01 16.93
CA THR A 44 8.94 -7.70 17.53
C THR A 44 8.80 -6.60 16.48
N LYS A 45 9.35 -6.84 15.30
CA LYS A 45 9.28 -5.87 14.21
C LYS A 45 10.08 -6.36 13.00
N GLN A 46 11.16 -7.10 13.26
CA GLN A 46 12.00 -7.62 12.19
C GLN A 46 12.42 -9.05 12.49
N ALA A 47 12.80 -9.78 11.44
CA ALA A 47 13.23 -11.17 11.60
C ALA A 47 13.59 -11.78 10.24
N ARG A 48 12.57 -12.16 9.47
CA ARG A 48 12.78 -12.75 8.16
C ARG A 48 12.11 -11.93 7.07
N CYS A 49 12.90 -11.45 6.12
CA CYS A 49 12.39 -10.65 5.02
C CYS A 49 13.30 -10.72 3.81
N TRP A 50 12.94 -10.02 2.75
CA TRP A 50 13.73 -10.00 1.52
C TRP A 50 14.11 -8.57 1.14
N LYS A 51 15.38 -8.37 0.83
CA LYS A 51 15.86 -7.05 0.44
C LYS A 51 15.36 -6.67 -0.95
N GLU A 52 14.76 -5.49 -1.05
CA GLU A 52 14.22 -5.00 -2.32
C GLU A 52 15.35 -4.82 -3.34
N LYS A 53 16.59 -4.78 -2.85
CA LYS A 53 17.74 -4.60 -3.72
C LYS A 53 18.05 -5.90 -4.48
N GLU A 54 17.86 -7.02 -3.80
CA GLU A 54 18.12 -8.33 -4.40
C GLU A 54 16.83 -9.02 -4.81
N PHE A 55 15.71 -8.45 -4.37
CA PHE A 55 14.40 -9.00 -4.68
C PHE A 55 13.46 -7.92 -5.22
N PRO A 56 13.11 -8.03 -6.51
CA PRO A 56 12.23 -7.08 -7.19
C PRO A 56 10.79 -7.18 -6.68
N ASN A 57 10.40 -8.37 -6.23
CA ASN A 57 9.05 -8.59 -5.74
C ASN A 57 8.75 -7.68 -4.55
N ALA A 58 9.77 -7.43 -3.73
CA ALA A 58 9.62 -6.56 -2.57
C ALA A 58 9.07 -5.20 -2.95
N LYS A 59 9.68 -4.59 -3.97
CA LYS A 59 9.24 -3.29 -4.46
C LYS A 59 7.86 -3.37 -5.09
N GLU A 60 7.65 -4.38 -5.92
CA GLU A 60 6.37 -4.58 -6.59
C GLU A 60 5.24 -4.74 -5.57
N LEU A 61 5.51 -5.48 -4.51
CA LEU A 61 4.52 -5.71 -3.46
C LEU A 61 4.23 -4.42 -2.70
N CYS A 62 5.29 -3.73 -2.29
CA CYS A 62 5.14 -2.48 -1.55
C CYS A 62 4.43 -1.42 -2.40
N PHE A 63 4.77 -1.37 -3.68
CA PHE A 63 4.17 -0.41 -4.59
C PHE A 63 2.73 -0.80 -4.94
N ALA A 64 2.52 -2.10 -5.11
CA ALA A 64 1.19 -2.61 -5.44
C ALA A 64 0.29 -2.64 -4.20
N ASN A 65 0.91 -2.54 -3.03
CA ASN A 65 0.16 -2.56 -1.77
C ASN A 65 -1.00 -1.56 -1.81
N CYS A 66 -2.20 -2.08 -1.99
CA CYS A 66 -3.40 -1.24 -2.05
C CYS A 66 -4.64 -2.03 -1.67
N PRO A 67 -5.70 -1.31 -1.29
CA PRO A 67 -6.97 -1.93 -0.89
C PRO A 67 -7.70 -2.56 -2.08
N PRO A 68 -8.73 -3.37 -1.78
CA PRO A 68 -9.53 -4.04 -2.79
C PRO A 68 -10.40 -3.08 -3.59
N LEU A 69 -10.61 -3.39 -4.86
CA LEU A 69 -11.43 -2.55 -5.74
C LEU A 69 -12.79 -3.19 -5.99
N GLU A 70 -13.30 -3.92 -5.00
CA GLU A 70 -14.59 -4.58 -5.12
C GLU A 70 -14.66 -5.41 -6.40
N GLY A 1 -16.40 23.88 9.70
CA GLY A 1 -17.40 23.11 10.40
C GLY A 1 -16.96 22.73 11.81
N PRO A 2 -17.68 21.79 12.43
CA PRO A 2 -17.37 21.33 13.79
C PRO A 2 -16.09 20.50 13.84
N GLU A 3 -15.89 19.66 12.83
CA GLU A 3 -14.71 18.81 12.76
C GLU A 3 -14.16 18.76 11.34
N LYS A 4 -14.12 19.92 10.68
CA LYS A 4 -13.61 20.01 9.32
C LYS A 4 -14.47 19.18 8.37
N MET A 5 -14.23 19.34 7.07
CA MET A 5 -14.97 18.61 6.06
C MET A 5 -14.04 17.86 5.12
N GLU A 6 -14.54 16.80 4.50
CA GLU A 6 -13.75 15.99 3.58
C GLU A 6 -13.68 16.65 2.21
N VAL A 7 -12.81 16.13 1.35
CA VAL A 7 -12.66 16.66 0.00
C VAL A 7 -12.54 15.54 -1.03
N LYS A 8 -13.32 15.65 -2.10
CA LYS A 8 -13.31 14.65 -3.16
C LYS A 8 -14.13 15.10 -4.35
N GLU A 9 -13.49 15.20 -5.52
CA GLU A 9 -14.17 15.62 -6.73
C GLU A 9 -13.49 15.03 -7.97
N ILE A 10 -14.26 14.87 -9.03
CA ILE A 10 -13.74 14.31 -10.27
C ILE A 10 -13.00 12.99 -10.02
N GLY A 11 -13.61 12.13 -9.22
CA GLY A 11 -12.99 10.85 -8.91
C GLY A 11 -13.18 9.84 -10.03
N ARG A 12 -12.07 9.45 -10.65
CA ARG A 12 -12.11 8.48 -11.74
C ARG A 12 -10.79 7.72 -11.84
N SER A 13 -10.49 6.94 -10.81
CA SER A 13 -9.26 6.16 -10.77
C SER A 13 -9.55 4.72 -10.35
N SER A 14 -8.48 3.95 -10.17
CA SER A 14 -8.61 2.55 -9.76
C SER A 14 -7.79 2.26 -8.52
N LYS A 15 -7.67 3.26 -7.64
CA LYS A 15 -6.91 3.12 -6.42
C LYS A 15 -7.60 2.16 -5.45
N ILE A 16 -6.81 1.39 -4.72
CA ILE A 16 -7.34 0.43 -3.77
C ILE A 16 -6.25 -0.11 -2.85
N ILE A 17 -6.65 -0.84 -1.81
CA ILE A 17 -5.71 -1.41 -0.87
C ILE A 17 -5.81 -2.93 -0.85
N LEU A 18 -4.79 -3.58 -0.28
CA LEU A 18 -4.77 -5.04 -0.20
C LEU A 18 -4.57 -5.50 1.24
N PRO A 19 -5.64 -6.04 1.85
CA PRO A 19 -5.62 -6.52 3.23
C PRO A 19 -4.78 -7.79 3.38
N ALA A 20 -4.13 -7.94 4.53
CA ALA A 20 -3.30 -9.10 4.79
C ALA A 20 -2.70 -9.04 6.20
N CYS A 21 -1.65 -8.25 6.34
CA CYS A 21 -0.98 -8.11 7.64
C CYS A 21 -0.73 -6.63 7.96
N MET A 22 -0.37 -5.86 6.93
CA MET A 22 -0.11 -4.44 7.10
C MET A 22 -1.04 -3.60 6.24
N HIS A 23 -0.77 -2.31 6.15
CA HIS A 23 -1.59 -1.40 5.35
C HIS A 23 -0.88 -1.03 4.05
N GLU A 24 -1.39 -1.55 2.93
CA GLU A 24 -0.80 -1.27 1.62
C GLU A 24 -1.84 -0.63 0.70
N THR A 25 -1.35 -0.06 -0.40
CA THR A 25 -2.23 0.58 -1.38
C THR A 25 -1.59 0.59 -2.76
N CYS A 26 -2.42 0.88 -3.77
CA CYS A 26 -1.93 0.91 -5.16
C CYS A 26 -2.81 1.82 -6.00
N SER A 27 -2.20 2.50 -6.97
CA SER A 27 -2.93 3.40 -7.86
C SER A 27 -2.07 3.79 -9.05
N GLY A 28 -2.64 3.63 -10.25
CA GLY A 28 -1.91 3.98 -11.46
C GLY A 28 -2.82 4.51 -12.55
N GLY A 29 -3.53 5.59 -12.25
CA GLY A 29 -4.42 6.18 -13.22
C GLY A 29 -4.54 7.69 -13.07
N PHE A 30 -5.17 8.13 -11.98
CA PHE A 30 -5.35 9.55 -11.72
C PHE A 30 -4.37 10.04 -10.66
N SER A 31 -4.57 9.59 -9.42
CA SER A 31 -3.70 9.98 -8.32
C SER A 31 -2.31 9.36 -8.46
N LEU A 32 -2.28 8.12 -8.94
CA LEU A 32 -1.02 7.40 -9.13
C LEU A 32 -0.22 7.36 -7.83
N LYS A 33 -0.40 6.29 -7.07
CA LYS A 33 0.32 6.12 -5.81
C LYS A 33 0.51 4.64 -5.48
N ASN A 34 1.12 4.36 -4.34
CA ASN A 34 1.36 2.99 -3.91
C ASN A 34 1.86 2.95 -2.47
N ASP A 35 1.52 1.87 -1.76
CA ASP A 35 1.94 1.71 -0.38
C ASP A 35 2.41 0.29 -0.11
N CYS A 36 3.70 0.14 0.16
CA CYS A 36 4.27 -1.17 0.43
C CYS A 36 3.52 -1.89 1.55
N TRP A 37 3.91 -3.12 1.83
CA TRP A 37 3.28 -3.91 2.88
C TRP A 37 4.30 -4.45 3.86
N CYS A 38 3.86 -5.30 4.78
CA CYS A 38 4.74 -5.90 5.78
C CYS A 38 5.63 -6.97 5.14
N CYS A 39 6.39 -7.67 5.97
CA CYS A 39 7.28 -8.71 5.50
C CYS A 39 7.77 -9.58 6.66
N LEU A 40 8.30 -10.75 6.33
CA LEU A 40 8.81 -11.67 7.35
C LEU A 40 7.77 -11.91 8.44
N ARG A 41 8.19 -12.54 9.53
CA ARG A 41 7.29 -12.83 10.64
C ARG A 41 6.96 -11.56 11.41
N LEU A 42 5.90 -11.62 12.22
CA LEU A 42 5.47 -10.47 13.01
C LEU A 42 4.59 -10.93 14.17
N LYS A 43 4.13 -9.95 14.96
CA LYS A 43 3.27 -10.24 16.11
C LYS A 43 1.88 -9.64 15.91
N THR A 44 1.85 -8.39 15.47
CA THR A 44 0.58 -7.70 15.25
C THR A 44 0.45 -7.25 13.79
N LYS A 45 1.59 -6.91 13.18
CA LYS A 45 1.59 -6.46 11.79
C LYS A 45 3.02 -6.20 11.32
N GLN A 46 3.87 -5.76 12.24
CA GLN A 46 5.27 -5.47 11.91
C GLN A 46 6.20 -6.01 13.00
N ALA A 47 7.44 -6.29 12.61
CA ALA A 47 8.43 -6.80 13.55
C ALA A 47 9.78 -7.01 12.86
N ARG A 48 9.83 -8.00 11.97
CA ARG A 48 11.07 -8.32 11.26
C ARG A 48 10.85 -8.22 9.75
N CYS A 49 11.88 -7.79 9.03
CA CYS A 49 11.80 -7.65 7.58
C CYS A 49 13.19 -7.78 6.95
N TRP A 50 13.24 -7.67 5.63
CA TRP A 50 14.50 -7.76 4.91
C TRP A 50 14.87 -6.42 4.29
N LYS A 51 16.15 -6.07 4.37
CA LYS A 51 16.64 -4.81 3.82
C LYS A 51 16.68 -4.86 2.30
N GLU A 52 16.01 -3.91 1.66
CA GLU A 52 15.96 -3.85 0.20
C GLU A 52 17.36 -3.68 -0.37
N LYS A 53 18.30 -3.29 0.48
CA LYS A 53 19.68 -3.09 0.05
C LYS A 53 20.38 -4.43 -0.16
N GLU A 54 20.11 -5.39 0.71
CA GLU A 54 20.70 -6.71 0.63
C GLU A 54 19.71 -7.73 0.07
N PHE A 55 18.45 -7.31 -0.03
CA PHE A 55 17.40 -8.19 -0.55
C PHE A 55 16.67 -7.52 -1.70
N PRO A 56 16.82 -8.09 -2.91
CA PRO A 56 16.19 -7.57 -4.12
C PRO A 56 14.67 -7.79 -4.12
N ASN A 57 14.24 -8.85 -3.45
CA ASN A 57 12.81 -9.17 -3.37
C ASN A 57 12.04 -8.01 -2.73
N ALA A 58 12.67 -7.33 -1.78
CA ALA A 58 12.04 -6.21 -1.10
C ALA A 58 11.56 -5.16 -2.10
N LYS A 59 12.45 -4.77 -3.01
CA LYS A 59 12.12 -3.77 -4.02
C LYS A 59 11.07 -4.31 -5.00
N GLU A 60 11.24 -5.57 -5.41
CA GLU A 60 10.31 -6.19 -6.33
C GLU A 60 8.90 -6.24 -5.75
N LEU A 61 8.80 -6.63 -4.48
CA LEU A 61 7.52 -6.72 -3.81
C LEU A 61 6.91 -5.34 -3.60
N CYS A 62 7.76 -4.37 -3.26
CA CYS A 62 7.31 -3.00 -3.05
C CYS A 62 6.67 -2.43 -4.31
N PHE A 63 7.33 -2.60 -5.44
CA PHE A 63 6.83 -2.10 -6.71
C PHE A 63 5.67 -2.97 -7.21
N ALA A 64 5.83 -4.29 -7.09
CA ALA A 64 4.80 -5.22 -7.53
C ALA A 64 3.57 -5.14 -6.63
N ASN A 65 3.73 -4.53 -5.46
CA ASN A 65 2.64 -4.39 -4.51
C ASN A 65 1.38 -3.87 -5.21
N CYS A 66 0.25 -4.52 -4.94
CA CYS A 66 -1.01 -4.12 -5.54
C CYS A 66 -2.14 -5.06 -5.13
N PRO A 67 -3.35 -4.50 -4.97
CA PRO A 67 -4.53 -5.29 -4.59
C PRO A 67 -5.00 -6.23 -5.68
N PRO A 68 -5.93 -7.13 -5.33
CA PRO A 68 -6.48 -8.10 -6.29
C PRO A 68 -7.36 -7.45 -7.35
N LEU A 69 -7.72 -8.22 -8.36
CA LEU A 69 -8.56 -7.71 -9.45
C LEU A 69 -9.94 -8.36 -9.41
N GLU A 70 -10.38 -8.74 -8.22
CA GLU A 70 -11.69 -9.37 -8.06
C GLU A 70 -12.49 -8.67 -6.96
N GLY A 1 -32.25 24.80 6.10
CA GLY A 1 -30.97 24.31 6.54
C GLY A 1 -29.81 25.02 5.85
N PRO A 2 -29.60 26.29 6.20
CA PRO A 2 -28.51 27.10 5.63
C PRO A 2 -27.14 26.64 6.08
N GLU A 3 -26.11 27.41 5.72
CA GLU A 3 -24.74 27.07 6.08
C GLU A 3 -24.36 25.70 5.56
N LYS A 4 -25.01 25.27 4.48
CA LYS A 4 -24.73 23.97 3.89
C LYS A 4 -24.06 24.13 2.53
N MET A 5 -22.84 23.60 2.41
CA MET A 5 -22.09 23.68 1.18
C MET A 5 -21.51 22.31 0.81
N GLU A 6 -21.27 22.11 -0.49
CA GLU A 6 -20.72 20.85 -0.98
C GLU A 6 -19.21 20.79 -0.76
N VAL A 7 -18.65 19.59 -0.85
CA VAL A 7 -17.22 19.41 -0.66
C VAL A 7 -16.71 18.24 -1.49
N LYS A 8 -15.53 18.40 -2.07
CA LYS A 8 -14.92 17.36 -2.88
C LYS A 8 -13.42 17.61 -3.08
N GLU A 9 -12.74 16.64 -3.67
CA GLU A 9 -11.30 16.76 -3.91
C GLU A 9 -10.94 16.25 -5.30
N ILE A 10 -9.64 16.11 -5.55
CA ILE A 10 -9.15 15.63 -6.83
C ILE A 10 -9.01 14.11 -6.84
N GLY A 11 -10.13 13.41 -6.65
CA GLY A 11 -10.10 11.97 -6.63
C GLY A 11 -10.36 11.37 -8.00
N ARG A 12 -9.30 11.07 -8.73
CA ARG A 12 -9.42 10.49 -10.06
C ARG A 12 -8.34 9.44 -10.30
N SER A 13 -8.38 8.38 -9.51
CA SER A 13 -7.40 7.29 -9.63
C SER A 13 -7.97 5.99 -9.05
N SER A 14 -7.11 4.97 -8.97
CA SER A 14 -7.52 3.67 -8.46
C SER A 14 -6.67 3.27 -7.26
N LYS A 15 -6.26 4.27 -6.48
CA LYS A 15 -5.44 4.03 -5.30
C LYS A 15 -6.24 3.31 -4.22
N ILE A 16 -5.58 2.43 -3.48
CA ILE A 16 -6.23 1.67 -2.41
C ILE A 16 -5.20 0.94 -1.55
N ILE A 17 -5.68 0.32 -0.48
CA ILE A 17 -4.80 -0.41 0.42
C ILE A 17 -5.15 -1.90 0.44
N LEU A 18 -4.25 -2.71 0.97
CA LEU A 18 -4.46 -4.15 1.04
C LEU A 18 -4.27 -4.65 2.47
N PRO A 19 -5.39 -5.01 3.12
CA PRO A 19 -5.37 -5.52 4.50
C PRO A 19 -4.76 -6.91 4.59
N ALA A 20 -3.99 -7.14 5.65
CA ALA A 20 -3.35 -8.43 5.86
C ALA A 20 -2.65 -8.48 7.22
N CYS A 21 -1.48 -7.87 7.31
CA CYS A 21 -0.72 -7.83 8.55
C CYS A 21 -0.21 -6.43 8.86
N MET A 22 0.25 -5.74 7.82
CA MET A 22 0.76 -4.39 7.97
C MET A 22 -0.04 -3.40 7.12
N HIS A 23 0.42 -2.16 7.06
CA HIS A 23 -0.25 -1.12 6.29
C HIS A 23 0.42 -0.94 4.93
N GLU A 24 -0.27 -1.36 3.87
CA GLU A 24 0.27 -1.24 2.52
C GLU A 24 -0.68 -0.42 1.63
N THR A 25 -0.16 0.01 0.49
CA THR A 25 -0.95 0.80 -0.44
C THR A 25 -0.48 0.59 -1.88
N CYS A 26 -1.31 1.00 -2.84
CA CYS A 26 -0.98 0.86 -4.24
C CYS A 26 -1.76 1.86 -5.09
N SER A 27 -1.12 2.35 -6.15
CA SER A 27 -1.75 3.33 -7.04
C SER A 27 -0.94 3.50 -8.32
N GLY A 28 -1.55 3.18 -9.45
CA GLY A 28 -0.87 3.32 -10.72
C GLY A 28 -1.75 3.93 -11.79
N GLY A 29 -2.14 5.19 -11.58
CA GLY A 29 -2.98 5.87 -12.54
C GLY A 29 -2.58 7.31 -12.75
N PHE A 30 -2.25 8.00 -11.66
CA PHE A 30 -1.86 9.40 -11.72
C PHE A 30 -0.99 9.77 -10.52
N SER A 31 -1.37 9.29 -9.34
CA SER A 31 -0.63 9.57 -8.12
C SER A 31 0.68 8.79 -8.09
N LEU A 32 0.65 7.56 -8.57
CA LEU A 32 1.83 6.71 -8.60
C LEU A 32 2.43 6.57 -7.20
N LYS A 33 2.04 5.51 -6.50
CA LYS A 33 2.55 5.26 -5.16
C LYS A 33 2.12 3.88 -4.66
N ASN A 34 2.82 3.37 -3.66
CA ASN A 34 2.52 2.06 -3.10
C ASN A 34 3.31 1.82 -1.82
N ASP A 35 2.61 1.38 -0.78
CA ASP A 35 3.26 1.10 0.50
C ASP A 35 3.53 -0.39 0.67
N CYS A 36 4.77 -0.73 0.96
CA CYS A 36 5.16 -2.13 1.15
C CYS A 36 4.33 -2.79 2.23
N TRP A 37 4.63 -4.04 2.53
CA TRP A 37 3.91 -4.79 3.56
C TRP A 37 4.86 -5.25 4.66
N CYS A 38 4.31 -5.96 5.63
CA CYS A 38 5.10 -6.47 6.75
C CYS A 38 6.22 -7.37 6.25
N CYS A 39 6.96 -7.96 7.19
CA CYS A 39 8.07 -8.84 6.85
C CYS A 39 7.61 -10.29 6.75
N LEU A 40 8.56 -11.20 6.64
CA LEU A 40 8.25 -12.62 6.54
C LEU A 40 7.27 -13.05 7.64
N ARG A 41 7.66 -12.80 8.89
CA ARG A 41 6.82 -13.16 10.02
C ARG A 41 7.36 -12.56 11.31
N LEU A 42 6.47 -12.03 12.15
CA LEU A 42 6.87 -11.42 13.41
C LEU A 42 6.14 -12.08 14.58
N LYS A 43 6.56 -11.75 15.79
CA LYS A 43 5.95 -12.30 16.99
C LYS A 43 5.62 -11.20 17.99
N THR A 44 5.84 -9.95 17.59
CA THR A 44 5.57 -8.81 18.45
C THR A 44 5.75 -7.50 17.69
N LYS A 45 6.86 -7.40 16.96
CA LYS A 45 7.16 -6.19 16.19
C LYS A 45 8.43 -6.39 15.36
N GLN A 46 9.37 -7.16 15.89
CA GLN A 46 10.63 -7.42 15.19
C GLN A 46 10.38 -7.60 13.70
N ALA A 47 9.77 -8.71 13.33
CA ALA A 47 9.49 -9.00 11.93
C ALA A 47 10.77 -9.19 11.13
N ARG A 48 11.02 -10.42 10.70
CA ARG A 48 12.22 -10.72 9.92
C ARG A 48 11.93 -10.67 8.42
N CYS A 49 12.65 -9.79 7.73
CA CYS A 49 12.48 -9.64 6.29
C CYS A 49 13.82 -9.66 5.57
N TRP A 50 13.78 -9.50 4.25
CA TRP A 50 15.00 -9.50 3.44
C TRP A 50 15.30 -8.10 2.91
N LYS A 51 16.57 -7.73 2.95
CA LYS A 51 17.00 -6.42 2.46
C LYS A 51 16.88 -6.33 0.94
N GLU A 52 16.16 -5.32 0.47
CA GLU A 52 15.98 -5.13 -0.96
C GLU A 52 17.32 -4.86 -1.65
N LYS A 53 18.33 -4.54 -0.86
CA LYS A 53 19.66 -4.25 -1.39
C LYS A 53 20.38 -5.54 -1.77
N GLU A 54 20.20 -6.57 -0.94
CA GLU A 54 20.84 -7.86 -1.19
C GLU A 54 19.83 -8.86 -1.74
N PHE A 55 18.56 -8.49 -1.71
CA PHE A 55 17.51 -9.36 -2.22
C PHE A 55 16.57 -8.60 -3.16
N PRO A 56 16.58 -8.99 -4.44
CA PRO A 56 15.74 -8.35 -5.46
C PRO A 56 14.26 -8.67 -5.27
N ASN A 57 13.97 -9.82 -4.67
CA ASN A 57 12.59 -10.23 -4.42
C ASN A 57 11.84 -9.17 -3.63
N ALA A 58 12.54 -8.52 -2.70
CA ALA A 58 11.93 -7.49 -1.87
C ALA A 58 11.34 -6.38 -2.73
N LYS A 59 12.11 -5.91 -3.70
CA LYS A 59 11.65 -4.86 -4.60
C LYS A 59 10.48 -5.33 -5.46
N GLU A 60 10.58 -6.55 -5.97
CA GLU A 60 9.54 -7.13 -6.80
C GLU A 60 8.21 -7.17 -6.05
N LEU A 61 8.27 -7.54 -4.78
CA LEU A 61 7.07 -7.64 -3.95
C LEU A 61 6.55 -6.25 -3.60
N CYS A 62 7.46 -5.30 -3.41
CA CYS A 62 7.09 -3.94 -3.07
C CYS A 62 6.37 -3.26 -4.24
N PHE A 63 6.89 -3.48 -5.45
CA PHE A 63 6.30 -2.90 -6.66
C PHE A 63 5.02 -3.61 -7.03
N ALA A 64 5.04 -4.95 -6.95
CA ALA A 64 3.88 -5.76 -7.29
C ALA A 64 2.82 -5.66 -6.21
N ASN A 65 3.23 -5.26 -5.00
CA ASN A 65 2.31 -5.13 -3.88
C ASN A 65 1.10 -4.30 -4.26
N CYS A 66 -0.03 -4.96 -4.48
CA CYS A 66 -1.27 -4.27 -4.85
C CYS A 66 -2.48 -4.97 -4.25
N PRO A 67 -3.52 -4.18 -3.95
CA PRO A 67 -4.77 -4.71 -3.36
C PRO A 67 -5.56 -5.55 -4.35
N PRO A 68 -6.58 -6.26 -3.85
CA PRO A 68 -7.44 -7.11 -4.67
C PRO A 68 -8.33 -6.31 -5.61
N LEU A 69 -8.69 -6.91 -6.73
CA LEU A 69 -9.56 -6.24 -7.71
C LEU A 69 -11.00 -6.72 -7.57
N GLU A 70 -11.36 -7.17 -6.37
CA GLU A 70 -12.71 -7.64 -6.11
C GLU A 70 -13.44 -6.71 -5.16
N GLY A 1 -11.49 35.29 -0.74
CA GLY A 1 -12.24 34.85 -1.90
C GLY A 1 -12.31 33.34 -2.00
N PRO A 2 -13.10 32.84 -2.95
CA PRO A 2 -13.28 31.40 -3.16
C PRO A 2 -12.02 30.75 -3.73
N GLU A 3 -12.11 29.45 -4.02
CA GLU A 3 -10.98 28.72 -4.57
C GLU A 3 -9.76 28.84 -3.67
N LYS A 4 -10.00 29.00 -2.37
CA LYS A 4 -8.91 29.14 -1.41
C LYS A 4 -8.56 27.78 -0.79
N MET A 5 -9.54 26.89 -0.75
CA MET A 5 -9.34 25.57 -0.18
C MET A 5 -9.84 24.48 -1.14
N GLU A 6 -9.47 23.23 -0.85
CA GLU A 6 -9.89 22.11 -1.69
C GLU A 6 -11.19 21.51 -1.19
N VAL A 7 -11.92 20.85 -2.08
CA VAL A 7 -13.19 20.22 -1.72
C VAL A 7 -13.48 19.02 -2.62
N LYS A 8 -14.01 17.96 -2.03
CA LYS A 8 -14.34 16.75 -2.77
C LYS A 8 -15.35 15.90 -2.01
N GLU A 9 -16.12 15.10 -2.76
CA GLU A 9 -17.13 14.24 -2.14
C GLU A 9 -17.49 13.08 -3.08
N ILE A 10 -18.00 12.01 -2.50
CA ILE A 10 -18.40 10.84 -3.28
C ILE A 10 -17.26 10.38 -4.19
N GLY A 11 -16.05 10.33 -3.64
CA GLY A 11 -14.90 9.92 -4.41
C GLY A 11 -14.88 8.42 -4.67
N ARG A 12 -14.62 7.65 -3.62
CA ARG A 12 -14.57 6.19 -3.74
C ARG A 12 -13.51 5.76 -4.75
N SER A 13 -12.25 5.80 -4.34
CA SER A 13 -11.15 5.41 -5.21
C SER A 13 -11.16 3.91 -5.46
N SER A 14 -10.08 3.41 -6.07
CA SER A 14 -9.96 1.99 -6.36
C SER A 14 -9.08 1.29 -5.33
N LYS A 15 -9.13 1.78 -4.09
CA LYS A 15 -8.34 1.21 -3.01
C LYS A 15 -8.85 -0.19 -2.65
N ILE A 16 -7.93 -1.06 -2.29
CA ILE A 16 -8.28 -2.43 -1.92
C ILE A 16 -7.10 -3.16 -1.29
N ILE A 17 -7.37 -4.32 -0.71
CA ILE A 17 -6.33 -5.12 -0.08
C ILE A 17 -6.15 -6.46 -0.77
N LEU A 18 -5.04 -7.14 -0.49
CA LEU A 18 -4.75 -8.43 -1.09
C LEU A 18 -4.49 -9.48 -0.02
N PRO A 19 -5.46 -10.40 0.15
CA PRO A 19 -5.37 -11.47 1.14
C PRO A 19 -4.32 -12.52 0.76
N ALA A 20 -3.67 -13.08 1.78
CA ALA A 20 -2.66 -14.10 1.55
C ALA A 20 -2.08 -14.60 2.86
N CYS A 21 -1.21 -13.81 3.48
CA CYS A 21 -0.59 -14.17 4.75
C CYS A 21 -0.55 -12.98 5.70
N MET A 22 -0.22 -11.81 5.16
CA MET A 22 -0.16 -10.59 5.97
C MET A 22 -1.23 -9.60 5.55
N HIS A 23 -1.13 -8.37 6.04
CA HIS A 23 -2.10 -7.33 5.72
C HIS A 23 -1.50 -6.30 4.76
N GLU A 24 -1.96 -6.30 3.52
CA GLU A 24 -1.45 -5.37 2.52
C GLU A 24 -2.60 -4.54 1.93
N THR A 25 -2.24 -3.46 1.25
CA THR A 25 -3.24 -2.58 0.63
C THR A 25 -2.62 -1.79 -0.52
N CYS A 26 -3.49 -1.23 -1.36
CA CYS A 26 -3.04 -0.45 -2.51
C CYS A 26 -4.13 0.53 -2.96
N SER A 27 -3.70 1.70 -3.42
CA SER A 27 -4.63 2.73 -3.88
C SER A 27 -3.89 3.83 -4.64
N GLY A 28 -4.32 4.05 -5.88
CA GLY A 28 -3.68 5.09 -6.70
C GLY A 28 -4.69 5.84 -7.55
N GLY A 29 -5.21 6.94 -7.01
CA GLY A 29 -6.18 7.73 -7.74
C GLY A 29 -6.56 9.01 -7.00
N PHE A 30 -6.59 8.93 -5.68
CA PHE A 30 -6.94 10.08 -4.86
C PHE A 30 -6.36 9.95 -3.45
N SER A 31 -6.44 8.74 -2.90
CA SER A 31 -5.92 8.48 -1.56
C SER A 31 -4.42 8.26 -1.59
N LEU A 32 -3.95 7.57 -2.64
CA LEU A 32 -2.53 7.29 -2.79
C LEU A 32 -1.95 6.66 -1.53
N LYS A 33 -2.02 5.33 -1.46
CA LYS A 33 -1.51 4.60 -0.31
C LYS A 33 -1.38 3.11 -0.63
N ASN A 34 -0.63 2.40 0.21
CA ASN A 34 -0.42 0.96 0.01
C ASN A 34 0.26 0.34 1.23
N ASP A 35 -0.22 -0.82 1.64
CA ASP A 35 0.34 -1.52 2.78
C ASP A 35 1.19 -2.71 2.34
N CYS A 36 2.45 -2.73 2.79
CA CYS A 36 3.36 -3.80 2.44
C CYS A 36 2.73 -5.17 2.71
N TRP A 37 3.40 -6.22 2.27
CA TRP A 37 2.92 -7.59 2.47
C TRP A 37 3.93 -8.42 3.24
N CYS A 38 3.74 -9.73 3.23
CA CYS A 38 4.64 -10.64 3.93
C CYS A 38 6.10 -10.24 3.70
N CYS A 39 6.96 -10.63 4.64
CA CYS A 39 8.38 -10.32 4.55
C CYS A 39 9.23 -11.58 4.72
N LEU A 40 10.51 -11.39 5.00
CA LEU A 40 11.43 -12.51 5.19
C LEU A 40 10.80 -13.57 6.09
N ARG A 41 10.25 -13.13 7.21
CA ARG A 41 9.63 -14.05 8.16
C ARG A 41 9.04 -13.29 9.35
N LEU A 42 7.74 -13.47 9.58
CA LEU A 42 7.07 -12.79 10.68
C LEU A 42 5.96 -13.67 11.25
N LYS A 43 5.76 -13.59 12.57
CA LYS A 43 4.73 -14.38 13.23
C LYS A 43 3.50 -13.52 13.53
N THR A 44 3.71 -12.22 13.64
CA THR A 44 2.62 -11.29 13.93
C THR A 44 2.42 -10.31 12.78
N LYS A 45 3.52 -9.77 12.26
CA LYS A 45 3.46 -8.83 11.15
C LYS A 45 4.86 -8.32 10.80
N GLN A 46 5.72 -8.23 11.80
CA GLN A 46 7.09 -7.76 11.59
C GLN A 46 8.09 -8.66 12.31
N ALA A 47 9.31 -8.71 11.79
CA ALA A 47 10.36 -9.54 12.38
C ALA A 47 11.66 -9.42 11.61
N ARG A 48 11.72 -10.08 10.45
CA ARG A 48 12.90 -10.05 9.61
C ARG A 48 12.57 -9.52 8.23
N CYS A 49 13.30 -8.49 7.80
CA CYS A 49 13.09 -7.88 6.50
C CYS A 49 14.35 -7.18 6.00
N TRP A 50 14.27 -6.57 4.83
CA TRP A 50 15.42 -5.88 4.24
C TRP A 50 15.12 -4.39 4.13
N LYS A 51 16.08 -3.57 4.54
CA LYS A 51 15.94 -2.12 4.48
C LYS A 51 16.04 -1.62 3.04
N GLU A 52 15.17 -0.70 2.67
CA GLU A 52 15.16 -0.14 1.32
C GLU A 52 16.45 0.61 1.03
N LYS A 53 17.19 0.91 2.09
CA LYS A 53 18.46 1.63 1.96
C LYS A 53 19.55 0.71 1.40
N GLU A 54 19.56 -0.53 1.86
CA GLU A 54 20.55 -1.50 1.42
C GLU A 54 20.00 -2.36 0.28
N PHE A 55 18.74 -2.78 0.42
CA PHE A 55 18.09 -3.60 -0.59
C PHE A 55 16.92 -2.87 -1.24
N PRO A 56 17.06 -2.55 -2.53
CA PRO A 56 16.02 -1.84 -3.29
C PRO A 56 14.79 -2.70 -3.52
N ASN A 57 14.94 -4.01 -3.34
CA ASN A 57 13.83 -4.94 -3.54
C ASN A 57 12.66 -4.59 -2.63
N ALA A 58 12.97 -4.14 -1.42
CA ALA A 58 11.93 -3.77 -0.46
C ALA A 58 10.99 -2.72 -1.05
N LYS A 59 11.56 -1.68 -1.66
CA LYS A 59 10.78 -0.61 -2.26
C LYS A 59 10.00 -1.13 -3.46
N GLU A 60 10.68 -1.85 -4.34
CA GLU A 60 10.05 -2.40 -5.54
C GLU A 60 8.89 -3.32 -5.17
N LEU A 61 9.07 -4.10 -4.10
CA LEU A 61 8.05 -5.02 -3.65
C LEU A 61 6.88 -4.26 -3.00
N CYS A 62 7.21 -3.30 -2.15
CA CYS A 62 6.19 -2.51 -1.47
C CYS A 62 5.40 -1.68 -2.47
N PHE A 63 6.09 -1.11 -3.45
CA PHE A 63 5.45 -0.29 -4.47
C PHE A 63 4.61 -1.15 -5.41
N ALA A 64 5.16 -2.30 -5.80
CA ALA A 64 4.47 -3.21 -6.70
C ALA A 64 3.32 -3.92 -5.98
N ASN A 65 3.44 -4.05 -4.67
CA ASN A 65 2.41 -4.71 -3.87
C ASN A 65 1.03 -4.10 -4.16
N CYS A 66 0.15 -4.92 -4.72
CA CYS A 66 -1.20 -4.48 -5.04
C CYS A 66 -2.15 -5.67 -5.21
N PRO A 67 -3.43 -5.45 -4.91
CA PRO A 67 -4.46 -6.49 -5.02
C PRO A 67 -4.76 -6.86 -6.47
N PRO A 68 -5.53 -7.95 -6.66
CA PRO A 68 -5.90 -8.42 -7.99
C PRO A 68 -6.88 -7.48 -8.69
N LEU A 69 -7.20 -7.79 -9.94
CA LEU A 69 -8.12 -6.98 -10.72
C LEU A 69 -9.54 -7.56 -10.68
N GLU A 70 -10.20 -7.40 -9.53
CA GLU A 70 -11.55 -7.91 -9.36
C GLU A 70 -12.59 -6.88 -9.83
N GLY A 1 -25.62 27.48 8.72
CA GLY A 1 -25.96 26.10 9.01
C GLY A 1 -25.05 25.50 10.06
N PRO A 2 -25.29 24.23 10.41
CA PRO A 2 -24.49 23.51 11.41
C PRO A 2 -23.08 23.22 10.92
N GLU A 3 -22.34 22.42 11.69
CA GLU A 3 -20.98 22.06 11.34
C GLU A 3 -20.95 20.83 10.42
N LYS A 4 -20.95 21.10 9.11
CA LYS A 4 -20.92 20.03 8.13
C LYS A 4 -19.63 20.07 7.30
N MET A 5 -19.30 18.94 6.68
CA MET A 5 -18.10 18.86 5.86
C MET A 5 -18.40 18.21 4.51
N GLU A 6 -17.39 18.15 3.66
CA GLU A 6 -17.55 17.54 2.33
C GLU A 6 -16.20 17.42 1.62
N VAL A 7 -15.88 16.21 1.18
CA VAL A 7 -14.63 15.96 0.48
C VAL A 7 -14.85 15.79 -1.01
N LYS A 8 -13.93 16.32 -1.81
CA LYS A 8 -14.02 16.22 -3.26
C LYS A 8 -12.70 16.62 -3.92
N GLU A 9 -11.92 15.62 -4.30
CA GLU A 9 -10.63 15.87 -4.95
C GLU A 9 -10.59 15.26 -6.35
N ILE A 10 -9.41 15.23 -6.94
CA ILE A 10 -9.23 14.68 -8.28
C ILE A 10 -8.72 13.24 -8.22
N GLY A 11 -9.51 12.36 -7.61
CA GLY A 11 -9.10 10.97 -7.49
C GLY A 11 -9.22 10.22 -8.81
N ARG A 12 -8.12 10.12 -9.53
CA ARG A 12 -8.10 9.43 -10.81
C ARG A 12 -6.84 8.59 -10.97
N SER A 13 -6.50 7.85 -9.91
CA SER A 13 -5.31 7.00 -9.94
C SER A 13 -5.65 5.57 -9.53
N SER A 14 -6.94 5.32 -9.34
CA SER A 14 -7.41 3.99 -8.95
C SER A 14 -6.63 3.47 -7.75
N LYS A 15 -6.19 4.38 -6.89
CA LYS A 15 -5.44 4.02 -5.70
C LYS A 15 -6.31 3.27 -4.71
N ILE A 16 -5.72 2.31 -4.01
CA ILE A 16 -6.45 1.52 -3.02
C ILE A 16 -5.50 0.67 -2.18
N ILE A 17 -6.02 0.09 -1.11
CA ILE A 17 -5.22 -0.75 -0.22
C ILE A 17 -5.74 -2.18 -0.22
N LEU A 18 -4.93 -3.09 0.32
CA LEU A 18 -5.30 -4.50 0.39
C LEU A 18 -5.24 -5.00 1.84
N PRO A 19 -6.42 -5.23 2.42
CA PRO A 19 -6.53 -5.72 3.80
C PRO A 19 -6.08 -7.17 3.94
N ALA A 20 -5.47 -7.48 5.08
CA ALA A 20 -4.98 -8.83 5.35
C ALA A 20 -4.35 -8.92 6.73
N CYS A 21 -3.15 -8.39 6.86
CA CYS A 21 -2.43 -8.42 8.13
C CYS A 21 -1.64 -7.13 8.34
N MET A 22 -1.00 -6.66 7.28
CA MET A 22 -0.20 -5.44 7.34
C MET A 22 -0.89 -4.31 6.59
N HIS A 23 -0.17 -3.21 6.38
CA HIS A 23 -0.69 -2.06 5.66
C HIS A 23 -0.03 -1.91 4.30
N GLU A 24 -0.79 -2.19 3.25
CA GLU A 24 -0.27 -2.09 1.89
C GLU A 24 -1.13 -1.15 1.05
N THR A 25 -0.61 -0.73 -0.10
CA THR A 25 -1.32 0.17 -0.99
C THR A 25 -0.79 0.07 -2.41
N CYS A 26 -1.57 0.56 -3.37
CA CYS A 26 -1.18 0.53 -4.77
C CYS A 26 -1.89 1.62 -5.56
N SER A 27 -1.20 2.18 -6.54
CA SER A 27 -1.77 3.24 -7.38
C SER A 27 -0.91 3.48 -8.61
N GLY A 28 -1.53 3.43 -9.78
CA GLY A 28 -0.81 3.65 -11.02
C GLY A 28 -1.63 4.42 -12.04
N GLY A 29 -1.52 5.75 -11.99
CA GLY A 29 -2.26 6.59 -12.92
C GLY A 29 -1.94 8.06 -12.75
N PHE A 30 -2.17 8.58 -11.55
CA PHE A 30 -1.91 9.98 -11.27
C PHE A 30 -0.94 10.13 -10.09
N SER A 31 -1.06 9.24 -9.12
CA SER A 31 -0.21 9.27 -7.94
C SER A 31 1.03 8.40 -8.15
N LEU A 32 0.83 7.22 -8.72
CA LEU A 32 1.94 6.30 -8.98
C LEU A 32 2.70 5.99 -7.70
N LYS A 33 2.07 5.21 -6.81
CA LYS A 33 2.69 4.83 -5.55
C LYS A 33 2.17 3.48 -5.08
N ASN A 34 2.73 2.98 -3.98
CA ASN A 34 2.33 1.70 -3.42
C ASN A 34 2.99 1.45 -2.07
N ASP A 35 2.30 0.73 -1.20
CA ASP A 35 2.83 0.43 0.12
C ASP A 35 3.09 -1.07 0.27
N CYS A 36 4.27 -1.42 0.77
CA CYS A 36 4.64 -2.82 0.97
C CYS A 36 3.56 -3.56 1.75
N TRP A 37 3.71 -4.88 1.85
CA TRP A 37 2.76 -5.70 2.57
C TRP A 37 3.41 -6.39 3.76
N CYS A 38 2.71 -7.35 4.35
CA CYS A 38 3.23 -8.08 5.50
C CYS A 38 4.70 -8.46 5.29
N CYS A 39 5.42 -8.63 6.40
CA CYS A 39 6.83 -8.99 6.34
C CYS A 39 7.04 -10.44 6.76
N LEU A 40 8.29 -10.80 7.03
CA LEU A 40 8.63 -12.16 7.44
C LEU A 40 7.89 -12.53 8.72
N ARG A 41 8.24 -11.88 9.82
CA ARG A 41 7.60 -12.14 11.11
C ARG A 41 7.57 -10.88 11.97
N LEU A 42 6.38 -10.49 12.39
CA LEU A 42 6.21 -9.29 13.21
C LEU A 42 5.09 -9.50 14.24
N LYS A 43 5.31 -8.97 15.44
CA LYS A 43 4.32 -9.10 16.51
C LYS A 43 3.52 -7.80 16.65
N THR A 44 4.07 -6.70 16.15
CA THR A 44 3.42 -5.41 16.23
C THR A 44 3.26 -4.79 14.85
N LYS A 45 4.29 -4.93 14.03
CA LYS A 45 4.27 -4.38 12.67
C LYS A 45 5.61 -4.60 11.98
N GLN A 46 6.69 -4.56 12.76
CA GLN A 46 8.03 -4.75 12.21
C GLN A 46 8.85 -5.68 13.11
N ALA A 47 9.85 -6.32 12.51
CA ALA A 47 10.70 -7.24 13.25
C ALA A 47 11.72 -7.91 12.33
N ARG A 48 11.27 -8.87 11.55
CA ARG A 48 12.14 -9.59 10.63
C ARG A 48 11.68 -9.39 9.19
N CYS A 49 12.59 -8.94 8.34
CA CYS A 49 12.28 -8.71 6.93
C CYS A 49 13.54 -8.80 6.07
N TRP A 50 13.37 -8.60 4.76
CA TRP A 50 14.49 -8.66 3.84
C TRP A 50 14.72 -7.30 3.16
N LYS A 51 15.96 -6.84 3.18
CA LYS A 51 16.30 -5.55 2.57
C LYS A 51 16.25 -5.65 1.05
N GLU A 52 15.69 -4.61 0.42
CA GLU A 52 15.57 -4.59 -1.03
C GLU A 52 16.95 -4.59 -1.69
N LYS A 53 17.95 -4.11 -0.95
CA LYS A 53 19.32 -4.05 -1.46
C LYS A 53 19.95 -5.43 -1.47
N GLU A 54 19.66 -6.22 -0.43
CA GLU A 54 20.20 -7.57 -0.32
C GLU A 54 19.25 -8.59 -0.95
N PHE A 55 18.03 -8.16 -1.22
CA PHE A 55 17.02 -9.04 -1.81
C PHE A 55 16.20 -8.29 -2.86
N PRO A 56 16.34 -8.70 -4.13
CA PRO A 56 15.62 -8.09 -5.24
C PRO A 56 14.13 -8.40 -5.20
N ASN A 57 13.76 -9.48 -4.54
CA ASN A 57 12.36 -9.88 -4.43
C ASN A 57 11.58 -8.87 -3.62
N ALA A 58 12.26 -8.15 -2.73
CA ALA A 58 11.62 -7.15 -1.90
C ALA A 58 11.00 -6.04 -2.75
N LYS A 59 11.78 -5.50 -3.68
CA LYS A 59 11.30 -4.44 -4.55
C LYS A 59 10.28 -4.98 -5.56
N GLU A 60 10.50 -6.20 -6.01
CA GLU A 60 9.60 -6.83 -6.98
C GLU A 60 8.24 -7.11 -6.34
N LEU A 61 8.27 -7.63 -5.12
CA LEU A 61 7.03 -7.95 -4.41
C LEU A 61 6.31 -6.68 -3.97
N CYS A 62 7.08 -5.69 -3.55
CA CYS A 62 6.53 -4.41 -3.10
C CYS A 62 5.85 -3.68 -4.27
N PHE A 63 6.50 -3.69 -5.42
CA PHE A 63 5.97 -3.02 -6.60
C PHE A 63 4.80 -3.81 -7.19
N ALA A 64 4.91 -5.14 -7.13
CA ALA A 64 3.85 -6.01 -7.65
C ALA A 64 2.64 -6.01 -6.74
N ASN A 65 2.89 -5.84 -5.44
CA ASN A 65 1.80 -5.83 -4.45
C ASN A 65 0.70 -4.87 -4.87
N CYS A 66 -0.53 -5.34 -4.85
CA CYS A 66 -1.68 -4.52 -5.22
C CYS A 66 -2.98 -5.13 -4.71
N PRO A 67 -3.99 -4.28 -4.48
CA PRO A 67 -5.30 -4.72 -3.99
C PRO A 67 -6.08 -5.50 -5.04
N PRO A 68 -7.19 -6.11 -4.61
CA PRO A 68 -8.05 -6.91 -5.50
C PRO A 68 -8.79 -6.05 -6.51
N LEU A 69 -8.89 -6.55 -7.74
CA LEU A 69 -9.58 -5.83 -8.80
C LEU A 69 -10.90 -6.50 -9.16
N GLU A 70 -11.63 -6.93 -8.13
CA GLU A 70 -12.92 -7.59 -8.33
C GLU A 70 -12.77 -8.80 -9.24
N GLY A 1 -21.04 25.02 13.46
CA GLY A 1 -20.53 23.78 12.90
C GLY A 1 -20.40 23.84 11.39
N PRO A 2 -19.42 24.60 10.90
CA PRO A 2 -19.18 24.74 9.45
C PRO A 2 -18.65 23.47 8.82
N GLU A 3 -18.45 23.50 7.50
CA GLU A 3 -17.95 22.34 6.77
C GLU A 3 -16.67 21.81 7.42
N LYS A 4 -16.78 20.68 8.11
CA LYS A 4 -15.64 20.07 8.77
C LYS A 4 -15.34 18.70 8.17
N MET A 5 -15.27 18.64 6.84
CA MET A 5 -14.99 17.38 6.15
C MET A 5 -14.14 17.64 4.92
N GLU A 6 -13.79 16.56 4.20
CA GLU A 6 -12.99 16.66 3.00
C GLU A 6 -13.53 15.76 1.90
N VAL A 7 -13.54 16.27 0.68
CA VAL A 7 -14.03 15.51 -0.47
C VAL A 7 -13.71 16.21 -1.78
N LYS A 8 -13.33 15.43 -2.79
CA LYS A 8 -12.99 15.98 -4.10
C LYS A 8 -13.86 15.36 -5.19
N GLU A 9 -13.50 15.63 -6.43
CA GLU A 9 -14.25 15.08 -7.57
C GLU A 9 -13.30 14.51 -8.62
N ILE A 10 -12.07 14.23 -8.22
CA ILE A 10 -11.07 13.68 -9.12
C ILE A 10 -11.00 12.17 -9.02
N GLY A 11 -12.12 11.51 -9.29
CA GLY A 11 -12.17 10.06 -9.23
C GLY A 11 -12.18 9.42 -10.59
N ARG A 12 -11.06 9.51 -11.30
CA ARG A 12 -10.94 8.93 -12.64
C ARG A 12 -9.85 7.87 -12.68
N SER A 13 -9.83 7.00 -11.67
CA SER A 13 -8.83 5.95 -11.58
C SER A 13 -9.36 4.75 -10.80
N SER A 14 -8.48 3.80 -10.52
CA SER A 14 -8.87 2.60 -9.78
C SER A 14 -7.99 2.42 -8.54
N LYS A 15 -7.57 3.53 -7.95
CA LYS A 15 -6.72 3.51 -6.77
C LYS A 15 -7.49 2.96 -5.57
N ILE A 16 -6.78 2.22 -4.71
CA ILE A 16 -7.39 1.64 -3.53
C ILE A 16 -6.34 1.07 -2.59
N ILE A 17 -6.76 0.70 -1.38
CA ILE A 17 -5.85 0.15 -0.39
C ILE A 17 -6.21 -1.29 -0.06
N LEU A 18 -5.29 -2.00 0.59
CA LEU A 18 -5.51 -3.39 0.97
C LEU A 18 -5.19 -3.61 2.44
N PRO A 19 -6.25 -3.80 3.25
CA PRO A 19 -6.11 -4.02 4.69
C PRO A 19 -5.49 -5.39 5.01
N ALA A 20 -4.81 -5.47 6.14
CA ALA A 20 -4.17 -6.72 6.55
C ALA A 20 -3.44 -6.56 7.89
N CYS A 21 -2.27 -5.93 7.83
CA CYS A 21 -1.48 -5.70 9.03
C CYS A 21 -0.62 -4.45 8.89
N MET A 22 -1.00 -3.58 7.95
CA MET A 22 -0.27 -2.34 7.71
C MET A 22 -1.05 -1.43 6.78
N HIS A 23 -0.38 -0.38 6.30
CA HIS A 23 -1.03 0.57 5.39
C HIS A 23 -0.40 0.49 3.99
N GLU A 24 -1.18 0.00 3.04
CA GLU A 24 -0.70 -0.13 1.67
C GLU A 24 -1.70 0.49 0.69
N THR A 25 -1.25 0.69 -0.56
CA THR A 25 -2.10 1.28 -1.59
C THR A 25 -1.59 0.93 -2.98
N CYS A 26 -2.46 1.06 -3.98
CA CYS A 26 -2.10 0.75 -5.35
C CYS A 26 -3.00 1.50 -6.33
N SER A 27 -2.42 1.93 -7.45
CA SER A 27 -3.17 2.67 -8.47
C SER A 27 -2.37 2.76 -9.77
N GLY A 28 -2.96 2.24 -10.84
CA GLY A 28 -2.29 2.28 -12.13
C GLY A 28 -3.25 2.59 -13.26
N GLY A 29 -3.47 3.88 -13.52
CA GLY A 29 -4.37 4.29 -14.59
C GLY A 29 -4.39 5.79 -14.78
N PHE A 30 -4.25 6.53 -13.69
CA PHE A 30 -4.25 7.99 -13.75
C PHE A 30 -3.47 8.58 -12.59
N SER A 31 -3.65 8.01 -11.40
CA SER A 31 -2.96 8.48 -10.20
C SER A 31 -1.52 7.96 -10.17
N LEU A 32 -1.33 6.71 -10.59
CA LEU A 32 -0.01 6.10 -10.60
C LEU A 32 0.66 6.23 -9.24
N LYS A 33 0.42 5.27 -8.36
CA LYS A 33 1.02 5.28 -7.03
C LYS A 33 0.66 4.01 -6.27
N ASN A 34 1.40 3.75 -5.19
CA ASN A 34 1.16 2.56 -4.37
C ASN A 34 1.97 2.62 -3.08
N ASP A 35 1.33 2.25 -1.98
CA ASP A 35 1.97 2.27 -0.67
C ASP A 35 2.48 0.87 -0.30
N CYS A 36 3.72 0.81 0.18
CA CYS A 36 4.32 -0.46 0.57
C CYS A 36 3.35 -1.29 1.42
N TRP A 37 3.62 -2.59 1.53
CA TRP A 37 2.77 -3.47 2.30
C TRP A 37 3.47 -3.92 3.58
N CYS A 38 2.83 -4.81 4.33
CA CYS A 38 3.40 -5.31 5.58
C CYS A 38 4.83 -5.80 5.36
N CYS A 39 5.79 -4.99 5.80
CA CYS A 39 7.20 -5.34 5.66
C CYS A 39 7.65 -6.24 6.81
N LEU A 40 6.76 -6.47 7.76
CA LEU A 40 7.07 -7.30 8.91
C LEU A 40 5.94 -8.29 9.18
N ARG A 41 6.13 -9.54 8.77
CA ARG A 41 5.12 -10.57 8.97
C ARG A 41 5.12 -11.05 10.42
N LEU A 42 4.74 -10.16 11.33
CA LEU A 42 4.68 -10.48 12.75
C LEU A 42 3.66 -11.59 13.03
N LYS A 43 3.71 -12.16 14.22
CA LYS A 43 2.79 -13.22 14.60
C LYS A 43 2.41 -13.09 16.08
N THR A 44 2.72 -11.96 16.68
CA THR A 44 2.41 -11.71 18.08
C THR A 44 2.85 -10.31 18.50
N LYS A 45 4.02 -9.90 18.05
CA LYS A 45 4.56 -8.59 18.38
C LYS A 45 5.87 -8.33 17.63
N GLN A 46 6.64 -9.38 17.42
CA GLN A 46 7.92 -9.26 16.72
C GLN A 46 7.71 -8.67 15.33
N ALA A 47 8.79 -8.62 14.55
CA ALA A 47 8.73 -8.08 13.19
C ALA A 47 10.06 -8.25 12.48
N ARG A 48 10.02 -8.91 11.32
CA ARG A 48 11.22 -9.14 10.53
C ARG A 48 11.09 -8.53 9.14
N CYS A 49 12.00 -7.63 8.80
CA CYS A 49 11.98 -6.98 7.49
C CYS A 49 13.36 -7.05 6.83
N TRP A 50 13.37 -6.91 5.51
CA TRP A 50 14.63 -6.95 4.75
C TRP A 50 14.92 -5.61 4.11
N LYS A 51 16.18 -5.19 4.18
CA LYS A 51 16.60 -3.91 3.60
C LYS A 51 16.59 -3.99 2.08
N GLU A 52 15.82 -3.09 1.47
CA GLU A 52 15.74 -3.05 0.00
C GLU A 52 17.10 -2.77 -0.62
N LYS A 53 18.03 -2.28 0.20
CA LYS A 53 19.38 -1.97 -0.26
C LYS A 53 20.19 -3.24 -0.47
N GLU A 54 20.00 -4.21 0.42
CA GLU A 54 20.72 -5.48 0.34
C GLU A 54 19.81 -6.59 -0.19
N PHE A 55 18.51 -6.29 -0.28
CA PHE A 55 17.55 -7.26 -0.77
C PHE A 55 16.72 -6.66 -1.90
N PRO A 56 16.91 -7.18 -3.12
CA PRO A 56 16.18 -6.73 -4.31
C PRO A 56 14.71 -7.11 -4.27
N ASN A 57 14.39 -8.16 -3.51
CA ASN A 57 13.02 -8.64 -3.39
C ASN A 57 12.14 -7.59 -2.72
N ALA A 58 12.75 -6.75 -1.89
CA ALA A 58 12.04 -5.71 -1.18
C ALA A 58 11.38 -4.73 -2.15
N LYS A 59 12.16 -4.25 -3.11
CA LYS A 59 11.66 -3.30 -4.10
C LYS A 59 10.69 -3.98 -5.06
N GLU A 60 10.99 -5.24 -5.39
CA GLU A 60 10.14 -6.00 -6.30
C GLU A 60 8.75 -6.20 -5.71
N LEU A 61 8.70 -6.59 -4.44
CA LEU A 61 7.44 -6.82 -3.76
C LEU A 61 6.72 -5.50 -3.49
N CYS A 62 7.45 -4.52 -2.96
CA CYS A 62 6.89 -3.22 -2.66
C CYS A 62 6.24 -2.60 -3.90
N PHE A 63 6.90 -2.77 -5.04
CA PHE A 63 6.39 -2.23 -6.30
C PHE A 63 5.21 -3.05 -6.80
N ALA A 64 5.33 -4.37 -6.71
CA ALA A 64 4.27 -5.27 -7.15
C ALA A 64 3.07 -5.22 -6.21
N ASN A 65 3.26 -4.59 -5.05
CA ASN A 65 2.19 -4.47 -4.07
C ASN A 65 0.90 -4.00 -4.73
N CYS A 66 -0.21 -4.65 -4.37
CA CYS A 66 -1.51 -4.30 -4.92
C CYS A 66 -2.63 -5.05 -4.21
N PRO A 67 -3.86 -4.55 -4.34
CA PRO A 67 -5.04 -5.15 -3.71
C PRO A 67 -5.41 -6.48 -4.35
N PRO A 68 -6.32 -7.22 -3.70
CA PRO A 68 -6.79 -8.52 -4.19
C PRO A 68 -7.65 -8.39 -5.44
N LEU A 69 -7.71 -9.46 -6.22
CA LEU A 69 -8.51 -9.47 -7.45
C LEU A 69 -9.65 -10.48 -7.35
N GLU A 70 -10.10 -10.75 -6.13
CA GLU A 70 -11.19 -11.68 -5.89
C GLU A 70 -12.53 -11.03 -6.17
N GLY A 1 -21.43 28.26 11.82
CA GLY A 1 -21.02 26.94 11.36
C GLY A 1 -22.05 25.87 11.66
N PRO A 2 -23.17 25.90 10.92
CA PRO A 2 -24.26 24.93 11.10
C PRO A 2 -23.87 23.54 10.64
N GLU A 3 -24.84 22.62 10.69
CA GLU A 3 -24.59 21.24 10.27
C GLU A 3 -24.15 21.19 8.81
N LYS A 4 -22.85 20.99 8.60
CA LYS A 4 -22.31 20.91 7.25
C LYS A 4 -21.10 19.96 7.21
N MET A 5 -20.77 19.50 6.00
CA MET A 5 -19.65 18.59 5.83
C MET A 5 -19.28 18.44 4.35
N GLU A 6 -18.00 18.43 4.06
CA GLU A 6 -17.53 18.30 2.68
C GLU A 6 -16.03 17.99 2.64
N VAL A 7 -15.66 17.01 1.82
CA VAL A 7 -14.26 16.60 1.69
C VAL A 7 -13.98 16.05 0.30
N LYS A 8 -12.86 16.47 -0.29
CA LYS A 8 -12.47 16.02 -1.61
C LYS A 8 -11.01 16.33 -1.88
N GLU A 9 -10.37 15.48 -2.68
CA GLU A 9 -8.95 15.65 -3.01
C GLU A 9 -8.67 15.18 -4.43
N ILE A 10 -7.41 15.24 -4.82
CA ILE A 10 -6.99 14.82 -6.16
C ILE A 10 -6.88 13.30 -6.25
N GLY A 11 -7.97 12.61 -5.95
CA GLY A 11 -7.97 11.16 -6.01
C GLY A 11 -8.92 10.62 -7.06
N ARG A 12 -8.63 10.92 -8.31
CA ARG A 12 -9.47 10.46 -9.42
C ARG A 12 -8.82 9.30 -10.15
N SER A 13 -8.48 8.25 -9.41
CA SER A 13 -7.85 7.07 -9.99
C SER A 13 -8.49 5.79 -9.45
N SER A 14 -7.92 4.65 -9.84
CA SER A 14 -8.43 3.36 -9.41
C SER A 14 -7.61 2.80 -8.25
N LYS A 15 -7.12 3.69 -7.40
CA LYS A 15 -6.31 3.30 -6.26
C LYS A 15 -7.15 2.53 -5.24
N ILE A 16 -6.53 1.55 -4.59
CA ILE A 16 -7.23 0.74 -3.59
C ILE A 16 -6.24 -0.13 -2.81
N ILE A 17 -6.73 -0.79 -1.78
CA ILE A 17 -5.90 -1.65 -0.95
C ILE A 17 -6.19 -3.12 -1.22
N LEU A 18 -5.31 -4.00 -0.75
CA LEU A 18 -5.47 -5.43 -0.95
C LEU A 18 -5.09 -6.19 0.31
N PRO A 19 -6.11 -6.77 0.99
CA PRO A 19 -5.91 -7.54 2.21
C PRO A 19 -5.21 -8.87 1.96
N ALA A 20 -3.90 -8.89 2.19
CA ALA A 20 -3.11 -10.10 1.97
C ALA A 20 -2.14 -10.33 3.13
N CYS A 21 -1.24 -9.37 3.34
CA CYS A 21 -0.26 -9.46 4.41
C CYS A 21 -0.67 -8.60 5.60
N MET A 22 -1.07 -7.37 5.32
CA MET A 22 -1.50 -6.45 6.37
C MET A 22 -2.00 -5.14 5.77
N HIS A 23 -1.07 -4.19 5.58
CA HIS A 23 -1.42 -2.90 5.01
C HIS A 23 -0.68 -2.66 3.70
N GLU A 24 -1.45 -2.56 2.61
CA GLU A 24 -0.86 -2.33 1.29
C GLU A 24 -1.81 -1.55 0.40
N THR A 25 -1.28 -0.96 -0.66
CA THR A 25 -2.08 -0.18 -1.60
C THR A 25 -1.47 -0.22 -3.01
N CYS A 26 -2.29 0.14 -3.99
CA CYS A 26 -1.84 0.15 -5.39
C CYS A 26 -2.68 1.11 -6.22
N SER A 27 -2.05 1.75 -7.19
CA SER A 27 -2.74 2.69 -8.06
C SER A 27 -1.90 3.02 -9.29
N GLY A 28 -2.49 2.87 -10.46
CA GLY A 28 -1.78 3.15 -11.70
C GLY A 28 -2.70 3.65 -12.80
N GLY A 29 -3.30 4.82 -12.58
CA GLY A 29 -4.19 5.40 -13.56
C GLY A 29 -4.21 6.91 -13.54
N PHE A 30 -4.17 7.48 -12.34
CA PHE A 30 -4.17 8.93 -12.19
C PHE A 30 -3.42 9.34 -10.93
N SER A 31 -2.59 8.43 -10.41
CA SER A 31 -1.82 8.70 -9.20
C SER A 31 -0.46 8.01 -9.27
N LEU A 32 -0.45 6.77 -9.76
CA LEU A 32 0.78 6.00 -9.87
C LEU A 32 1.47 5.88 -8.52
N LYS A 33 0.83 5.17 -7.59
CA LYS A 33 1.39 4.97 -6.26
C LYS A 33 0.99 3.60 -5.70
N ASN A 34 1.53 3.28 -4.53
CA ASN A 34 1.22 2.00 -3.89
C ASN A 34 1.82 1.94 -2.49
N ASP A 35 1.33 1.01 -1.68
CA ASP A 35 1.80 0.85 -0.31
C ASP A 35 2.41 -0.53 -0.11
N CYS A 36 3.67 -0.58 0.32
CA CYS A 36 4.35 -1.84 0.55
C CYS A 36 3.56 -2.73 1.49
N TRP A 37 4.07 -3.93 1.74
CA TRP A 37 3.40 -4.88 2.62
C TRP A 37 4.13 -4.97 3.97
N CYS A 38 3.64 -5.86 4.83
CA CYS A 38 4.23 -6.04 6.15
C CYS A 38 5.44 -6.99 6.08
N CYS A 39 6.39 -6.79 6.99
CA CYS A 39 7.58 -7.62 7.03
C CYS A 39 7.23 -9.07 7.38
N LEU A 40 8.26 -9.90 7.53
CA LEU A 40 8.06 -11.30 7.87
C LEU A 40 7.10 -11.46 9.04
N ARG A 41 7.51 -10.95 10.21
CA ARG A 41 6.70 -11.03 11.41
C ARG A 41 7.12 -9.98 12.43
N LEU A 42 6.15 -9.27 12.99
CA LEU A 42 6.43 -8.24 13.98
C LEU A 42 5.31 -8.17 15.02
N LYS A 43 5.70 -7.94 16.27
CA LYS A 43 4.73 -7.85 17.36
C LYS A 43 4.44 -6.39 17.72
N THR A 44 5.40 -5.51 17.42
CA THR A 44 5.24 -4.09 17.70
C THR A 44 5.31 -3.26 16.42
N LYS A 45 6.24 -3.61 15.54
CA LYS A 45 6.40 -2.91 14.27
C LYS A 45 7.58 -3.48 13.49
N GLN A 46 8.61 -3.93 14.19
CA GLN A 46 9.78 -4.49 13.56
C GLN A 46 10.21 -5.78 14.25
N ALA A 47 10.91 -6.64 13.51
CA ALA A 47 11.38 -7.91 14.06
C ALA A 47 12.16 -8.70 13.01
N ARG A 48 11.42 -9.33 12.08
CA ARG A 48 12.05 -10.12 11.03
C ARG A 48 11.66 -9.59 9.66
N CYS A 49 12.66 -9.19 8.87
CA CYS A 49 12.43 -8.66 7.54
C CYS A 49 13.66 -8.84 6.67
N TRP A 50 13.50 -8.59 5.37
CA TRP A 50 14.60 -8.72 4.41
C TRP A 50 14.86 -7.41 3.70
N LYS A 51 16.11 -6.95 3.73
CA LYS A 51 16.49 -5.71 3.08
C LYS A 51 16.50 -5.86 1.56
N GLU A 52 15.94 -4.88 0.86
CA GLU A 52 15.88 -4.90 -0.60
C GLU A 52 17.28 -4.89 -1.20
N LYS A 53 18.25 -4.42 -0.42
CA LYS A 53 19.64 -4.36 -0.88
C LYS A 53 20.27 -5.74 -0.89
N GLU A 54 19.96 -6.55 0.13
CA GLU A 54 20.49 -7.89 0.25
C GLU A 54 19.52 -8.92 -0.33
N PHE A 55 18.30 -8.47 -0.64
CA PHE A 55 17.28 -9.34 -1.20
C PHE A 55 16.52 -8.65 -2.32
N PRO A 56 16.69 -9.14 -3.55
CA PRO A 56 16.02 -8.57 -4.73
C PRO A 56 14.52 -8.84 -4.73
N ASN A 57 14.12 -9.93 -4.09
CA ASN A 57 12.71 -10.29 -4.01
C ASN A 57 11.90 -9.20 -3.31
N ALA A 58 12.53 -8.53 -2.36
CA ALA A 58 11.88 -7.46 -1.62
C ALA A 58 11.35 -6.38 -2.55
N LYS A 59 12.21 -5.91 -3.45
CA LYS A 59 11.85 -4.88 -4.41
C LYS A 59 10.83 -5.41 -5.41
N GLU A 60 11.01 -6.66 -5.84
CA GLU A 60 10.11 -7.28 -6.79
C GLU A 60 8.70 -7.41 -6.21
N LEU A 61 8.63 -7.90 -4.98
CA LEU A 61 7.34 -8.09 -4.31
C LEU A 61 6.67 -6.74 -4.04
N CYS A 62 7.43 -5.81 -3.50
CA CYS A 62 6.91 -4.48 -3.20
C CYS A 62 6.36 -3.81 -4.45
N PHE A 63 7.12 -3.90 -5.55
CA PHE A 63 6.71 -3.31 -6.81
C PHE A 63 5.60 -4.13 -7.46
N ALA A 64 5.55 -5.42 -7.15
CA ALA A 64 4.54 -6.30 -7.70
C ALA A 64 3.23 -6.21 -6.91
N ASN A 65 3.33 -5.67 -5.70
CA ASN A 65 2.16 -5.52 -4.83
C ASN A 65 1.01 -4.85 -5.59
N CYS A 66 -0.18 -5.43 -5.49
CA CYS A 66 -1.36 -4.90 -6.15
C CYS A 66 -2.58 -5.77 -5.88
N PRO A 67 -3.77 -5.15 -5.97
CA PRO A 67 -5.04 -5.86 -5.73
C PRO A 67 -5.37 -6.86 -6.82
N PRO A 68 -6.35 -7.73 -6.56
CA PRO A 68 -6.78 -8.75 -7.52
C PRO A 68 -7.50 -8.15 -8.73
N LEU A 69 -8.03 -9.02 -9.58
CA LEU A 69 -8.74 -8.58 -10.78
C LEU A 69 -10.21 -8.28 -10.46
N GLU A 70 -10.43 -7.23 -9.68
CA GLU A 70 -11.79 -6.83 -9.32
C GLU A 70 -12.16 -5.49 -9.94
#